data_2VPV
# 
_entry.id   2VPV 
# 
_audit_conform.dict_name       mmcif_pdbx.dic 
_audit_conform.dict_version    5.398 
_audit_conform.dict_location   http://mmcif.pdb.org/dictionaries/ascii/mmcif_pdbx.dic 
# 
loop_
_database_2.database_id 
_database_2.database_code 
_database_2.pdbx_database_accession 
_database_2.pdbx_DOI 
PDB   2VPV         pdb_00002vpv 10.2210/pdb2vpv/pdb 
PDBE  EBI-35562    ?            ?                   
WWPDB D_1290035562 ?            ?                   
# 
loop_
_pdbx_audit_revision_history.ordinal 
_pdbx_audit_revision_history.data_content_type 
_pdbx_audit_revision_history.major_revision 
_pdbx_audit_revision_history.minor_revision 
_pdbx_audit_revision_history.revision_date 
1 'Structure model' 1 0 2008-08-26 
2 'Structure model' 1 1 2011-06-02 
3 'Structure model' 1 2 2011-07-13 
4 'Structure model' 1 3 2019-05-08 
5 'Structure model' 1 4 2024-11-06 
# 
_pdbx_audit_revision_details.ordinal             1 
_pdbx_audit_revision_details.revision_ordinal    1 
_pdbx_audit_revision_details.data_content_type   'Structure model' 
_pdbx_audit_revision_details.provider            repository 
_pdbx_audit_revision_details.type                'Initial release' 
_pdbx_audit_revision_details.description         ? 
_pdbx_audit_revision_details.details             ? 
# 
loop_
_pdbx_audit_revision_group.ordinal 
_pdbx_audit_revision_group.revision_ordinal 
_pdbx_audit_revision_group.data_content_type 
_pdbx_audit_revision_group.group 
1  2 'Structure model' 'Version format compliance' 
2  3 'Structure model' 'Version format compliance' 
3  4 'Structure model' Advisory                    
4  4 'Structure model' 'Data collection'           
5  4 'Structure model' 'Derived calculations'      
6  4 'Structure model' 'Experimental preparation'  
7  4 'Structure model' Other                       
8  5 'Structure model' Advisory                    
9  5 'Structure model' 'Data collection'           
10 5 'Structure model' 'Database references'       
11 5 'Structure model' Other                       
12 5 'Structure model' 'Structure summary'         
# 
loop_
_pdbx_audit_revision_category.ordinal 
_pdbx_audit_revision_category.revision_ordinal 
_pdbx_audit_revision_category.data_content_type 
_pdbx_audit_revision_category.category 
1  4 'Structure model' database_PDB_rev                
2  4 'Structure model' database_PDB_rev_record         
3  4 'Structure model' exptl_crystal_grow              
4  4 'Structure model' pdbx_database_proc              
5  4 'Structure model' pdbx_database_status            
6  4 'Structure model' pdbx_struct_special_symmetry    
7  4 'Structure model' pdbx_unobs_or_zero_occ_residues 
8  5 'Structure model' chem_comp_atom                  
9  5 'Structure model' chem_comp_bond                  
10 5 'Structure model' database_2                      
11 5 'Structure model' pdbx_database_status            
12 5 'Structure model' pdbx_entry_details              
13 5 'Structure model' pdbx_modification_feature       
14 5 'Structure model' pdbx_unobs_or_zero_occ_residues 
# 
loop_
_pdbx_audit_revision_item.ordinal 
_pdbx_audit_revision_item.revision_ordinal 
_pdbx_audit_revision_item.data_content_type 
_pdbx_audit_revision_item.item 
1 4 'Structure model' '_exptl_crystal_grow.method'                  
2 4 'Structure model' '_pdbx_database_status.recvd_author_approval' 
3 5 'Structure model' '_database_2.pdbx_DOI'                        
4 5 'Structure model' '_database_2.pdbx_database_accession'         
5 5 'Structure model' '_pdbx_database_status.status_code_sf'        
# 
_pdbx_database_status.status_code                     REL 
_pdbx_database_status.entry_id                        2VPV 
_pdbx_database_status.deposit_site                    PDBE 
_pdbx_database_status.process_site                    PDBE 
_pdbx_database_status.SG_entry                        . 
_pdbx_database_status.recvd_initial_deposition_date   2008-03-05 
_pdbx_database_status.pdb_format_compatible           Y 
_pdbx_database_status.status_code_sf                  REL 
_pdbx_database_status.status_code_mr                  ? 
_pdbx_database_status.status_code_cs                  ? 
_pdbx_database_status.methods_development_category    ? 
_pdbx_database_status.status_code_nmr_data            ? 
# 
loop_
_audit_author.name 
_audit_author.pdbx_ordinal 
'Cohen, R.L.'    1 
'Espelin, C.W.'  2 
'Sorger, P.K.'   3 
'Harrison, S.C.' 4 
'Simons, K.T.'   5 
# 
_citation.id                        primary 
_citation.title                     'Structural and Functional Dissection of Mif2P, a Conserved DNA-Binding Kinetochore Protein.' 
_citation.journal_abbrev            Mol.Biol.Cell 
_citation.journal_volume            19 
_citation.page_first                4480 
_citation.page_last                 ? 
_citation.year                      2008 
_citation.journal_id_ASTM           ? 
_citation.country                   US 
_citation.journal_id_ISSN           1059-1524 
_citation.journal_id_CSD            ? 
_citation.book_publisher            ? 
_citation.pdbx_database_id_PubMed   18701705 
_citation.pdbx_database_id_DOI      10.1091/MBC.E08-03-0297 
# 
loop_
_citation_author.citation_id 
_citation_author.name 
_citation_author.ordinal 
_citation_author.identifier_ORCID 
primary 'Cohen, R.L.'    1 ? 
primary 'Espelin, C.W.'  2 ? 
primary 'De Wulf, P.'    3 ? 
primary 'Sorger, P.K.'   4 ? 
primary 'Harrison, S.C.' 5 ? 
primary 'Simons, K.T.'   6 ? 
# 
loop_
_entity.id 
_entity.type 
_entity.src_method 
_entity.pdbx_description 
_entity.formula_weight 
_entity.pdbx_number_of_molecules 
_entity.pdbx_ec 
_entity.pdbx_mutation 
_entity.pdbx_fragment 
_entity.details 
1 polymer     man 'PROTEIN MIF2' 18721.082 2  ? ? 'DIMERIZATION DOMAIN, RESIDUES 365-530' ? 
2 non-polymer syn 'SULFATE ION'  96.063    1  ? ? ?                                       ? 
3 water       nat water          18.015    27 ? ? ?                                       ? 
# 
_entity_name_com.entity_id   1 
_entity_name_com.name        MIF2P 
# 
_entity_poly.entity_id                      1 
_entity_poly.type                           'polypeptide(L)' 
_entity_poly.nstd_linkage                   no 
_entity_poly.nstd_monomer                   no 
_entity_poly.pdbx_seq_one_letter_code       
;DPNAKENLIPEDPNEDIIERIESGGIENGEWLKHGILEANVKISDTKEETKDEIIAFAPNLSQTEQVKDTKDENFALEIM
FDKHKEYFASGILKLPAISGQKKLSNSFRTYITFHVIQGIVEVTVCKNKFLSVKGSTFQIPAFNEYAIANRGNDEAKMFF
VQVTVS
;
_entity_poly.pdbx_seq_one_letter_code_can   
;DPNAKENLIPEDPNEDIIERIESGGIENGEWLKHGILEANVKISDTKEETKDEIIAFAPNLSQTEQVKDTKDENFALEIM
FDKHKEYFASGILKLPAISGQKKLSNSFRTYITFHVIQGIVEVTVCKNKFLSVKGSTFQIPAFNEYAIANRGNDEAKMFF
VQVTVS
;
_entity_poly.pdbx_strand_id                 A,B 
_entity_poly.pdbx_target_identifier         ? 
# 
loop_
_pdbx_entity_nonpoly.entity_id 
_pdbx_entity_nonpoly.name 
_pdbx_entity_nonpoly.comp_id 
2 'SULFATE ION' SO4 
3 water         HOH 
# 
loop_
_entity_poly_seq.entity_id 
_entity_poly_seq.num 
_entity_poly_seq.mon_id 
_entity_poly_seq.hetero 
1 1   ASP n 
1 2   PRO n 
1 3   ASN n 
1 4   ALA n 
1 5   LYS n 
1 6   GLU n 
1 7   ASN n 
1 8   LEU n 
1 9   ILE n 
1 10  PRO n 
1 11  GLU n 
1 12  ASP n 
1 13  PRO n 
1 14  ASN n 
1 15  GLU n 
1 16  ASP n 
1 17  ILE n 
1 18  ILE n 
1 19  GLU n 
1 20  ARG n 
1 21  ILE n 
1 22  GLU n 
1 23  SER n 
1 24  GLY n 
1 25  GLY n 
1 26  ILE n 
1 27  GLU n 
1 28  ASN n 
1 29  GLY n 
1 30  GLU n 
1 31  TRP n 
1 32  LEU n 
1 33  LYS n 
1 34  HIS n 
1 35  GLY n 
1 36  ILE n 
1 37  LEU n 
1 38  GLU n 
1 39  ALA n 
1 40  ASN n 
1 41  VAL n 
1 42  LYS n 
1 43  ILE n 
1 44  SER n 
1 45  ASP n 
1 46  THR n 
1 47  LYS n 
1 48  GLU n 
1 49  GLU n 
1 50  THR n 
1 51  LYS n 
1 52  ASP n 
1 53  GLU n 
1 54  ILE n 
1 55  ILE n 
1 56  ALA n 
1 57  PHE n 
1 58  ALA n 
1 59  PRO n 
1 60  ASN n 
1 61  LEU n 
1 62  SER n 
1 63  GLN n 
1 64  THR n 
1 65  GLU n 
1 66  GLN n 
1 67  VAL n 
1 68  LYS n 
1 69  ASP n 
1 70  THR n 
1 71  LYS n 
1 72  ASP n 
1 73  GLU n 
1 74  ASN n 
1 75  PHE n 
1 76  ALA n 
1 77  LEU n 
1 78  GLU n 
1 79  ILE n 
1 80  MET n 
1 81  PHE n 
1 82  ASP n 
1 83  LYS n 
1 84  HIS n 
1 85  LYS n 
1 86  GLU n 
1 87  TYR n 
1 88  PHE n 
1 89  ALA n 
1 90  SER n 
1 91  GLY n 
1 92  ILE n 
1 93  LEU n 
1 94  LYS n 
1 95  LEU n 
1 96  PRO n 
1 97  ALA n 
1 98  ILE n 
1 99  SER n 
1 100 GLY n 
1 101 GLN n 
1 102 LYS n 
1 103 LYS n 
1 104 LEU n 
1 105 SER n 
1 106 ASN n 
1 107 SER n 
1 108 PHE n 
1 109 ARG n 
1 110 THR n 
1 111 TYR n 
1 112 ILE n 
1 113 THR n 
1 114 PHE n 
1 115 HIS n 
1 116 VAL n 
1 117 ILE n 
1 118 GLN n 
1 119 GLY n 
1 120 ILE n 
1 121 VAL n 
1 122 GLU n 
1 123 VAL n 
1 124 THR n 
1 125 VAL n 
1 126 CYS n 
1 127 LYS n 
1 128 ASN n 
1 129 LYS n 
1 130 PHE n 
1 131 LEU n 
1 132 SER n 
1 133 VAL n 
1 134 LYS n 
1 135 GLY n 
1 136 SER n 
1 137 THR n 
1 138 PHE n 
1 139 GLN n 
1 140 ILE n 
1 141 PRO n 
1 142 ALA n 
1 143 PHE n 
1 144 ASN n 
1 145 GLU n 
1 146 TYR n 
1 147 ALA n 
1 148 ILE n 
1 149 ALA n 
1 150 ASN n 
1 151 ARG n 
1 152 GLY n 
1 153 ASN n 
1 154 ASP n 
1 155 GLU n 
1 156 ALA n 
1 157 LYS n 
1 158 MET n 
1 159 PHE n 
1 160 PHE n 
1 161 VAL n 
1 162 GLN n 
1 163 VAL n 
1 164 THR n 
1 165 VAL n 
1 166 SER n 
# 
_entity_src_gen.entity_id                          1 
_entity_src_gen.pdbx_src_id                        1 
_entity_src_gen.pdbx_alt_source_flag               sample 
_entity_src_gen.pdbx_seq_type                      ? 
_entity_src_gen.pdbx_beg_seq_num                   ? 
_entity_src_gen.pdbx_end_seq_num                   ? 
_entity_src_gen.gene_src_common_name               
;BAKER'S YEAST
;
_entity_src_gen.gene_src_genus                     ? 
_entity_src_gen.pdbx_gene_src_gene                 ? 
_entity_src_gen.gene_src_species                   ? 
_entity_src_gen.gene_src_strain                    S288C 
_entity_src_gen.gene_src_tissue                    ? 
_entity_src_gen.gene_src_tissue_fraction           ? 
_entity_src_gen.gene_src_details                   ? 
_entity_src_gen.pdbx_gene_src_fragment             ? 
_entity_src_gen.pdbx_gene_src_scientific_name      'SACCHAROMYCES CEREVISIAE' 
_entity_src_gen.pdbx_gene_src_ncbi_taxonomy_id     4932 
_entity_src_gen.pdbx_gene_src_variant              ? 
_entity_src_gen.pdbx_gene_src_cell_line            ? 
_entity_src_gen.pdbx_gene_src_atcc                 204508 
_entity_src_gen.pdbx_gene_src_organ                ? 
_entity_src_gen.pdbx_gene_src_organelle            ? 
_entity_src_gen.pdbx_gene_src_cell                 ? 
_entity_src_gen.pdbx_gene_src_cellular_location    ? 
_entity_src_gen.host_org_common_name               ? 
_entity_src_gen.pdbx_host_org_scientific_name      'ESCHERICHIA COLI' 
_entity_src_gen.pdbx_host_org_ncbi_taxonomy_id     511693 
_entity_src_gen.host_org_genus                     ? 
_entity_src_gen.pdbx_host_org_gene                 ? 
_entity_src_gen.pdbx_host_org_organ                ? 
_entity_src_gen.host_org_species                   ? 
_entity_src_gen.pdbx_host_org_tissue               ? 
_entity_src_gen.pdbx_host_org_tissue_fraction      ? 
_entity_src_gen.pdbx_host_org_strain               BL21 
_entity_src_gen.pdbx_host_org_variant              CODON-PLUS 
_entity_src_gen.pdbx_host_org_cell_line            ? 
_entity_src_gen.pdbx_host_org_atcc                 ? 
_entity_src_gen.pdbx_host_org_culture_collection   ? 
_entity_src_gen.pdbx_host_org_cell                 ? 
_entity_src_gen.pdbx_host_org_organelle            ? 
_entity_src_gen.pdbx_host_org_cellular_location    ? 
_entity_src_gen.pdbx_host_org_vector_type          ? 
_entity_src_gen.pdbx_host_org_vector               ? 
_entity_src_gen.host_org_details                   ? 
_entity_src_gen.expression_system_id               ? 
_entity_src_gen.plasmid_name                       PET28A 
_entity_src_gen.plasmid_details                    ? 
_entity_src_gen.pdbx_description                   ? 
# 
loop_
_chem_comp.id 
_chem_comp.type 
_chem_comp.mon_nstd_flag 
_chem_comp.name 
_chem_comp.pdbx_synonyms 
_chem_comp.formula 
_chem_comp.formula_weight 
ALA 'L-peptide linking' y ALANINE         ? 'C3 H7 N O2'     89.093  
ARG 'L-peptide linking' y ARGININE        ? 'C6 H15 N4 O2 1' 175.209 
ASN 'L-peptide linking' y ASPARAGINE      ? 'C4 H8 N2 O3'    132.118 
ASP 'L-peptide linking' y 'ASPARTIC ACID' ? 'C4 H7 N O4'     133.103 
CYS 'L-peptide linking' y CYSTEINE        ? 'C3 H7 N O2 S'   121.158 
GLN 'L-peptide linking' y GLUTAMINE       ? 'C5 H10 N2 O3'   146.144 
GLU 'L-peptide linking' y 'GLUTAMIC ACID' ? 'C5 H9 N O4'     147.129 
GLY 'peptide linking'   y GLYCINE         ? 'C2 H5 N O2'     75.067  
HIS 'L-peptide linking' y HISTIDINE       ? 'C6 H10 N3 O2 1' 156.162 
HOH non-polymer         . WATER           ? 'H2 O'           18.015  
ILE 'L-peptide linking' y ISOLEUCINE      ? 'C6 H13 N O2'    131.173 
LEU 'L-peptide linking' y LEUCINE         ? 'C6 H13 N O2'    131.173 
LYS 'L-peptide linking' y LYSINE          ? 'C6 H15 N2 O2 1' 147.195 
MET 'L-peptide linking' y METHIONINE      ? 'C5 H11 N O2 S'  149.211 
PHE 'L-peptide linking' y PHENYLALANINE   ? 'C9 H11 N O2'    165.189 
PRO 'L-peptide linking' y PROLINE         ? 'C5 H9 N O2'     115.130 
SER 'L-peptide linking' y SERINE          ? 'C3 H7 N O3'     105.093 
SO4 non-polymer         . 'SULFATE ION'   ? 'O4 S -2'        96.063  
THR 'L-peptide linking' y THREONINE       ? 'C4 H9 N O3'     119.119 
TRP 'L-peptide linking' y TRYPTOPHAN      ? 'C11 H12 N2 O2'  204.225 
TYR 'L-peptide linking' y TYROSINE        ? 'C9 H11 N O3'    181.189 
VAL 'L-peptide linking' y VALINE          ? 'C5 H11 N O2'    117.146 
# 
loop_
_pdbx_poly_seq_scheme.asym_id 
_pdbx_poly_seq_scheme.entity_id 
_pdbx_poly_seq_scheme.seq_id 
_pdbx_poly_seq_scheme.mon_id 
_pdbx_poly_seq_scheme.ndb_seq_num 
_pdbx_poly_seq_scheme.pdb_seq_num 
_pdbx_poly_seq_scheme.auth_seq_num 
_pdbx_poly_seq_scheme.pdb_mon_id 
_pdbx_poly_seq_scheme.auth_mon_id 
_pdbx_poly_seq_scheme.pdb_strand_id 
_pdbx_poly_seq_scheme.pdb_ins_code 
_pdbx_poly_seq_scheme.hetero 
A 1 1   ASP 1   365 ?   ?   ?   A . n 
A 1 2   PRO 2   366 ?   ?   ?   A . n 
A 1 3   ASN 3   367 ?   ?   ?   A . n 
A 1 4   ALA 4   368 ?   ?   ?   A . n 
A 1 5   LYS 5   369 ?   ?   ?   A . n 
A 1 6   GLU 6   370 ?   ?   ?   A . n 
A 1 7   ASN 7   371 ?   ?   ?   A . n 
A 1 8   LEU 8   372 ?   ?   ?   A . n 
A 1 9   ILE 9   373 ?   ?   ?   A . n 
A 1 10  PRO 10  374 ?   ?   ?   A . n 
A 1 11  GLU 11  375 ?   ?   ?   A . n 
A 1 12  ASP 12  376 ?   ?   ?   A . n 
A 1 13  PRO 13  377 ?   ?   ?   A . n 
A 1 14  ASN 14  378 ?   ?   ?   A . n 
A 1 15  GLU 15  379 ?   ?   ?   A . n 
A 1 16  ASP 16  380 ?   ?   ?   A . n 
A 1 17  ILE 17  381 ?   ?   ?   A . n 
A 1 18  ILE 18  382 ?   ?   ?   A . n 
A 1 19  GLU 19  383 ?   ?   ?   A . n 
A 1 20  ARG 20  384 ?   ?   ?   A . n 
A 1 21  ILE 21  385 ?   ?   ?   A . n 
A 1 22  GLU 22  386 ?   ?   ?   A . n 
A 1 23  SER 23  387 ?   ?   ?   A . n 
A 1 24  GLY 24  388 ?   ?   ?   A . n 
A 1 25  GLY 25  389 ?   ?   ?   A . n 
A 1 26  ILE 26  390 ?   ?   ?   A . n 
A 1 27  GLU 27  391 ?   ?   ?   A . n 
A 1 28  ASN 28  392 ?   ?   ?   A . n 
A 1 29  GLY 29  393 ?   ?   ?   A . n 
A 1 30  GLU 30  394 ?   ?   ?   A . n 
A 1 31  TRP 31  395 ?   ?   ?   A . n 
A 1 32  LEU 32  396 ?   ?   ?   A . n 
A 1 33  LYS 33  397 ?   ?   ?   A . n 
A 1 34  HIS 34  398 ?   ?   ?   A . n 
A 1 35  GLY 35  399 ?   ?   ?   A . n 
A 1 36  ILE 36  400 ?   ?   ?   A . n 
A 1 37  LEU 37  401 ?   ?   ?   A . n 
A 1 38  GLU 38  402 ?   ?   ?   A . n 
A 1 39  ALA 39  403 ?   ?   ?   A . n 
A 1 40  ASN 40  404 ?   ?   ?   A . n 
A 1 41  VAL 41  405 ?   ?   ?   A . n 
A 1 42  LYS 42  406 ?   ?   ?   A . n 
A 1 43  ILE 43  407 ?   ?   ?   A . n 
A 1 44  SER 44  408 ?   ?   ?   A . n 
A 1 45  ASP 45  409 ?   ?   ?   A . n 
A 1 46  THR 46  410 ?   ?   ?   A . n 
A 1 47  LYS 47  411 ?   ?   ?   A . n 
A 1 48  GLU 48  412 ?   ?   ?   A . n 
A 1 49  GLU 49  413 ?   ?   ?   A . n 
A 1 50  THR 50  414 ?   ?   ?   A . n 
A 1 51  LYS 51  415 ?   ?   ?   A . n 
A 1 52  ASP 52  416 ?   ?   ?   A . n 
A 1 53  GLU 53  417 ?   ?   ?   A . n 
A 1 54  ILE 54  418 ?   ?   ?   A . n 
A 1 55  ILE 55  419 ?   ?   ?   A . n 
A 1 56  ALA 56  420 ?   ?   ?   A . n 
A 1 57  PHE 57  421 ?   ?   ?   A . n 
A 1 58  ALA 58  422 ?   ?   ?   A . n 
A 1 59  PRO 59  423 ?   ?   ?   A . n 
A 1 60  ASN 60  424 ?   ?   ?   A . n 
A 1 61  LEU 61  425 ?   ?   ?   A . n 
A 1 62  SER 62  426 ?   ?   ?   A . n 
A 1 63  GLN 63  427 ?   ?   ?   A . n 
A 1 64  THR 64  428 ?   ?   ?   A . n 
A 1 65  GLU 65  429 ?   ?   ?   A . n 
A 1 66  GLN 66  430 ?   ?   ?   A . n 
A 1 67  VAL 67  431 ?   ?   ?   A . n 
A 1 68  LYS 68  432 ?   ?   ?   A . n 
A 1 69  ASP 69  433 ?   ?   ?   A . n 
A 1 70  THR 70  434 ?   ?   ?   A . n 
A 1 71  LYS 71  435 ?   ?   ?   A . n 
A 1 72  ASP 72  436 ?   ?   ?   A . n 
A 1 73  GLU 73  437 437 GLU GLU A . n 
A 1 74  ASN 74  438 438 ASN ASN A . n 
A 1 75  PHE 75  439 439 PHE PHE A . n 
A 1 76  ALA 76  440 440 ALA ALA A . n 
A 1 77  LEU 77  441 441 LEU LEU A . n 
A 1 78  GLU 78  442 442 GLU GLU A . n 
A 1 79  ILE 79  443 443 ILE ILE A . n 
A 1 80  MET 80  444 444 MET MET A . n 
A 1 81  PHE 81  445 445 PHE PHE A . n 
A 1 82  ASP 82  446 446 ASP ASP A . n 
A 1 83  LYS 83  447 447 LYS LYS A . n 
A 1 84  HIS 84  448 448 HIS HIS A . n 
A 1 85  LYS 85  449 449 LYS LYS A . n 
A 1 86  GLU 86  450 450 GLU GLU A . n 
A 1 87  TYR 87  451 451 TYR TYR A . n 
A 1 88  PHE 88  452 452 PHE PHE A . n 
A 1 89  ALA 89  453 453 ALA ALA A . n 
A 1 90  SER 90  454 454 SER SER A . n 
A 1 91  GLY 91  455 455 GLY GLY A . n 
A 1 92  ILE 92  456 456 ILE ILE A . n 
A 1 93  LEU 93  457 457 LEU LEU A . n 
A 1 94  LYS 94  458 458 LYS LYS A . n 
A 1 95  LEU 95  459 459 LEU LEU A . n 
A 1 96  PRO 96  460 460 PRO PRO A . n 
A 1 97  ALA 97  461 461 ALA ALA A . n 
A 1 98  ILE 98  462 462 ILE ILE A . n 
A 1 99  SER 99  463 463 SER SER A . n 
A 1 100 GLY 100 464 464 GLY GLY A . n 
A 1 101 GLN 101 465 465 GLN GLN A . n 
A 1 102 LYS 102 466 466 LYS LYS A . n 
A 1 103 LYS 103 467 467 LYS LYS A . n 
A 1 104 LEU 104 468 468 LEU LEU A . n 
A 1 105 SER 105 469 469 SER SER A . n 
A 1 106 ASN 106 470 470 ASN ASN A . n 
A 1 107 SER 107 471 471 SER SER A . n 
A 1 108 PHE 108 472 472 PHE PHE A . n 
A 1 109 ARG 109 473 473 ARG ARG A . n 
A 1 110 THR 110 474 474 THR THR A . n 
A 1 111 TYR 111 475 475 TYR TYR A . n 
A 1 112 ILE 112 476 476 ILE ILE A . n 
A 1 113 THR 113 477 477 THR THR A . n 
A 1 114 PHE 114 478 478 PHE PHE A . n 
A 1 115 HIS 115 479 479 HIS HIS A . n 
A 1 116 VAL 116 480 480 VAL VAL A . n 
A 1 117 ILE 117 481 481 ILE ILE A . n 
A 1 118 GLN 118 482 482 GLN GLN A . n 
A 1 119 GLY 119 483 483 GLY GLY A . n 
A 1 120 ILE 120 484 484 ILE ILE A . n 
A 1 121 VAL 121 485 485 VAL VAL A . n 
A 1 122 GLU 122 486 486 GLU GLU A . n 
A 1 123 VAL 123 487 487 VAL VAL A . n 
A 1 124 THR 124 488 488 THR THR A . n 
A 1 125 VAL 125 489 489 VAL VAL A . n 
A 1 126 CYS 126 490 490 CYS CYS A . n 
A 1 127 LYS 127 491 491 LYS LYS A . n 
A 1 128 ASN 128 492 492 ASN ASN A . n 
A 1 129 LYS 129 493 493 LYS LYS A . n 
A 1 130 PHE 130 494 494 PHE PHE A . n 
A 1 131 LEU 131 495 495 LEU LEU A . n 
A 1 132 SER 132 496 496 SER SER A . n 
A 1 133 VAL 133 497 497 VAL VAL A . n 
A 1 134 LYS 134 498 498 LYS LYS A . n 
A 1 135 GLY 135 499 499 GLY GLY A . n 
A 1 136 SER 136 500 500 SER SER A . n 
A 1 137 THR 137 501 501 THR THR A . n 
A 1 138 PHE 138 502 502 PHE PHE A . n 
A 1 139 GLN 139 503 503 GLN GLN A . n 
A 1 140 ILE 140 504 504 ILE ILE A . n 
A 1 141 PRO 141 505 505 PRO PRO A . n 
A 1 142 ALA 142 506 506 ALA ALA A . n 
A 1 143 PHE 143 507 507 PHE PHE A . n 
A 1 144 ASN 144 508 508 ASN ASN A . n 
A 1 145 GLU 145 509 509 GLU GLU A . n 
A 1 146 TYR 146 510 510 TYR TYR A . n 
A 1 147 ALA 147 511 511 ALA ALA A . n 
A 1 148 ILE 148 512 512 ILE ILE A . n 
A 1 149 ALA 149 513 513 ALA ALA A . n 
A 1 150 ASN 150 514 514 ASN ASN A . n 
A 1 151 ARG 151 515 515 ARG ARG A . n 
A 1 152 GLY 152 516 516 GLY GLY A . n 
A 1 153 ASN 153 517 517 ASN ASN A . n 
A 1 154 ASP 154 518 518 ASP ASP A . n 
A 1 155 GLU 155 519 519 GLU GLU A . n 
A 1 156 ALA 156 520 520 ALA ALA A . n 
A 1 157 LYS 157 521 521 LYS LYS A . n 
A 1 158 MET 158 522 522 MET MET A . n 
A 1 159 PHE 159 523 523 PHE PHE A . n 
A 1 160 PHE 160 524 524 PHE PHE A . n 
A 1 161 VAL 161 525 525 VAL VAL A . n 
A 1 162 GLN 162 526 526 GLN GLN A . n 
A 1 163 VAL 163 527 527 VAL VAL A . n 
A 1 164 THR 164 528 528 THR THR A . n 
A 1 165 VAL 165 529 529 VAL VAL A . n 
A 1 166 SER 166 530 530 SER SER A . n 
B 1 1   ASP 1   365 ?   ?   ?   B . n 
B 1 2   PRO 2   366 ?   ?   ?   B . n 
B 1 3   ASN 3   367 ?   ?   ?   B . n 
B 1 4   ALA 4   368 ?   ?   ?   B . n 
B 1 5   LYS 5   369 ?   ?   ?   B . n 
B 1 6   GLU 6   370 ?   ?   ?   B . n 
B 1 7   ASN 7   371 ?   ?   ?   B . n 
B 1 8   LEU 8   372 ?   ?   ?   B . n 
B 1 9   ILE 9   373 ?   ?   ?   B . n 
B 1 10  PRO 10  374 ?   ?   ?   B . n 
B 1 11  GLU 11  375 ?   ?   ?   B . n 
B 1 12  ASP 12  376 ?   ?   ?   B . n 
B 1 13  PRO 13  377 ?   ?   ?   B . n 
B 1 14  ASN 14  378 ?   ?   ?   B . n 
B 1 15  GLU 15  379 ?   ?   ?   B . n 
B 1 16  ASP 16  380 ?   ?   ?   B . n 
B 1 17  ILE 17  381 ?   ?   ?   B . n 
B 1 18  ILE 18  382 ?   ?   ?   B . n 
B 1 19  GLU 19  383 ?   ?   ?   B . n 
B 1 20  ARG 20  384 ?   ?   ?   B . n 
B 1 21  ILE 21  385 ?   ?   ?   B . n 
B 1 22  GLU 22  386 ?   ?   ?   B . n 
B 1 23  SER 23  387 ?   ?   ?   B . n 
B 1 24  GLY 24  388 ?   ?   ?   B . n 
B 1 25  GLY 25  389 ?   ?   ?   B . n 
B 1 26  ILE 26  390 ?   ?   ?   B . n 
B 1 27  GLU 27  391 ?   ?   ?   B . n 
B 1 28  ASN 28  392 ?   ?   ?   B . n 
B 1 29  GLY 29  393 ?   ?   ?   B . n 
B 1 30  GLU 30  394 ?   ?   ?   B . n 
B 1 31  TRP 31  395 ?   ?   ?   B . n 
B 1 32  LEU 32  396 ?   ?   ?   B . n 
B 1 33  LYS 33  397 ?   ?   ?   B . n 
B 1 34  HIS 34  398 ?   ?   ?   B . n 
B 1 35  GLY 35  399 ?   ?   ?   B . n 
B 1 36  ILE 36  400 ?   ?   ?   B . n 
B 1 37  LEU 37  401 ?   ?   ?   B . n 
B 1 38  GLU 38  402 ?   ?   ?   B . n 
B 1 39  ALA 39  403 ?   ?   ?   B . n 
B 1 40  ASN 40  404 ?   ?   ?   B . n 
B 1 41  VAL 41  405 ?   ?   ?   B . n 
B 1 42  LYS 42  406 ?   ?   ?   B . n 
B 1 43  ILE 43  407 ?   ?   ?   B . n 
B 1 44  SER 44  408 ?   ?   ?   B . n 
B 1 45  ASP 45  409 ?   ?   ?   B . n 
B 1 46  THR 46  410 ?   ?   ?   B . n 
B 1 47  LYS 47  411 ?   ?   ?   B . n 
B 1 48  GLU 48  412 ?   ?   ?   B . n 
B 1 49  GLU 49  413 ?   ?   ?   B . n 
B 1 50  THR 50  414 ?   ?   ?   B . n 
B 1 51  LYS 51  415 ?   ?   ?   B . n 
B 1 52  ASP 52  416 ?   ?   ?   B . n 
B 1 53  GLU 53  417 ?   ?   ?   B . n 
B 1 54  ILE 54  418 ?   ?   ?   B . n 
B 1 55  ILE 55  419 ?   ?   ?   B . n 
B 1 56  ALA 56  420 ?   ?   ?   B . n 
B 1 57  PHE 57  421 ?   ?   ?   B . n 
B 1 58  ALA 58  422 ?   ?   ?   B . n 
B 1 59  PRO 59  423 ?   ?   ?   B . n 
B 1 60  ASN 60  424 ?   ?   ?   B . n 
B 1 61  LEU 61  425 ?   ?   ?   B . n 
B 1 62  SER 62  426 ?   ?   ?   B . n 
B 1 63  GLN 63  427 ?   ?   ?   B . n 
B 1 64  THR 64  428 ?   ?   ?   B . n 
B 1 65  GLU 65  429 ?   ?   ?   B . n 
B 1 66  GLN 66  430 ?   ?   ?   B . n 
B 1 67  VAL 67  431 ?   ?   ?   B . n 
B 1 68  LYS 68  432 ?   ?   ?   B . n 
B 1 69  ASP 69  433 ?   ?   ?   B . n 
B 1 70  THR 70  434 ?   ?   ?   B . n 
B 1 71  LYS 71  435 ?   ?   ?   B . n 
B 1 72  ASP 72  436 ?   ?   ?   B . n 
B 1 73  GLU 73  437 ?   ?   ?   B . n 
B 1 74  ASN 74  438 ?   ?   ?   B . n 
B 1 75  PHE 75  439 439 PHE PHE B . n 
B 1 76  ALA 76  440 440 ALA ALA B . n 
B 1 77  LEU 77  441 441 LEU LEU B . n 
B 1 78  GLU 78  442 442 GLU GLU B . n 
B 1 79  ILE 79  443 443 ILE ILE B . n 
B 1 80  MET 80  444 444 MET MET B . n 
B 1 81  PHE 81  445 445 PHE PHE B . n 
B 1 82  ASP 82  446 446 ASP ASP B . n 
B 1 83  LYS 83  447 447 LYS LYS B . n 
B 1 84  HIS 84  448 448 HIS HIS B . n 
B 1 85  LYS 85  449 449 LYS LYS B . n 
B 1 86  GLU 86  450 450 GLU GLU B . n 
B 1 87  TYR 87  451 451 TYR TYR B . n 
B 1 88  PHE 88  452 452 PHE PHE B . n 
B 1 89  ALA 89  453 453 ALA ALA B . n 
B 1 90  SER 90  454 454 SER SER B . n 
B 1 91  GLY 91  455 455 GLY GLY B . n 
B 1 92  ILE 92  456 456 ILE ILE B . n 
B 1 93  LEU 93  457 457 LEU LEU B . n 
B 1 94  LYS 94  458 458 LYS LYS B . n 
B 1 95  LEU 95  459 459 LEU LEU B . n 
B 1 96  PRO 96  460 460 PRO PRO B . n 
B 1 97  ALA 97  461 461 ALA ALA B . n 
B 1 98  ILE 98  462 462 ILE ILE B . n 
B 1 99  SER 99  463 463 SER SER B . n 
B 1 100 GLY 100 464 464 GLY GLY B . n 
B 1 101 GLN 101 465 465 GLN GLN B . n 
B 1 102 LYS 102 466 466 LYS LYS B . n 
B 1 103 LYS 103 467 467 LYS LYS B . n 
B 1 104 LEU 104 468 468 LEU LEU B . n 
B 1 105 SER 105 469 469 SER SER B . n 
B 1 106 ASN 106 470 470 ASN ASN B . n 
B 1 107 SER 107 471 471 SER SER B . n 
B 1 108 PHE 108 472 472 PHE PHE B . n 
B 1 109 ARG 109 473 473 ARG ARG B . n 
B 1 110 THR 110 474 474 THR THR B . n 
B 1 111 TYR 111 475 475 TYR TYR B . n 
B 1 112 ILE 112 476 476 ILE ILE B . n 
B 1 113 THR 113 477 477 THR THR B . n 
B 1 114 PHE 114 478 478 PHE PHE B . n 
B 1 115 HIS 115 479 479 HIS HIS B . n 
B 1 116 VAL 116 480 480 VAL VAL B . n 
B 1 117 ILE 117 481 481 ILE ILE B . n 
B 1 118 GLN 118 482 482 GLN GLN B . n 
B 1 119 GLY 119 483 483 GLY GLY B . n 
B 1 120 ILE 120 484 484 ILE ILE B . n 
B 1 121 VAL 121 485 485 VAL VAL B . n 
B 1 122 GLU 122 486 486 GLU GLU B . n 
B 1 123 VAL 123 487 487 VAL VAL B . n 
B 1 124 THR 124 488 488 THR THR B . n 
B 1 125 VAL 125 489 489 VAL VAL B . n 
B 1 126 CYS 126 490 490 CYS CYS B . n 
B 1 127 LYS 127 491 491 LYS LYS B . n 
B 1 128 ASN 128 492 492 ASN ASN B . n 
B 1 129 LYS 129 493 493 LYS LYS B . n 
B 1 130 PHE 130 494 494 PHE PHE B . n 
B 1 131 LEU 131 495 495 LEU LEU B . n 
B 1 132 SER 132 496 496 SER SER B . n 
B 1 133 VAL 133 497 497 VAL VAL B . n 
B 1 134 LYS 134 498 498 LYS LYS B . n 
B 1 135 GLY 135 499 499 GLY GLY B . n 
B 1 136 SER 136 500 500 SER SER B . n 
B 1 137 THR 137 501 501 THR THR B . n 
B 1 138 PHE 138 502 502 PHE PHE B . n 
B 1 139 GLN 139 503 503 GLN GLN B . n 
B 1 140 ILE 140 504 504 ILE ILE B . n 
B 1 141 PRO 141 505 505 PRO PRO B . n 
B 1 142 ALA 142 506 506 ALA ALA B . n 
B 1 143 PHE 143 507 507 PHE PHE B . n 
B 1 144 ASN 144 508 508 ASN ASN B . n 
B 1 145 GLU 145 509 509 GLU GLU B . n 
B 1 146 TYR 146 510 510 TYR TYR B . n 
B 1 147 ALA 147 511 511 ALA ALA B . n 
B 1 148 ILE 148 512 512 ILE ILE B . n 
B 1 149 ALA 149 513 513 ALA ALA B . n 
B 1 150 ASN 150 514 514 ASN ASN B . n 
B 1 151 ARG 151 515 515 ARG ARG B . n 
B 1 152 GLY 152 516 516 GLY GLY B . n 
B 1 153 ASN 153 517 517 ASN ASN B . n 
B 1 154 ASP 154 518 518 ASP ASP B . n 
B 1 155 GLU 155 519 519 GLU GLU B . n 
B 1 156 ALA 156 520 520 ALA ALA B . n 
B 1 157 LYS 157 521 521 LYS LYS B . n 
B 1 158 MET 158 522 522 MET MET B . n 
B 1 159 PHE 159 523 523 PHE PHE B . n 
B 1 160 PHE 160 524 524 PHE PHE B . n 
B 1 161 VAL 161 525 525 VAL VAL B . n 
B 1 162 GLN 162 526 526 GLN GLN B . n 
B 1 163 VAL 163 527 527 VAL VAL B . n 
B 1 164 THR 164 528 528 THR THR B . n 
B 1 165 VAL 165 529 529 VAL VAL B . n 
B 1 166 SER 166 530 530 SER SER B . n 
# 
loop_
_pdbx_nonpoly_scheme.asym_id 
_pdbx_nonpoly_scheme.entity_id 
_pdbx_nonpoly_scheme.mon_id 
_pdbx_nonpoly_scheme.ndb_seq_num 
_pdbx_nonpoly_scheme.pdb_seq_num 
_pdbx_nonpoly_scheme.auth_seq_num 
_pdbx_nonpoly_scheme.pdb_mon_id 
_pdbx_nonpoly_scheme.auth_mon_id 
_pdbx_nonpoly_scheme.pdb_strand_id 
_pdbx_nonpoly_scheme.pdb_ins_code 
C 2 SO4 1  1531 1531 SO4 SO4 A . 
D 3 HOH 1  2001 2001 HOH HOH A . 
D 3 HOH 2  2002 2002 HOH HOH A . 
D 3 HOH 3  2003 2003 HOH HOH A . 
D 3 HOH 4  2004 2004 HOH HOH A . 
D 3 HOH 5  2005 2005 HOH HOH A . 
D 3 HOH 6  2006 2006 HOH HOH A . 
D 3 HOH 7  2007 2007 HOH HOH A . 
D 3 HOH 8  2008 2008 HOH HOH A . 
D 3 HOH 9  2009 2009 HOH HOH A . 
D 3 HOH 10 2010 2010 HOH HOH A . 
D 3 HOH 11 2011 2011 HOH HOH A . 
D 3 HOH 12 2012 2012 HOH HOH A . 
D 3 HOH 13 2013 2013 HOH HOH A . 
D 3 HOH 14 2014 2014 HOH HOH A . 
D 3 HOH 15 2015 2015 HOH HOH A . 
D 3 HOH 16 2016 2016 HOH HOH A . 
D 3 HOH 17 2017 2017 HOH HOH A . 
D 3 HOH 18 2018 2018 HOH HOH A . 
E 3 HOH 1  2001 2001 HOH HOH B . 
E 3 HOH 2  2002 2002 HOH HOH B . 
E 3 HOH 3  2003 2003 HOH HOH B . 
E 3 HOH 4  2004 2004 HOH HOH B . 
E 3 HOH 5  2005 2005 HOH HOH B . 
E 3 HOH 6  2006 2006 HOH HOH B . 
E 3 HOH 7  2007 2007 HOH HOH B . 
E 3 HOH 8  2008 2008 HOH HOH B . 
E 3 HOH 9  2009 2009 HOH HOH B . 
# 
loop_
_software.name 
_software.classification 
_software.version 
_software.citation_id 
_software.pdbx_ordinal 
REFMAC refinement 5.4.0066 ? 1 
SOLVE  phasing    .        ? 2 
# 
_cell.entry_id           2VPV 
_cell.length_a           106.020 
_cell.length_b           106.020 
_cell.length_c           106.020 
_cell.angle_alpha        90.00 
_cell.angle_beta         90.00 
_cell.angle_gamma        90.00 
_cell.Z_PDB              24 
_cell.pdbx_unique_axis   ? 
# 
_symmetry.entry_id                         2VPV 
_symmetry.space_group_name_H-M             'P 21 3' 
_symmetry.pdbx_full_space_group_name_H-M   ? 
_symmetry.cell_setting                     ? 
_symmetry.Int_Tables_number                198 
# 
_exptl.entry_id          2VPV 
_exptl.method            'X-RAY DIFFRACTION' 
_exptl.crystals_number   4 
# 
_exptl_crystal.id                    1 
_exptl_crystal.density_meas          ? 
_exptl_crystal.density_Matthews      2.23 
_exptl_crystal.density_percent_sol   52.6 
_exptl_crystal.description           NONE 
# 
_exptl_crystal_grow.crystal_id      1 
_exptl_crystal_grow.method          'VAPOR DIFFUSION, HANGING DROP' 
_exptl_crystal_grow.temp            ? 
_exptl_crystal_grow.temp_details    ? 
_exptl_crystal_grow.pH              7.5 
_exptl_crystal_grow.pdbx_pH_range   ? 
_exptl_crystal_grow.pdbx_details    
'HANGING DROP VAPOR FUSION FROM 3-4% (W/V) PEG 3000, 100 MM IMIDAZOLE (PH 8.0), AND 70-100 MM LI2SO4 OR NA2SO4' 
# 
_diffrn.id                     1 
_diffrn.ambient_temp           78 
_diffrn.ambient_temp_details   ? 
_diffrn.crystal_id             1 
# 
_diffrn_detector.diffrn_id              1 
_diffrn_detector.detector               CCD 
_diffrn_detector.type                   'ADSC CCD' 
_diffrn_detector.pdbx_collection_date   2005-03-15 
_diffrn_detector.details                ? 
# 
_diffrn_radiation.diffrn_id                        1 
_diffrn_radiation.wavelength_id                    1 
_diffrn_radiation.pdbx_monochromatic_or_laue_m_l   M 
_diffrn_radiation.monochromator                    ? 
_diffrn_radiation.pdbx_diffrn_protocol             MAD 
_diffrn_radiation.pdbx_scattering_type             x-ray 
# 
_diffrn_radiation_wavelength.id           1 
_diffrn_radiation_wavelength.wavelength   1.50030 
_diffrn_radiation_wavelength.wt           1.0 
# 
_diffrn_source.diffrn_id                   1 
_diffrn_source.source                      SYNCHROTRON 
_diffrn_source.type                        'ALS BEAMLINE 8.2.2' 
_diffrn_source.pdbx_synchrotron_site       ALS 
_diffrn_source.pdbx_synchrotron_beamline   8.2.2 
_diffrn_source.pdbx_wavelength             1.50030 
_diffrn_source.pdbx_wavelength_list        ? 
# 
_reflns.pdbx_diffrn_id               1 
_reflns.pdbx_ordinal                 1 
_reflns.entry_id                     2VPV 
_reflns.observed_criterion_sigma_I   2.0 
_reflns.observed_criterion_sigma_F   ? 
_reflns.d_resolution_low             40.00 
_reflns.d_resolution_high            2.90 
_reflns.number_obs                   15323 
_reflns.number_all                   ? 
_reflns.percent_possible_obs         89.7 
_reflns.pdbx_Rmerge_I_obs            0.08 
_reflns.pdbx_Rsym_value              ? 
_reflns.pdbx_netI_over_sigmaI        9.60 
_reflns.B_iso_Wilson_estimate        ? 
_reflns.pdbx_redundancy              1.9 
# 
_reflns_shell.pdbx_diffrn_id         1 
_reflns_shell.pdbx_ordinal           1 
_reflns_shell.d_res_high             2.90 
_reflns_shell.d_res_low              3.00 
_reflns_shell.percent_possible_all   80.6 
_reflns_shell.Rmerge_I_obs           0.43 
_reflns_shell.pdbx_Rsym_value        ? 
_reflns_shell.meanI_over_sigI_obs    1.50 
_reflns_shell.pdbx_redundancy        1.6 
# 
_refine.pdbx_refine_id                           'X-RAY DIFFRACTION' 
_refine.entry_id                                 2VPV 
_refine.pdbx_diffrn_id                           1 
_refine.pdbx_TLS_residual_ADP_flag               ? 
_refine.ls_number_reflns_obs                     9197 
_refine.ls_number_reflns_all                     ? 
_refine.pdbx_ls_sigma_I                          ? 
_refine.pdbx_ls_sigma_F                          ? 
_refine.pdbx_data_cutoff_high_absF               ? 
_refine.pdbx_data_cutoff_low_absF                ? 
_refine.pdbx_data_cutoff_high_rms_absF           ? 
_refine.ls_d_res_low                             30.00 
_refine.ls_d_res_high                            2.70 
_refine.ls_percent_reflns_obs                    100.0 
_refine.ls_R_factor_obs                          0.210 
_refine.ls_R_factor_all                          ? 
_refine.ls_R_factor_R_work                       0.208 
_refine.ls_R_factor_R_free                       0.242 
_refine.ls_R_factor_R_free_error                 ? 
_refine.ls_R_factor_R_free_error_details         ? 
_refine.ls_percent_reflns_R_free                 4.800 
_refine.ls_number_reflns_R_free                  468 
_refine.ls_number_parameters                     ? 
_refine.ls_number_restraints                     ? 
_refine.occupancy_min                            ? 
_refine.occupancy_max                            ? 
_refine.correlation_coeff_Fo_to_Fc               0.928 
_refine.correlation_coeff_Fo_to_Fc_free          0.902 
_refine.B_iso_mean                               54.42 
_refine.aniso_B[1][1]                            ? 
_refine.aniso_B[2][2]                            ? 
_refine.aniso_B[3][3]                            ? 
_refine.aniso_B[1][2]                            ? 
_refine.aniso_B[1][3]                            ? 
_refine.aniso_B[2][3]                            ? 
_refine.solvent_model_details                    'BABINET MODEL WITH MASK' 
_refine.solvent_model_param_ksol                 ? 
_refine.solvent_model_param_bsol                 ? 
_refine.pdbx_solvent_vdw_probe_radii             1.20 
_refine.pdbx_solvent_ion_probe_radii             0.80 
_refine.pdbx_solvent_shrinkage_radii             0.80 
_refine.pdbx_ls_cross_valid_method               THROUGHOUT 
_refine.details                                  'HYDROGENS HAVE BEEN ADDED IN THE RIDING POSITIONS.' 
_refine.pdbx_starting_model                      NONE 
_refine.pdbx_method_to_determine_struct          MAD 
_refine.pdbx_isotropic_thermal_model             ? 
_refine.pdbx_stereochemistry_target_values       'MAXIMUM LIKELIHOOD' 
_refine.pdbx_stereochem_target_val_spec_case     ? 
_refine.pdbx_R_Free_selection_details            RANDOM 
_refine.pdbx_overall_ESU_R                       0.387 
_refine.pdbx_overall_ESU_R_Free                  0.267 
_refine.overall_SU_ML                            0.204 
_refine.pdbx_overall_phase_error                 ? 
_refine.overall_SU_B                             20.740 
_refine.overall_SU_R_Cruickshank_DPI             ? 
_refine.pdbx_overall_SU_R_free_Cruickshank_DPI   ? 
_refine.pdbx_overall_SU_R_Blow_DPI               ? 
_refine.pdbx_overall_SU_R_free_Blow_DPI          ? 
# 
_refine_hist.pdbx_refine_id                   'X-RAY DIFFRACTION' 
_refine_hist.cycle_id                         LAST 
_refine_hist.pdbx_number_atoms_protein        1487 
_refine_hist.pdbx_number_atoms_nucleic_acid   0 
_refine_hist.pdbx_number_atoms_ligand         5 
_refine_hist.number_atoms_solvent             27 
_refine_hist.number_atoms_total               1519 
_refine_hist.d_res_high                       2.70 
_refine_hist.d_res_low                        30.00 
# 
loop_
_refine_ls_restr.type 
_refine_ls_restr.dev_ideal 
_refine_ls_restr.dev_ideal_target 
_refine_ls_restr.weight 
_refine_ls_restr.number 
_refine_ls_restr.pdbx_refine_id 
_refine_ls_restr.pdbx_restraint_function 
r_bond_refined_d             0.012  0.022  ? 1490 'X-RAY DIFFRACTION' ? 
r_bond_other_d               ?      ?      ? ?    'X-RAY DIFFRACTION' ? 
r_angle_refined_deg          1.529  1.943  ? 2003 'X-RAY DIFFRACTION' ? 
r_angle_other_deg            ?      ?      ? ?    'X-RAY DIFFRACTION' ? 
r_dihedral_angle_1_deg       10.859 5.000  ? 177  'X-RAY DIFFRACTION' ? 
r_dihedral_angle_2_deg       34.710 24.242 ? 66   'X-RAY DIFFRACTION' ? 
r_dihedral_angle_3_deg       19.066 15.000 ? 268  'X-RAY DIFFRACTION' ? 
r_dihedral_angle_4_deg       22.212 15.000 ? 4    'X-RAY DIFFRACTION' ? 
r_chiral_restr               0.102  0.200  ? 225  'X-RAY DIFFRACTION' ? 
r_gen_planes_refined         0.007  0.020  ? 1092 'X-RAY DIFFRACTION' ? 
r_gen_planes_other           ?      ?      ? ?    'X-RAY DIFFRACTION' ? 
r_nbd_refined                ?      ?      ? ?    'X-RAY DIFFRACTION' ? 
r_nbd_other                  ?      ?      ? ?    'X-RAY DIFFRACTION' ? 
r_nbtor_refined              ?      ?      ? ?    'X-RAY DIFFRACTION' ? 
r_nbtor_other                ?      ?      ? ?    'X-RAY DIFFRACTION' ? 
r_xyhbond_nbd_refined        ?      ?      ? ?    'X-RAY DIFFRACTION' ? 
r_xyhbond_nbd_other          ?      ?      ? ?    'X-RAY DIFFRACTION' ? 
r_metal_ion_refined          ?      ?      ? ?    'X-RAY DIFFRACTION' ? 
r_metal_ion_other            ?      ?      ? ?    'X-RAY DIFFRACTION' ? 
r_symmetry_vdw_refined       ?      ?      ? ?    'X-RAY DIFFRACTION' ? 
r_symmetry_vdw_other         ?      ?      ? ?    'X-RAY DIFFRACTION' ? 
r_symmetry_hbond_refined     ?      ?      ? ?    'X-RAY DIFFRACTION' ? 
r_symmetry_hbond_other       ?      ?      ? ?    'X-RAY DIFFRACTION' ? 
r_symmetry_metal_ion_refined ?      ?      ? ?    'X-RAY DIFFRACTION' ? 
r_symmetry_metal_ion_other   ?      ?      ? ?    'X-RAY DIFFRACTION' ? 
r_mcbond_it                  0.966  1.500  ? 899  'X-RAY DIFFRACTION' ? 
r_mcbond_other               ?      ?      ? ?    'X-RAY DIFFRACTION' ? 
r_mcangle_it                 1.817  2.000  ? 1456 'X-RAY DIFFRACTION' ? 
r_mcangle_other              ?      ?      ? ?    'X-RAY DIFFRACTION' ? 
r_scbond_it                  1.926  3.000  ? 591  'X-RAY DIFFRACTION' ? 
r_scbond_other               ?      ?      ? ?    'X-RAY DIFFRACTION' ? 
r_scangle_it                 3.223  4.500  ? 547  'X-RAY DIFFRACTION' ? 
r_scangle_other              ?      ?      ? ?    'X-RAY DIFFRACTION' ? 
r_long_range_B_refined       ?      ?      ? ?    'X-RAY DIFFRACTION' ? 
r_long_range_B_other         ?      ?      ? ?    'X-RAY DIFFRACTION' ? 
r_rigid_bond_restr           ?      ?      ? ?    'X-RAY DIFFRACTION' ? 
r_sphericity_free            ?      ?      ? ?    'X-RAY DIFFRACTION' ? 
r_sphericity_bonded          ?      ?      ? ?    'X-RAY DIFFRACTION' ? 
# 
_struct_ncs_oper.id             1 
_struct_ncs_oper.code           given 
_struct_ncs_oper.details        ? 
_struct_ncs_oper.matrix[1][1]   -0.31589819 
_struct_ncs_oper.matrix[1][2]   0.93065654 
_struct_ncs_oper.matrix[1][3]   0.18477893 
_struct_ncs_oper.matrix[2][1]   0.93065654 
_struct_ncs_oper.matrix[2][2]   0.26600870 
_struct_ncs_oper.matrix[2][3]   0.25135108 
_struct_ncs_oper.matrix[3][1]   0.18477893 
_struct_ncs_oper.matrix[3][2]   0.25135108 
_struct_ncs_oper.matrix[3][3]   -0.95011051 
_struct_ncs_oper.vector[1]      -0.10687 
_struct_ncs_oper.vector[2]      -0.02129 
_struct_ncs_oper.vector[3]      0.50672 
# 
_struct.entry_id                  2VPV 
_struct.title                     'Dimerization Domain of Mif2p' 
_struct.pdbx_model_details        ? 
_struct.pdbx_CASP_flag            ? 
_struct.pdbx_model_type_details   ? 
# 
_struct_keywords.entry_id        2VPV 
_struct_keywords.pdbx_keywords   'CELL CYCLE' 
_struct_keywords.text            
;NUCLEUS, MITOSIS, CENTROMERE, CELL CYCLE, DNA-BINDING, KINETOCHORE, CELL DIVISION, PHOSPHOPROTEIN, JELLY-ROLL FOLD, DIMERIZATION DOMAIN
;
# 
loop_
_struct_asym.id 
_struct_asym.pdbx_blank_PDB_chainid_flag 
_struct_asym.pdbx_modified 
_struct_asym.entity_id 
_struct_asym.details 
A N N 1 ? 
B N N 1 ? 
C N N 2 ? 
D N N 3 ? 
E N N 3 ? 
# 
_struct_ref.id                         1 
_struct_ref.db_name                    UNP 
_struct_ref.db_code                    MIF2_YEAST 
_struct_ref.entity_id                  1 
_struct_ref.pdbx_seq_one_letter_code   ? 
_struct_ref.pdbx_align_begin           ? 
_struct_ref.pdbx_db_accession          P35201 
_struct_ref.pdbx_db_isoform            ? 
# 
loop_
_struct_ref_seq.align_id 
_struct_ref_seq.ref_id 
_struct_ref_seq.pdbx_PDB_id_code 
_struct_ref_seq.pdbx_strand_id 
_struct_ref_seq.seq_align_beg 
_struct_ref_seq.pdbx_seq_align_beg_ins_code 
_struct_ref_seq.seq_align_end 
_struct_ref_seq.pdbx_seq_align_end_ins_code 
_struct_ref_seq.pdbx_db_accession 
_struct_ref_seq.db_align_beg 
_struct_ref_seq.pdbx_db_align_beg_ins_code 
_struct_ref_seq.db_align_end 
_struct_ref_seq.pdbx_db_align_end_ins_code 
_struct_ref_seq.pdbx_auth_seq_align_beg 
_struct_ref_seq.pdbx_auth_seq_align_end 
1 1 2VPV A 1 ? 166 ? P35201 365 ? 530 ? 365 530 
2 1 2VPV B 1 ? 166 ? P35201 365 ? 530 ? 365 530 
# 
_pdbx_struct_assembly.id                   1 
_pdbx_struct_assembly.details              author_and_software_defined_assembly 
_pdbx_struct_assembly.method_details       PQS 
_pdbx_struct_assembly.oligomeric_details   hexameric 
_pdbx_struct_assembly.oligomeric_count     6 
# 
loop_
_pdbx_struct_assembly_prop.biol_id 
_pdbx_struct_assembly_prop.type 
_pdbx_struct_assembly_prop.value 
_pdbx_struct_assembly_prop.details 
1 'ABSA (A^2)' 12540 ? 
1 MORE         -76   ? 
1 'SSA (A^2)'  31250 ? 
# 
_pdbx_struct_assembly_gen.assembly_id       1 
_pdbx_struct_assembly_gen.oper_expression   1,2,3 
_pdbx_struct_assembly_gen.asym_id_list      A,B,C,D,E 
# 
loop_
_pdbx_struct_oper_list.id 
_pdbx_struct_oper_list.type 
_pdbx_struct_oper_list.name 
_pdbx_struct_oper_list.symmetry_operation 
_pdbx_struct_oper_list.matrix[1][1] 
_pdbx_struct_oper_list.matrix[1][2] 
_pdbx_struct_oper_list.matrix[1][3] 
_pdbx_struct_oper_list.vector[1] 
_pdbx_struct_oper_list.matrix[2][1] 
_pdbx_struct_oper_list.matrix[2][2] 
_pdbx_struct_oper_list.matrix[2][3] 
_pdbx_struct_oper_list.vector[2] 
_pdbx_struct_oper_list.matrix[3][1] 
_pdbx_struct_oper_list.matrix[3][2] 
_pdbx_struct_oper_list.matrix[3][3] 
_pdbx_struct_oper_list.vector[3] 
1 'identity operation'         1_555 x,y,z 1.0000000000 0.0000000000  0.0000000000  0.0000000000   0.0000000000  1.0000000000  0.0000000000  0.0000000000   0.0000000000  0.0000000000  1.0000000000  0.0000000000   
2 'crystal symmetry operation' 5_555 z,x,y 0.3129724786 -0.0138927995 -0.9496605803 -11.9268916830 -0.9255978133 -0.2285754946 -0.3016984112 -33.6809548856 -0.2128777014 0.9734270560  -0.0843969839 10.5376930380  
3 'crystal symmetry operation' 9_555 y,z,x 0.3129724786 -0.9255978133 -0.2128777014 -25.1989894671 -0.0138927995 -0.2285754946 0.9734270560  -18.1220143492 -0.9496605803 -0.3016984112 -0.0843969839 -20.5986399442 
# 
_struct_biol.id   1 
# 
_struct_conf.conf_type_id            HELX_P 
_struct_conf.id                      HELX_P1 
_struct_conf.pdbx_PDB_helix_id       1 
_struct_conf.beg_label_comp_id       ILE 
_struct_conf.beg_label_asym_id       A 
_struct_conf.beg_label_seq_id        98 
_struct_conf.pdbx_beg_PDB_ins_code   ? 
_struct_conf.end_label_comp_id       LYS 
_struct_conf.end_label_asym_id       A 
_struct_conf.end_label_seq_id        102 
_struct_conf.pdbx_end_PDB_ins_code   ? 
_struct_conf.beg_auth_comp_id        ILE 
_struct_conf.beg_auth_asym_id        A 
_struct_conf.beg_auth_seq_id         462 
_struct_conf.end_auth_comp_id        LYS 
_struct_conf.end_auth_asym_id        A 
_struct_conf.end_auth_seq_id         466 
_struct_conf.pdbx_PDB_helix_class    5 
_struct_conf.details                 ? 
_struct_conf.pdbx_PDB_helix_length   5 
# 
_struct_conf_type.id          HELX_P 
_struct_conf_type.criteria    ? 
_struct_conf_type.reference   ? 
# 
_struct_conn.id                            disulf1 
_struct_conn.conn_type_id                  disulf 
_struct_conn.pdbx_leaving_atom_flag        ? 
_struct_conn.pdbx_PDB_id                   ? 
_struct_conn.ptnr1_label_asym_id           A 
_struct_conn.ptnr1_label_comp_id           CYS 
_struct_conn.ptnr1_label_seq_id            126 
_struct_conn.ptnr1_label_atom_id           SG 
_struct_conn.pdbx_ptnr1_label_alt_id       ? 
_struct_conn.pdbx_ptnr1_PDB_ins_code       ? 
_struct_conn.pdbx_ptnr1_standard_comp_id   ? 
_struct_conn.ptnr1_symmetry                1_555 
_struct_conn.ptnr2_label_asym_id           B 
_struct_conn.ptnr2_label_comp_id           CYS 
_struct_conn.ptnr2_label_seq_id            126 
_struct_conn.ptnr2_label_atom_id           SG 
_struct_conn.pdbx_ptnr2_label_alt_id       ? 
_struct_conn.pdbx_ptnr2_PDB_ins_code       ? 
_struct_conn.ptnr1_auth_asym_id            A 
_struct_conn.ptnr1_auth_comp_id            CYS 
_struct_conn.ptnr1_auth_seq_id             490 
_struct_conn.ptnr2_auth_asym_id            B 
_struct_conn.ptnr2_auth_comp_id            CYS 
_struct_conn.ptnr2_auth_seq_id             490 
_struct_conn.ptnr2_symmetry                9_555 
_struct_conn.pdbx_ptnr3_label_atom_id      ? 
_struct_conn.pdbx_ptnr3_label_seq_id       ? 
_struct_conn.pdbx_ptnr3_label_comp_id      ? 
_struct_conn.pdbx_ptnr3_label_asym_id      ? 
_struct_conn.pdbx_ptnr3_label_alt_id       ? 
_struct_conn.pdbx_ptnr3_PDB_ins_code       ? 
_struct_conn.details                       ? 
_struct_conn.pdbx_dist_value               2.055 
_struct_conn.pdbx_value_order              ? 
_struct_conn.pdbx_role                     ? 
# 
_struct_conn_type.id          disulf 
_struct_conn_type.criteria    ? 
_struct_conn_type.reference   ? 
# 
_pdbx_modification_feature.ordinal                            1 
_pdbx_modification_feature.label_comp_id                      CYS 
_pdbx_modification_feature.label_asym_id                      A 
_pdbx_modification_feature.label_seq_id                       126 
_pdbx_modification_feature.label_alt_id                       ? 
_pdbx_modification_feature.modified_residue_label_comp_id     CYS 
_pdbx_modification_feature.modified_residue_label_asym_id     B 
_pdbx_modification_feature.modified_residue_label_seq_id      126 
_pdbx_modification_feature.modified_residue_label_alt_id      ? 
_pdbx_modification_feature.auth_comp_id                       CYS 
_pdbx_modification_feature.auth_asym_id                       A 
_pdbx_modification_feature.auth_seq_id                        490 
_pdbx_modification_feature.PDB_ins_code                       ? 
_pdbx_modification_feature.symmetry                           1_555 
_pdbx_modification_feature.modified_residue_auth_comp_id      CYS 
_pdbx_modification_feature.modified_residue_auth_asym_id      B 
_pdbx_modification_feature.modified_residue_auth_seq_id       490 
_pdbx_modification_feature.modified_residue_PDB_ins_code      ? 
_pdbx_modification_feature.modified_residue_symmetry          9_555 
_pdbx_modification_feature.comp_id_linking_atom               SG 
_pdbx_modification_feature.modified_residue_id_linking_atom   SG 
_pdbx_modification_feature.modified_residue_id                . 
_pdbx_modification_feature.ref_pcm_id                         . 
_pdbx_modification_feature.ref_comp_id                        . 
_pdbx_modification_feature.type                               None 
_pdbx_modification_feature.category                           'Disulfide bridge' 
# 
loop_
_struct_sheet.id 
_struct_sheet.type 
_struct_sheet.number_strands 
_struct_sheet.details 
AA ? 5 ? 
AB ? 4 ? 
BA ? 5 ? 
BB ? 4 ? 
# 
loop_
_struct_sheet_order.sheet_id 
_struct_sheet_order.range_id_1 
_struct_sheet_order.range_id_2 
_struct_sheet_order.offset 
_struct_sheet_order.sense 
AA 1 2 ? anti-parallel 
AA 2 3 ? anti-parallel 
AA 3 4 ? anti-parallel 
AA 4 5 ? anti-parallel 
AB 1 2 ? anti-parallel 
AB 2 3 ? anti-parallel 
AB 3 4 ? anti-parallel 
BA 1 2 ? anti-parallel 
BA 2 3 ? anti-parallel 
BA 3 4 ? anti-parallel 
BA 4 5 ? anti-parallel 
BB 1 2 ? anti-parallel 
BB 2 3 ? anti-parallel 
BB 3 4 ? anti-parallel 
# 
loop_
_struct_sheet_range.sheet_id 
_struct_sheet_range.id 
_struct_sheet_range.beg_label_comp_id 
_struct_sheet_range.beg_label_asym_id 
_struct_sheet_range.beg_label_seq_id 
_struct_sheet_range.pdbx_beg_PDB_ins_code 
_struct_sheet_range.end_label_comp_id 
_struct_sheet_range.end_label_asym_id 
_struct_sheet_range.end_label_seq_id 
_struct_sheet_range.pdbx_end_PDB_ins_code 
_struct_sheet_range.beg_auth_comp_id 
_struct_sheet_range.beg_auth_asym_id 
_struct_sheet_range.beg_auth_seq_id 
_struct_sheet_range.end_auth_comp_id 
_struct_sheet_range.end_auth_asym_id 
_struct_sheet_range.end_auth_seq_id 
AA 1 ILE A 79  ? MET A 80  ? ILE A 443 MET A 444 
AA 2 ALA A 89  ? LEU A 95  ? ALA A 453 LEU A 459 
AA 3 ALA A 156 ? THR A 164 ? ALA A 520 THR A 528 
AA 4 THR A 110 ? GLN A 118 ? THR A 474 GLN A 482 
AA 5 THR A 137 ? ILE A 140 ? THR A 501 ILE A 504 
AB 1 LYS A 103 ? ASN A 106 ? LYS A 467 ASN A 470 
AB 2 GLU A 145 ? ASN A 150 ? GLU A 509 ASN A 514 
AB 3 ILE A 120 ? VAL A 125 ? ILE A 484 VAL A 489 
AB 4 ASN A 128 ? VAL A 133 ? ASN A 492 VAL A 497 
BA 1 ALA B 76  ? MET B 80  ? ALA B 440 MET B 444 
BA 2 ALA B 89  ? LEU B 95  ? ALA B 453 LEU B 459 
BA 3 ALA B 156 ? THR B 164 ? ALA B 520 THR B 528 
BA 4 THR B 110 ? GLN B 118 ? THR B 474 GLN B 482 
BA 5 THR B 137 ? ILE B 140 ? THR B 501 ILE B 504 
BB 1 LYS B 102 ? LEU B 104 ? LYS B 466 LEU B 468 
BB 2 TYR B 146 ? ASN B 150 ? TYR B 510 ASN B 514 
BB 3 ILE B 120 ? VAL B 125 ? ILE B 484 VAL B 489 
BB 4 ASN B 128 ? VAL B 133 ? ASN B 492 VAL B 497 
# 
loop_
_pdbx_struct_sheet_hbond.sheet_id 
_pdbx_struct_sheet_hbond.range_id_1 
_pdbx_struct_sheet_hbond.range_id_2 
_pdbx_struct_sheet_hbond.range_1_label_atom_id 
_pdbx_struct_sheet_hbond.range_1_label_comp_id 
_pdbx_struct_sheet_hbond.range_1_label_asym_id 
_pdbx_struct_sheet_hbond.range_1_label_seq_id 
_pdbx_struct_sheet_hbond.range_1_PDB_ins_code 
_pdbx_struct_sheet_hbond.range_1_auth_atom_id 
_pdbx_struct_sheet_hbond.range_1_auth_comp_id 
_pdbx_struct_sheet_hbond.range_1_auth_asym_id 
_pdbx_struct_sheet_hbond.range_1_auth_seq_id 
_pdbx_struct_sheet_hbond.range_2_label_atom_id 
_pdbx_struct_sheet_hbond.range_2_label_comp_id 
_pdbx_struct_sheet_hbond.range_2_label_asym_id 
_pdbx_struct_sheet_hbond.range_2_label_seq_id 
_pdbx_struct_sheet_hbond.range_2_PDB_ins_code 
_pdbx_struct_sheet_hbond.range_2_auth_atom_id 
_pdbx_struct_sheet_hbond.range_2_auth_comp_id 
_pdbx_struct_sheet_hbond.range_2_auth_asym_id 
_pdbx_struct_sheet_hbond.range_2_auth_seq_id 
AA 1 2 N MET A 80  ? N MET A 444 O SER A 90  ? O SER A 454 
AA 2 3 N LEU A 95  ? N LEU A 459 O ALA A 156 ? O ALA A 520 
AA 3 4 N VAL A 163 ? N VAL A 527 O TYR A 111 ? O TYR A 475 
AA 4 5 N PHE A 114 ? N PHE A 478 O PHE A 138 ? O PHE A 502 
AB 1 2 N SER A 105 ? N SER A 469 O TYR A 146 ? O TYR A 510 
AB 2 3 N ALA A 149 ? N ALA A 513 O GLU A 122 ? O GLU A 486 
AB 3 4 N VAL A 125 ? N VAL A 489 O ASN A 128 ? O ASN A 492 
BA 1 2 N MET B 80  ? N MET B 444 O SER B 90  ? O SER B 454 
BA 2 3 N LEU B 95  ? N LEU B 459 O ALA B 156 ? O ALA B 520 
BA 3 4 N VAL B 163 ? N VAL B 527 O TYR B 111 ? O TYR B 475 
BA 4 5 N PHE B 114 ? N PHE B 478 O PHE B 138 ? O PHE B 502 
BB 1 2 N LYS B 103 ? N LYS B 467 O ILE B 148 ? O ILE B 512 
BB 2 3 N ALA B 149 ? N ALA B 513 O GLU B 122 ? O GLU B 486 
BB 3 4 N VAL B 125 ? N VAL B 489 O ASN B 128 ? O ASN B 492 
# 
_struct_site.id                   AC1 
_struct_site.pdbx_evidence_code   Software 
_struct_site.pdbx_auth_asym_id    ? 
_struct_site.pdbx_auth_comp_id    ? 
_struct_site.pdbx_auth_seq_id     ? 
_struct_site.pdbx_auth_ins_code   ? 
_struct_site.pdbx_num_residues    1 
_struct_site.details              'BINDING SITE FOR RESIDUE SO4 A1531' 
# 
_struct_site_gen.id                   1 
_struct_site_gen.site_id              AC1 
_struct_site_gen.pdbx_num_res         1 
_struct_site_gen.label_comp_id        ARG 
_struct_site_gen.label_asym_id        A 
_struct_site_gen.label_seq_id         151 
_struct_site_gen.pdbx_auth_ins_code   ? 
_struct_site_gen.auth_comp_id         ARG 
_struct_site_gen.auth_asym_id         A 
_struct_site_gen.auth_seq_id          515 
_struct_site_gen.label_atom_id        . 
_struct_site_gen.label_alt_id         ? 
_struct_site_gen.symmetry             1_555 
_struct_site_gen.details              ? 
# 
_pdbx_entry_details.entry_id                   2VPV 
_pdbx_entry_details.compound_details           ? 
_pdbx_entry_details.source_details             ? 
_pdbx_entry_details.nonpolymer_details         ? 
_pdbx_entry_details.sequence_details           ? 
_pdbx_entry_details.has_ligand_of_interest     ? 
_pdbx_entry_details.has_protein_modification   Y 
# 
loop_
_pdbx_validate_close_contact.id 
_pdbx_validate_close_contact.PDB_model_num 
_pdbx_validate_close_contact.auth_atom_id_1 
_pdbx_validate_close_contact.auth_asym_id_1 
_pdbx_validate_close_contact.auth_comp_id_1 
_pdbx_validate_close_contact.auth_seq_id_1 
_pdbx_validate_close_contact.PDB_ins_code_1 
_pdbx_validate_close_contact.label_alt_id_1 
_pdbx_validate_close_contact.auth_atom_id_2 
_pdbx_validate_close_contact.auth_asym_id_2 
_pdbx_validate_close_contact.auth_comp_id_2 
_pdbx_validate_close_contact.auth_seq_id_2 
_pdbx_validate_close_contact.PDB_ins_code_2 
_pdbx_validate_close_contact.label_alt_id_2 
_pdbx_validate_close_contact.dist 
1 1 O  B PRO 460 ? ? CB  B GLN 465 ? ? 1.90 
2 1 CB B ALA 461 ? ? ND2 B ASN 514 ? ? 2.12 
# 
_pdbx_validate_symm_contact.id                1 
_pdbx_validate_symm_contact.PDB_model_num     1 
_pdbx_validate_symm_contact.auth_atom_id_1    OH 
_pdbx_validate_symm_contact.auth_asym_id_1    A 
_pdbx_validate_symm_contact.auth_comp_id_1    TYR 
_pdbx_validate_symm_contact.auth_seq_id_1     475 
_pdbx_validate_symm_contact.PDB_ins_code_1    ? 
_pdbx_validate_symm_contact.label_alt_id_1    ? 
_pdbx_validate_symm_contact.site_symmetry_1   1_555 
_pdbx_validate_symm_contact.auth_atom_id_2    OH 
_pdbx_validate_symm_contact.auth_asym_id_2    B 
_pdbx_validate_symm_contact.auth_comp_id_2    TYR 
_pdbx_validate_symm_contact.auth_seq_id_2     475 
_pdbx_validate_symm_contact.PDB_ins_code_2    ? 
_pdbx_validate_symm_contact.label_alt_id_2    ? 
_pdbx_validate_symm_contact.site_symmetry_2   9_555 
_pdbx_validate_symm_contact.dist              2.11 
# 
loop_
_pdbx_validate_rmsd_bond.id 
_pdbx_validate_rmsd_bond.PDB_model_num 
_pdbx_validate_rmsd_bond.auth_atom_id_1 
_pdbx_validate_rmsd_bond.auth_asym_id_1 
_pdbx_validate_rmsd_bond.auth_comp_id_1 
_pdbx_validate_rmsd_bond.auth_seq_id_1 
_pdbx_validate_rmsd_bond.PDB_ins_code_1 
_pdbx_validate_rmsd_bond.label_alt_id_1 
_pdbx_validate_rmsd_bond.auth_atom_id_2 
_pdbx_validate_rmsd_bond.auth_asym_id_2 
_pdbx_validate_rmsd_bond.auth_comp_id_2 
_pdbx_validate_rmsd_bond.auth_seq_id_2 
_pdbx_validate_rmsd_bond.PDB_ins_code_2 
_pdbx_validate_rmsd_bond.label_alt_id_2 
_pdbx_validate_rmsd_bond.bond_value 
_pdbx_validate_rmsd_bond.bond_target_value 
_pdbx_validate_rmsd_bond.bond_deviation 
_pdbx_validate_rmsd_bond.bond_standard_deviation 
_pdbx_validate_rmsd_bond.linker_flag 
1 1 C A SER 463 ? ? N A GLY 464 ? ? 1.505 1.336 0.169  0.023 Y 
2 1 C B GLN 465 ? ? N B LYS 466 ? ? 1.078 1.336 -0.258 0.023 Y 
# 
loop_
_pdbx_validate_rmsd_angle.id 
_pdbx_validate_rmsd_angle.PDB_model_num 
_pdbx_validate_rmsd_angle.auth_atom_id_1 
_pdbx_validate_rmsd_angle.auth_asym_id_1 
_pdbx_validate_rmsd_angle.auth_comp_id_1 
_pdbx_validate_rmsd_angle.auth_seq_id_1 
_pdbx_validate_rmsd_angle.PDB_ins_code_1 
_pdbx_validate_rmsd_angle.label_alt_id_1 
_pdbx_validate_rmsd_angle.auth_atom_id_2 
_pdbx_validate_rmsd_angle.auth_asym_id_2 
_pdbx_validate_rmsd_angle.auth_comp_id_2 
_pdbx_validate_rmsd_angle.auth_seq_id_2 
_pdbx_validate_rmsd_angle.PDB_ins_code_2 
_pdbx_validate_rmsd_angle.label_alt_id_2 
_pdbx_validate_rmsd_angle.auth_atom_id_3 
_pdbx_validate_rmsd_angle.auth_asym_id_3 
_pdbx_validate_rmsd_angle.auth_comp_id_3 
_pdbx_validate_rmsd_angle.auth_seq_id_3 
_pdbx_validate_rmsd_angle.PDB_ins_code_3 
_pdbx_validate_rmsd_angle.label_alt_id_3 
_pdbx_validate_rmsd_angle.angle_value 
_pdbx_validate_rmsd_angle.angle_target_value 
_pdbx_validate_rmsd_angle.angle_deviation 
_pdbx_validate_rmsd_angle.angle_standard_deviation 
_pdbx_validate_rmsd_angle.linker_flag 
1 1 N  A GLU 442 ? ? CA A GLU 442 ? ? C  A GLU 442 ? ? 93.65  111.00 -17.35 2.70 N 
2 1 O  B ILE 462 ? ? C  B ILE 462 ? ? N  B SER 463 ? ? 111.15 122.70 -11.55 1.60 Y 
3 1 CA B GLN 465 ? ? C  B GLN 465 ? ? N  B LYS 466 ? ? 136.84 117.20 19.64  2.20 Y 
4 1 O  B GLN 465 ? ? C  B GLN 465 ? ? N  B LYS 466 ? ? 102.34 122.70 -20.36 1.60 Y 
5 1 C  B GLN 465 ? ? N  B LYS 466 ? ? CA B LYS 466 ? ? 155.92 121.70 34.22  2.50 Y 
# 
loop_
_pdbx_validate_torsion.id 
_pdbx_validate_torsion.PDB_model_num 
_pdbx_validate_torsion.auth_comp_id 
_pdbx_validate_torsion.auth_asym_id 
_pdbx_validate_torsion.auth_seq_id 
_pdbx_validate_torsion.PDB_ins_code 
_pdbx_validate_torsion.label_alt_id 
_pdbx_validate_torsion.phi 
_pdbx_validate_torsion.psi 
1  1 LEU A 441 ? ? 175.68  -179.56 
2  1 GLU A 442 ? ? -157.34 67.56   
3  1 PHE A 445 ? ? -162.73 108.97  
4  1 SER A 463 ? ? -60.37  6.88    
5  1 LYS A 466 ? ? -34.89  143.25  
6  1 PHE A 472 ? ? 52.61   -130.58 
7  1 ARG A 473 ? ? -96.49  45.98   
8  1 CYS A 490 ? ? 42.63   -117.25 
9  1 LYS A 491 ? ? -114.55 57.31   
10 1 ILE B 462 ? ? -106.61 -113.93 
11 1 PHE B 472 ? ? -122.20 -102.78 
12 1 ARG B 473 ? ? -85.82  41.59   
13 1 CYS B 490 ? ? 53.60   -126.69 
14 1 LYS B 498 ? ? -39.21  128.69  
# 
loop_
_pdbx_validate_peptide_omega.id 
_pdbx_validate_peptide_omega.PDB_model_num 
_pdbx_validate_peptide_omega.auth_comp_id_1 
_pdbx_validate_peptide_omega.auth_asym_id_1 
_pdbx_validate_peptide_omega.auth_seq_id_1 
_pdbx_validate_peptide_omega.PDB_ins_code_1 
_pdbx_validate_peptide_omega.label_alt_id_1 
_pdbx_validate_peptide_omega.auth_comp_id_2 
_pdbx_validate_peptide_omega.auth_asym_id_2 
_pdbx_validate_peptide_omega.auth_seq_id_2 
_pdbx_validate_peptide_omega.PDB_ins_code_2 
_pdbx_validate_peptide_omega.label_alt_id_2 
_pdbx_validate_peptide_omega.omega 
1 1 LEU A 441 ? ? GLU A 442 ? ? -48.14  
2 1 GLN A 465 ? ? LYS A 466 ? ? 144.44  
3 1 PRO B 460 ? ? ALA B 461 ? ? -146.20 
4 1 ALA B 461 ? ? ILE B 462 ? ? 121.18  
5 1 ILE B 462 ? ? SER B 463 ? ? -145.75 
6 1 SER B 463 ? ? GLY B 464 ? ? 83.69   
7 1 GLY B 464 ? ? GLN B 465 ? ? 85.79   
8 1 GLN B 465 ? ? LYS B 466 ? ? -131.70 
# 
_pdbx_validate_chiral.id              1 
_pdbx_validate_chiral.PDB_model_num   1 
_pdbx_validate_chiral.auth_atom_id    CA 
_pdbx_validate_chiral.label_alt_id    ? 
_pdbx_validate_chiral.auth_asym_id    B 
_pdbx_validate_chiral.auth_comp_id    GLN 
_pdbx_validate_chiral.auth_seq_id     465 
_pdbx_validate_chiral.PDB_ins_code    ? 
_pdbx_validate_chiral.details         'WRONG HAND' 
_pdbx_validate_chiral.omega           . 
# 
loop_
_pdbx_validate_main_chain_plane.id 
_pdbx_validate_main_chain_plane.PDB_model_num 
_pdbx_validate_main_chain_plane.auth_comp_id 
_pdbx_validate_main_chain_plane.auth_asym_id 
_pdbx_validate_main_chain_plane.auth_seq_id 
_pdbx_validate_main_chain_plane.PDB_ins_code 
_pdbx_validate_main_chain_plane.label_alt_id 
_pdbx_validate_main_chain_plane.improper_torsion_angle 
1 1 SER A 463 ? ? -20.50 
2 1 ILE B 462 ? ? -21.20 
# 
_pdbx_validate_polymer_linkage.id               1 
_pdbx_validate_polymer_linkage.PDB_model_num    1 
_pdbx_validate_polymer_linkage.auth_atom_id_1   C 
_pdbx_validate_polymer_linkage.auth_asym_id_1   B 
_pdbx_validate_polymer_linkage.auth_comp_id_1   GLN 
_pdbx_validate_polymer_linkage.auth_seq_id_1    465 
_pdbx_validate_polymer_linkage.PDB_ins_code_1   ? 
_pdbx_validate_polymer_linkage.label_alt_id_1   ? 
_pdbx_validate_polymer_linkage.auth_atom_id_2   N 
_pdbx_validate_polymer_linkage.auth_asym_id_2   B 
_pdbx_validate_polymer_linkage.auth_comp_id_2   LYS 
_pdbx_validate_polymer_linkage.auth_seq_id_2    466 
_pdbx_validate_polymer_linkage.PDB_ins_code_2   ? 
_pdbx_validate_polymer_linkage.label_alt_id_2   ? 
_pdbx_validate_polymer_linkage.dist             1.08 
# 
_pdbx_struct_special_symmetry.id              1 
_pdbx_struct_special_symmetry.PDB_model_num   1 
_pdbx_struct_special_symmetry.auth_asym_id    A 
_pdbx_struct_special_symmetry.auth_comp_id    SO4 
_pdbx_struct_special_symmetry.auth_seq_id     1531 
_pdbx_struct_special_symmetry.PDB_ins_code    ? 
_pdbx_struct_special_symmetry.label_asym_id   C 
_pdbx_struct_special_symmetry.label_comp_id   SO4 
_pdbx_struct_special_symmetry.label_seq_id    . 
# 
loop_
_pdbx_refine_tls.pdbx_refine_id 
_pdbx_refine_tls.id 
_pdbx_refine_tls.details 
_pdbx_refine_tls.method 
_pdbx_refine_tls.origin_x 
_pdbx_refine_tls.origin_y 
_pdbx_refine_tls.origin_z 
_pdbx_refine_tls.T[1][1] 
_pdbx_refine_tls.T[2][2] 
_pdbx_refine_tls.T[3][3] 
_pdbx_refine_tls.T[1][2] 
_pdbx_refine_tls.T[1][3] 
_pdbx_refine_tls.T[2][3] 
_pdbx_refine_tls.L[1][1] 
_pdbx_refine_tls.L[2][2] 
_pdbx_refine_tls.L[3][3] 
_pdbx_refine_tls.L[1][2] 
_pdbx_refine_tls.L[1][3] 
_pdbx_refine_tls.L[2][3] 
_pdbx_refine_tls.S[1][1] 
_pdbx_refine_tls.S[1][2] 
_pdbx_refine_tls.S[1][3] 
_pdbx_refine_tls.S[2][1] 
_pdbx_refine_tls.S[2][2] 
_pdbx_refine_tls.S[2][3] 
_pdbx_refine_tls.S[3][1] 
_pdbx_refine_tls.S[3][2] 
_pdbx_refine_tls.S[3][3] 
'X-RAY DIFFRACTION' 1 ? refined 0.2918   0.6797  -9.9162  -0.0635 -0.0731 0.0547 0.0108 0.0461  -0.0062 0.5587 4.9782 2.1969 -0.1536 0.0114 -0.9583 -0.0176 0.0470 0.0073 -0.2338 -0.1467 -0.2814 -0.0459 0.1022  0.1643 
'X-RAY DIFFRACTION' 2 ? refined -25.7077 -8.1272 -19.5064 -0.0182 0.0019  0.0785 0.0311 -0.0907 0.0422  2.7318 2.6245 4.5542 0.6030  0.3804 -0.3933 -0.2507 0.0451 0.4551 -0.2993 0.2276  0.5019  -0.4762 -0.2226 0.0231 
# 
loop_
_pdbx_refine_tls_group.pdbx_refine_id 
_pdbx_refine_tls_group.id 
_pdbx_refine_tls_group.refine_tls_id 
_pdbx_refine_tls_group.beg_auth_asym_id 
_pdbx_refine_tls_group.beg_auth_seq_id 
_pdbx_refine_tls_group.beg_label_asym_id 
_pdbx_refine_tls_group.beg_label_seq_id 
_pdbx_refine_tls_group.end_auth_asym_id 
_pdbx_refine_tls_group.end_auth_seq_id 
_pdbx_refine_tls_group.end_label_asym_id 
_pdbx_refine_tls_group.end_label_seq_id 
_pdbx_refine_tls_group.selection 
_pdbx_refine_tls_group.selection_details 
'X-RAY DIFFRACTION' 1 1 A 437 ? ? A 530 ? ? ? ? 
'X-RAY DIFFRACTION' 2 2 B 439 ? ? B 530 ? ? ? ? 
# 
loop_
_pdbx_unobs_or_zero_occ_residues.id 
_pdbx_unobs_or_zero_occ_residues.PDB_model_num 
_pdbx_unobs_or_zero_occ_residues.polymer_flag 
_pdbx_unobs_or_zero_occ_residues.occupancy_flag 
_pdbx_unobs_or_zero_occ_residues.auth_asym_id 
_pdbx_unobs_or_zero_occ_residues.auth_comp_id 
_pdbx_unobs_or_zero_occ_residues.auth_seq_id 
_pdbx_unobs_or_zero_occ_residues.PDB_ins_code 
_pdbx_unobs_or_zero_occ_residues.label_asym_id 
_pdbx_unobs_or_zero_occ_residues.label_comp_id 
_pdbx_unobs_or_zero_occ_residues.label_seq_id 
1   1 Y 1 A ASP 365 ? A ASP 1   
2   1 Y 1 A PRO 366 ? A PRO 2   
3   1 Y 1 A ASN 367 ? A ASN 3   
4   1 Y 1 A ALA 368 ? A ALA 4   
5   1 Y 1 A LYS 369 ? A LYS 5   
6   1 Y 1 A GLU 370 ? A GLU 6   
7   1 Y 1 A ASN 371 ? A ASN 7   
8   1 Y 1 A LEU 372 ? A LEU 8   
9   1 Y 1 A ILE 373 ? A ILE 9   
10  1 Y 1 A PRO 374 ? A PRO 10  
11  1 Y 1 A GLU 375 ? A GLU 11  
12  1 Y 1 A ASP 376 ? A ASP 12  
13  1 Y 1 A PRO 377 ? A PRO 13  
14  1 Y 1 A ASN 378 ? A ASN 14  
15  1 Y 1 A GLU 379 ? A GLU 15  
16  1 Y 1 A ASP 380 ? A ASP 16  
17  1 Y 1 A ILE 381 ? A ILE 17  
18  1 Y 1 A ILE 382 ? A ILE 18  
19  1 Y 1 A GLU 383 ? A GLU 19  
20  1 Y 1 A ARG 384 ? A ARG 20  
21  1 Y 1 A ILE 385 ? A ILE 21  
22  1 Y 1 A GLU 386 ? A GLU 22  
23  1 Y 1 A SER 387 ? A SER 23  
24  1 Y 1 A GLY 388 ? A GLY 24  
25  1 Y 1 A GLY 389 ? A GLY 25  
26  1 Y 1 A ILE 390 ? A ILE 26  
27  1 Y 1 A GLU 391 ? A GLU 27  
28  1 Y 1 A ASN 392 ? A ASN 28  
29  1 Y 1 A GLY 393 ? A GLY 29  
30  1 Y 1 A GLU 394 ? A GLU 30  
31  1 Y 1 A TRP 395 ? A TRP 31  
32  1 Y 1 A LEU 396 ? A LEU 32  
33  1 Y 1 A LYS 397 ? A LYS 33  
34  1 Y 1 A HIS 398 ? A HIS 34  
35  1 Y 1 A GLY 399 ? A GLY 35  
36  1 Y 1 A ILE 400 ? A ILE 36  
37  1 Y 1 A LEU 401 ? A LEU 37  
38  1 Y 1 A GLU 402 ? A GLU 38  
39  1 Y 1 A ALA 403 ? A ALA 39  
40  1 Y 1 A ASN 404 ? A ASN 40  
41  1 Y 1 A VAL 405 ? A VAL 41  
42  1 Y 1 A LYS 406 ? A LYS 42  
43  1 Y 1 A ILE 407 ? A ILE 43  
44  1 Y 1 A SER 408 ? A SER 44  
45  1 Y 1 A ASP 409 ? A ASP 45  
46  1 Y 1 A THR 410 ? A THR 46  
47  1 Y 1 A LYS 411 ? A LYS 47  
48  1 Y 1 A GLU 412 ? A GLU 48  
49  1 Y 1 A GLU 413 ? A GLU 49  
50  1 Y 1 A THR 414 ? A THR 50  
51  1 Y 1 A LYS 415 ? A LYS 51  
52  1 Y 1 A ASP 416 ? A ASP 52  
53  1 Y 1 A GLU 417 ? A GLU 53  
54  1 Y 1 A ILE 418 ? A ILE 54  
55  1 Y 1 A ILE 419 ? A ILE 55  
56  1 Y 1 A ALA 420 ? A ALA 56  
57  1 Y 1 A PHE 421 ? A PHE 57  
58  1 Y 1 A ALA 422 ? A ALA 58  
59  1 Y 1 A PRO 423 ? A PRO 59  
60  1 Y 1 A ASN 424 ? A ASN 60  
61  1 Y 1 A LEU 425 ? A LEU 61  
62  1 Y 1 A SER 426 ? A SER 62  
63  1 Y 1 A GLN 427 ? A GLN 63  
64  1 Y 1 A THR 428 ? A THR 64  
65  1 Y 1 A GLU 429 ? A GLU 65  
66  1 Y 1 A GLN 430 ? A GLN 66  
67  1 Y 1 A VAL 431 ? A VAL 67  
68  1 Y 1 A LYS 432 ? A LYS 68  
69  1 Y 1 A ASP 433 ? A ASP 69  
70  1 Y 1 A THR 434 ? A THR 70  
71  1 Y 1 A LYS 435 ? A LYS 71  
72  1 Y 1 A ASP 436 ? A ASP 72  
73  1 Y 0 A GLY 464 ? A GLY 100 
74  1 Y 0 A GLN 465 ? A GLN 101 
75  1 Y 1 B ASP 365 ? B ASP 1   
76  1 Y 1 B PRO 366 ? B PRO 2   
77  1 Y 1 B ASN 367 ? B ASN 3   
78  1 Y 1 B ALA 368 ? B ALA 4   
79  1 Y 1 B LYS 369 ? B LYS 5   
80  1 Y 1 B GLU 370 ? B GLU 6   
81  1 Y 1 B ASN 371 ? B ASN 7   
82  1 Y 1 B LEU 372 ? B LEU 8   
83  1 Y 1 B ILE 373 ? B ILE 9   
84  1 Y 1 B PRO 374 ? B PRO 10  
85  1 Y 1 B GLU 375 ? B GLU 11  
86  1 Y 1 B ASP 376 ? B ASP 12  
87  1 Y 1 B PRO 377 ? B PRO 13  
88  1 Y 1 B ASN 378 ? B ASN 14  
89  1 Y 1 B GLU 379 ? B GLU 15  
90  1 Y 1 B ASP 380 ? B ASP 16  
91  1 Y 1 B ILE 381 ? B ILE 17  
92  1 Y 1 B ILE 382 ? B ILE 18  
93  1 Y 1 B GLU 383 ? B GLU 19  
94  1 Y 1 B ARG 384 ? B ARG 20  
95  1 Y 1 B ILE 385 ? B ILE 21  
96  1 Y 1 B GLU 386 ? B GLU 22  
97  1 Y 1 B SER 387 ? B SER 23  
98  1 Y 1 B GLY 388 ? B GLY 24  
99  1 Y 1 B GLY 389 ? B GLY 25  
100 1 Y 1 B ILE 390 ? B ILE 26  
101 1 Y 1 B GLU 391 ? B GLU 27  
102 1 Y 1 B ASN 392 ? B ASN 28  
103 1 Y 1 B GLY 393 ? B GLY 29  
104 1 Y 1 B GLU 394 ? B GLU 30  
105 1 Y 1 B TRP 395 ? B TRP 31  
106 1 Y 1 B LEU 396 ? B LEU 32  
107 1 Y 1 B LYS 397 ? B LYS 33  
108 1 Y 1 B HIS 398 ? B HIS 34  
109 1 Y 1 B GLY 399 ? B GLY 35  
110 1 Y 1 B ILE 400 ? B ILE 36  
111 1 Y 1 B LEU 401 ? B LEU 37  
112 1 Y 1 B GLU 402 ? B GLU 38  
113 1 Y 1 B ALA 403 ? B ALA 39  
114 1 Y 1 B ASN 404 ? B ASN 40  
115 1 Y 1 B VAL 405 ? B VAL 41  
116 1 Y 1 B LYS 406 ? B LYS 42  
117 1 Y 1 B ILE 407 ? B ILE 43  
118 1 Y 1 B SER 408 ? B SER 44  
119 1 Y 1 B ASP 409 ? B ASP 45  
120 1 Y 1 B THR 410 ? B THR 46  
121 1 Y 1 B LYS 411 ? B LYS 47  
122 1 Y 1 B GLU 412 ? B GLU 48  
123 1 Y 1 B GLU 413 ? B GLU 49  
124 1 Y 1 B THR 414 ? B THR 50  
125 1 Y 1 B LYS 415 ? B LYS 51  
126 1 Y 1 B ASP 416 ? B ASP 52  
127 1 Y 1 B GLU 417 ? B GLU 53  
128 1 Y 1 B ILE 418 ? B ILE 54  
129 1 Y 1 B ILE 419 ? B ILE 55  
130 1 Y 1 B ALA 420 ? B ALA 56  
131 1 Y 1 B PHE 421 ? B PHE 57  
132 1 Y 1 B ALA 422 ? B ALA 58  
133 1 Y 1 B PRO 423 ? B PRO 59  
134 1 Y 1 B ASN 424 ? B ASN 60  
135 1 Y 1 B LEU 425 ? B LEU 61  
136 1 Y 1 B SER 426 ? B SER 62  
137 1 Y 1 B GLN 427 ? B GLN 63  
138 1 Y 1 B THR 428 ? B THR 64  
139 1 Y 1 B GLU 429 ? B GLU 65  
140 1 Y 1 B GLN 430 ? B GLN 66  
141 1 Y 1 B VAL 431 ? B VAL 67  
142 1 Y 1 B LYS 432 ? B LYS 68  
143 1 Y 1 B ASP 433 ? B ASP 69  
144 1 Y 1 B THR 434 ? B THR 70  
145 1 Y 1 B LYS 435 ? B LYS 71  
146 1 Y 1 B ASP 436 ? B ASP 72  
147 1 Y 1 B GLU 437 ? B GLU 73  
148 1 Y 1 B ASN 438 ? B ASN 74  
149 1 Y 0 B SER 463 ? B SER 99  
150 1 Y 0 B GLY 464 ? B GLY 100 
151 1 Y 0 B GLN 465 ? B GLN 101 
# 
loop_
_chem_comp_atom.comp_id 
_chem_comp_atom.atom_id 
_chem_comp_atom.type_symbol 
_chem_comp_atom.pdbx_aromatic_flag 
_chem_comp_atom.pdbx_stereo_config 
_chem_comp_atom.pdbx_ordinal 
ALA N    N N N 1   
ALA CA   C N S 2   
ALA C    C N N 3   
ALA O    O N N 4   
ALA CB   C N N 5   
ALA OXT  O N N 6   
ALA H    H N N 7   
ALA H2   H N N 8   
ALA HA   H N N 9   
ALA HB1  H N N 10  
ALA HB2  H N N 11  
ALA HB3  H N N 12  
ALA HXT  H N N 13  
ARG N    N N N 14  
ARG CA   C N S 15  
ARG C    C N N 16  
ARG O    O N N 17  
ARG CB   C N N 18  
ARG CG   C N N 19  
ARG CD   C N N 20  
ARG NE   N N N 21  
ARG CZ   C N N 22  
ARG NH1  N N N 23  
ARG NH2  N N N 24  
ARG OXT  O N N 25  
ARG H    H N N 26  
ARG H2   H N N 27  
ARG HA   H N N 28  
ARG HB2  H N N 29  
ARG HB3  H N N 30  
ARG HG2  H N N 31  
ARG HG3  H N N 32  
ARG HD2  H N N 33  
ARG HD3  H N N 34  
ARG HE   H N N 35  
ARG HH11 H N N 36  
ARG HH12 H N N 37  
ARG HH21 H N N 38  
ARG HH22 H N N 39  
ARG HXT  H N N 40  
ASN N    N N N 41  
ASN CA   C N S 42  
ASN C    C N N 43  
ASN O    O N N 44  
ASN CB   C N N 45  
ASN CG   C N N 46  
ASN OD1  O N N 47  
ASN ND2  N N N 48  
ASN OXT  O N N 49  
ASN H    H N N 50  
ASN H2   H N N 51  
ASN HA   H N N 52  
ASN HB2  H N N 53  
ASN HB3  H N N 54  
ASN HD21 H N N 55  
ASN HD22 H N N 56  
ASN HXT  H N N 57  
ASP N    N N N 58  
ASP CA   C N S 59  
ASP C    C N N 60  
ASP O    O N N 61  
ASP CB   C N N 62  
ASP CG   C N N 63  
ASP OD1  O N N 64  
ASP OD2  O N N 65  
ASP OXT  O N N 66  
ASP H    H N N 67  
ASP H2   H N N 68  
ASP HA   H N N 69  
ASP HB2  H N N 70  
ASP HB3  H N N 71  
ASP HD2  H N N 72  
ASP HXT  H N N 73  
CYS N    N N N 74  
CYS CA   C N R 75  
CYS C    C N N 76  
CYS O    O N N 77  
CYS CB   C N N 78  
CYS SG   S N N 79  
CYS OXT  O N N 80  
CYS H    H N N 81  
CYS H2   H N N 82  
CYS HA   H N N 83  
CYS HB2  H N N 84  
CYS HB3  H N N 85  
CYS HG   H N N 86  
CYS HXT  H N N 87  
GLN N    N N N 88  
GLN CA   C N S 89  
GLN C    C N N 90  
GLN O    O N N 91  
GLN CB   C N N 92  
GLN CG   C N N 93  
GLN CD   C N N 94  
GLN OE1  O N N 95  
GLN NE2  N N N 96  
GLN OXT  O N N 97  
GLN H    H N N 98  
GLN H2   H N N 99  
GLN HA   H N N 100 
GLN HB2  H N N 101 
GLN HB3  H N N 102 
GLN HG2  H N N 103 
GLN HG3  H N N 104 
GLN HE21 H N N 105 
GLN HE22 H N N 106 
GLN HXT  H N N 107 
GLU N    N N N 108 
GLU CA   C N S 109 
GLU C    C N N 110 
GLU O    O N N 111 
GLU CB   C N N 112 
GLU CG   C N N 113 
GLU CD   C N N 114 
GLU OE1  O N N 115 
GLU OE2  O N N 116 
GLU OXT  O N N 117 
GLU H    H N N 118 
GLU H2   H N N 119 
GLU HA   H N N 120 
GLU HB2  H N N 121 
GLU HB3  H N N 122 
GLU HG2  H N N 123 
GLU HG3  H N N 124 
GLU HE2  H N N 125 
GLU HXT  H N N 126 
GLY N    N N N 127 
GLY CA   C N N 128 
GLY C    C N N 129 
GLY O    O N N 130 
GLY OXT  O N N 131 
GLY H    H N N 132 
GLY H2   H N N 133 
GLY HA2  H N N 134 
GLY HA3  H N N 135 
GLY HXT  H N N 136 
HIS N    N N N 137 
HIS CA   C N S 138 
HIS C    C N N 139 
HIS O    O N N 140 
HIS CB   C N N 141 
HIS CG   C Y N 142 
HIS ND1  N Y N 143 
HIS CD2  C Y N 144 
HIS CE1  C Y N 145 
HIS NE2  N Y N 146 
HIS OXT  O N N 147 
HIS H    H N N 148 
HIS H2   H N N 149 
HIS HA   H N N 150 
HIS HB2  H N N 151 
HIS HB3  H N N 152 
HIS HD1  H N N 153 
HIS HD2  H N N 154 
HIS HE1  H N N 155 
HIS HE2  H N N 156 
HIS HXT  H N N 157 
HOH O    O N N 158 
HOH H1   H N N 159 
HOH H2   H N N 160 
ILE N    N N N 161 
ILE CA   C N S 162 
ILE C    C N N 163 
ILE O    O N N 164 
ILE CB   C N S 165 
ILE CG1  C N N 166 
ILE CG2  C N N 167 
ILE CD1  C N N 168 
ILE OXT  O N N 169 
ILE H    H N N 170 
ILE H2   H N N 171 
ILE HA   H N N 172 
ILE HB   H N N 173 
ILE HG12 H N N 174 
ILE HG13 H N N 175 
ILE HG21 H N N 176 
ILE HG22 H N N 177 
ILE HG23 H N N 178 
ILE HD11 H N N 179 
ILE HD12 H N N 180 
ILE HD13 H N N 181 
ILE HXT  H N N 182 
LEU N    N N N 183 
LEU CA   C N S 184 
LEU C    C N N 185 
LEU O    O N N 186 
LEU CB   C N N 187 
LEU CG   C N N 188 
LEU CD1  C N N 189 
LEU CD2  C N N 190 
LEU OXT  O N N 191 
LEU H    H N N 192 
LEU H2   H N N 193 
LEU HA   H N N 194 
LEU HB2  H N N 195 
LEU HB3  H N N 196 
LEU HG   H N N 197 
LEU HD11 H N N 198 
LEU HD12 H N N 199 
LEU HD13 H N N 200 
LEU HD21 H N N 201 
LEU HD22 H N N 202 
LEU HD23 H N N 203 
LEU HXT  H N N 204 
LYS N    N N N 205 
LYS CA   C N S 206 
LYS C    C N N 207 
LYS O    O N N 208 
LYS CB   C N N 209 
LYS CG   C N N 210 
LYS CD   C N N 211 
LYS CE   C N N 212 
LYS NZ   N N N 213 
LYS OXT  O N N 214 
LYS H    H N N 215 
LYS H2   H N N 216 
LYS HA   H N N 217 
LYS HB2  H N N 218 
LYS HB3  H N N 219 
LYS HG2  H N N 220 
LYS HG3  H N N 221 
LYS HD2  H N N 222 
LYS HD3  H N N 223 
LYS HE2  H N N 224 
LYS HE3  H N N 225 
LYS HZ1  H N N 226 
LYS HZ2  H N N 227 
LYS HZ3  H N N 228 
LYS HXT  H N N 229 
MET N    N N N 230 
MET CA   C N S 231 
MET C    C N N 232 
MET O    O N N 233 
MET CB   C N N 234 
MET CG   C N N 235 
MET SD   S N N 236 
MET CE   C N N 237 
MET OXT  O N N 238 
MET H    H N N 239 
MET H2   H N N 240 
MET HA   H N N 241 
MET HB2  H N N 242 
MET HB3  H N N 243 
MET HG2  H N N 244 
MET HG3  H N N 245 
MET HE1  H N N 246 
MET HE2  H N N 247 
MET HE3  H N N 248 
MET HXT  H N N 249 
PHE N    N N N 250 
PHE CA   C N S 251 
PHE C    C N N 252 
PHE O    O N N 253 
PHE CB   C N N 254 
PHE CG   C Y N 255 
PHE CD1  C Y N 256 
PHE CD2  C Y N 257 
PHE CE1  C Y N 258 
PHE CE2  C Y N 259 
PHE CZ   C Y N 260 
PHE OXT  O N N 261 
PHE H    H N N 262 
PHE H2   H N N 263 
PHE HA   H N N 264 
PHE HB2  H N N 265 
PHE HB3  H N N 266 
PHE HD1  H N N 267 
PHE HD2  H N N 268 
PHE HE1  H N N 269 
PHE HE2  H N N 270 
PHE HZ   H N N 271 
PHE HXT  H N N 272 
PRO N    N N N 273 
PRO CA   C N S 274 
PRO C    C N N 275 
PRO O    O N N 276 
PRO CB   C N N 277 
PRO CG   C N N 278 
PRO CD   C N N 279 
PRO OXT  O N N 280 
PRO H    H N N 281 
PRO HA   H N N 282 
PRO HB2  H N N 283 
PRO HB3  H N N 284 
PRO HG2  H N N 285 
PRO HG3  H N N 286 
PRO HD2  H N N 287 
PRO HD3  H N N 288 
PRO HXT  H N N 289 
SER N    N N N 290 
SER CA   C N S 291 
SER C    C N N 292 
SER O    O N N 293 
SER CB   C N N 294 
SER OG   O N N 295 
SER OXT  O N N 296 
SER H    H N N 297 
SER H2   H N N 298 
SER HA   H N N 299 
SER HB2  H N N 300 
SER HB3  H N N 301 
SER HG   H N N 302 
SER HXT  H N N 303 
SO4 S    S N N 304 
SO4 O1   O N N 305 
SO4 O2   O N N 306 
SO4 O3   O N N 307 
SO4 O4   O N N 308 
THR N    N N N 309 
THR CA   C N S 310 
THR C    C N N 311 
THR O    O N N 312 
THR CB   C N R 313 
THR OG1  O N N 314 
THR CG2  C N N 315 
THR OXT  O N N 316 
THR H    H N N 317 
THR H2   H N N 318 
THR HA   H N N 319 
THR HB   H N N 320 
THR HG1  H N N 321 
THR HG21 H N N 322 
THR HG22 H N N 323 
THR HG23 H N N 324 
THR HXT  H N N 325 
TRP N    N N N 326 
TRP CA   C N S 327 
TRP C    C N N 328 
TRP O    O N N 329 
TRP CB   C N N 330 
TRP CG   C Y N 331 
TRP CD1  C Y N 332 
TRP CD2  C Y N 333 
TRP NE1  N Y N 334 
TRP CE2  C Y N 335 
TRP CE3  C Y N 336 
TRP CZ2  C Y N 337 
TRP CZ3  C Y N 338 
TRP CH2  C Y N 339 
TRP OXT  O N N 340 
TRP H    H N N 341 
TRP H2   H N N 342 
TRP HA   H N N 343 
TRP HB2  H N N 344 
TRP HB3  H N N 345 
TRP HD1  H N N 346 
TRP HE1  H N N 347 
TRP HE3  H N N 348 
TRP HZ2  H N N 349 
TRP HZ3  H N N 350 
TRP HH2  H N N 351 
TRP HXT  H N N 352 
TYR N    N N N 353 
TYR CA   C N S 354 
TYR C    C N N 355 
TYR O    O N N 356 
TYR CB   C N N 357 
TYR CG   C Y N 358 
TYR CD1  C Y N 359 
TYR CD2  C Y N 360 
TYR CE1  C Y N 361 
TYR CE2  C Y N 362 
TYR CZ   C Y N 363 
TYR OH   O N N 364 
TYR OXT  O N N 365 
TYR H    H N N 366 
TYR H2   H N N 367 
TYR HA   H N N 368 
TYR HB2  H N N 369 
TYR HB3  H N N 370 
TYR HD1  H N N 371 
TYR HD2  H N N 372 
TYR HE1  H N N 373 
TYR HE2  H N N 374 
TYR HH   H N N 375 
TYR HXT  H N N 376 
VAL N    N N N 377 
VAL CA   C N S 378 
VAL C    C N N 379 
VAL O    O N N 380 
VAL CB   C N N 381 
VAL CG1  C N N 382 
VAL CG2  C N N 383 
VAL OXT  O N N 384 
VAL H    H N N 385 
VAL H2   H N N 386 
VAL HA   H N N 387 
VAL HB   H N N 388 
VAL HG11 H N N 389 
VAL HG12 H N N 390 
VAL HG13 H N N 391 
VAL HG21 H N N 392 
VAL HG22 H N N 393 
VAL HG23 H N N 394 
VAL HXT  H N N 395 
# 
loop_
_chem_comp_bond.comp_id 
_chem_comp_bond.atom_id_1 
_chem_comp_bond.atom_id_2 
_chem_comp_bond.value_order 
_chem_comp_bond.pdbx_aromatic_flag 
_chem_comp_bond.pdbx_stereo_config 
_chem_comp_bond.pdbx_ordinal 
ALA N   CA   sing N N 1   
ALA N   H    sing N N 2   
ALA N   H2   sing N N 3   
ALA CA  C    sing N N 4   
ALA CA  CB   sing N N 5   
ALA CA  HA   sing N N 6   
ALA C   O    doub N N 7   
ALA C   OXT  sing N N 8   
ALA CB  HB1  sing N N 9   
ALA CB  HB2  sing N N 10  
ALA CB  HB3  sing N N 11  
ALA OXT HXT  sing N N 12  
ARG N   CA   sing N N 13  
ARG N   H    sing N N 14  
ARG N   H2   sing N N 15  
ARG CA  C    sing N N 16  
ARG CA  CB   sing N N 17  
ARG CA  HA   sing N N 18  
ARG C   O    doub N N 19  
ARG C   OXT  sing N N 20  
ARG CB  CG   sing N N 21  
ARG CB  HB2  sing N N 22  
ARG CB  HB3  sing N N 23  
ARG CG  CD   sing N N 24  
ARG CG  HG2  sing N N 25  
ARG CG  HG3  sing N N 26  
ARG CD  NE   sing N N 27  
ARG CD  HD2  sing N N 28  
ARG CD  HD3  sing N N 29  
ARG NE  CZ   sing N N 30  
ARG NE  HE   sing N N 31  
ARG CZ  NH1  sing N N 32  
ARG CZ  NH2  doub N N 33  
ARG NH1 HH11 sing N N 34  
ARG NH1 HH12 sing N N 35  
ARG NH2 HH21 sing N N 36  
ARG NH2 HH22 sing N N 37  
ARG OXT HXT  sing N N 38  
ASN N   CA   sing N N 39  
ASN N   H    sing N N 40  
ASN N   H2   sing N N 41  
ASN CA  C    sing N N 42  
ASN CA  CB   sing N N 43  
ASN CA  HA   sing N N 44  
ASN C   O    doub N N 45  
ASN C   OXT  sing N N 46  
ASN CB  CG   sing N N 47  
ASN CB  HB2  sing N N 48  
ASN CB  HB3  sing N N 49  
ASN CG  OD1  doub N N 50  
ASN CG  ND2  sing N N 51  
ASN ND2 HD21 sing N N 52  
ASN ND2 HD22 sing N N 53  
ASN OXT HXT  sing N N 54  
ASP N   CA   sing N N 55  
ASP N   H    sing N N 56  
ASP N   H2   sing N N 57  
ASP CA  C    sing N N 58  
ASP CA  CB   sing N N 59  
ASP CA  HA   sing N N 60  
ASP C   O    doub N N 61  
ASP C   OXT  sing N N 62  
ASP CB  CG   sing N N 63  
ASP CB  HB2  sing N N 64  
ASP CB  HB3  sing N N 65  
ASP CG  OD1  doub N N 66  
ASP CG  OD2  sing N N 67  
ASP OD2 HD2  sing N N 68  
ASP OXT HXT  sing N N 69  
CYS N   CA   sing N N 70  
CYS N   H    sing N N 71  
CYS N   H2   sing N N 72  
CYS CA  C    sing N N 73  
CYS CA  CB   sing N N 74  
CYS CA  HA   sing N N 75  
CYS C   O    doub N N 76  
CYS C   OXT  sing N N 77  
CYS CB  SG   sing N N 78  
CYS CB  HB2  sing N N 79  
CYS CB  HB3  sing N N 80  
CYS SG  HG   sing N N 81  
CYS OXT HXT  sing N N 82  
GLN N   CA   sing N N 83  
GLN N   H    sing N N 84  
GLN N   H2   sing N N 85  
GLN CA  C    sing N N 86  
GLN CA  CB   sing N N 87  
GLN CA  HA   sing N N 88  
GLN C   O    doub N N 89  
GLN C   OXT  sing N N 90  
GLN CB  CG   sing N N 91  
GLN CB  HB2  sing N N 92  
GLN CB  HB3  sing N N 93  
GLN CG  CD   sing N N 94  
GLN CG  HG2  sing N N 95  
GLN CG  HG3  sing N N 96  
GLN CD  OE1  doub N N 97  
GLN CD  NE2  sing N N 98  
GLN NE2 HE21 sing N N 99  
GLN NE2 HE22 sing N N 100 
GLN OXT HXT  sing N N 101 
GLU N   CA   sing N N 102 
GLU N   H    sing N N 103 
GLU N   H2   sing N N 104 
GLU CA  C    sing N N 105 
GLU CA  CB   sing N N 106 
GLU CA  HA   sing N N 107 
GLU C   O    doub N N 108 
GLU C   OXT  sing N N 109 
GLU CB  CG   sing N N 110 
GLU CB  HB2  sing N N 111 
GLU CB  HB3  sing N N 112 
GLU CG  CD   sing N N 113 
GLU CG  HG2  sing N N 114 
GLU CG  HG3  sing N N 115 
GLU CD  OE1  doub N N 116 
GLU CD  OE2  sing N N 117 
GLU OE2 HE2  sing N N 118 
GLU OXT HXT  sing N N 119 
GLY N   CA   sing N N 120 
GLY N   H    sing N N 121 
GLY N   H2   sing N N 122 
GLY CA  C    sing N N 123 
GLY CA  HA2  sing N N 124 
GLY CA  HA3  sing N N 125 
GLY C   O    doub N N 126 
GLY C   OXT  sing N N 127 
GLY OXT HXT  sing N N 128 
HIS N   CA   sing N N 129 
HIS N   H    sing N N 130 
HIS N   H2   sing N N 131 
HIS CA  C    sing N N 132 
HIS CA  CB   sing N N 133 
HIS CA  HA   sing N N 134 
HIS C   O    doub N N 135 
HIS C   OXT  sing N N 136 
HIS CB  CG   sing N N 137 
HIS CB  HB2  sing N N 138 
HIS CB  HB3  sing N N 139 
HIS CG  ND1  sing Y N 140 
HIS CG  CD2  doub Y N 141 
HIS ND1 CE1  doub Y N 142 
HIS ND1 HD1  sing N N 143 
HIS CD2 NE2  sing Y N 144 
HIS CD2 HD2  sing N N 145 
HIS CE1 NE2  sing Y N 146 
HIS CE1 HE1  sing N N 147 
HIS NE2 HE2  sing N N 148 
HIS OXT HXT  sing N N 149 
HOH O   H1   sing N N 150 
HOH O   H2   sing N N 151 
ILE N   CA   sing N N 152 
ILE N   H    sing N N 153 
ILE N   H2   sing N N 154 
ILE CA  C    sing N N 155 
ILE CA  CB   sing N N 156 
ILE CA  HA   sing N N 157 
ILE C   O    doub N N 158 
ILE C   OXT  sing N N 159 
ILE CB  CG1  sing N N 160 
ILE CB  CG2  sing N N 161 
ILE CB  HB   sing N N 162 
ILE CG1 CD1  sing N N 163 
ILE CG1 HG12 sing N N 164 
ILE CG1 HG13 sing N N 165 
ILE CG2 HG21 sing N N 166 
ILE CG2 HG22 sing N N 167 
ILE CG2 HG23 sing N N 168 
ILE CD1 HD11 sing N N 169 
ILE CD1 HD12 sing N N 170 
ILE CD1 HD13 sing N N 171 
ILE OXT HXT  sing N N 172 
LEU N   CA   sing N N 173 
LEU N   H    sing N N 174 
LEU N   H2   sing N N 175 
LEU CA  C    sing N N 176 
LEU CA  CB   sing N N 177 
LEU CA  HA   sing N N 178 
LEU C   O    doub N N 179 
LEU C   OXT  sing N N 180 
LEU CB  CG   sing N N 181 
LEU CB  HB2  sing N N 182 
LEU CB  HB3  sing N N 183 
LEU CG  CD1  sing N N 184 
LEU CG  CD2  sing N N 185 
LEU CG  HG   sing N N 186 
LEU CD1 HD11 sing N N 187 
LEU CD1 HD12 sing N N 188 
LEU CD1 HD13 sing N N 189 
LEU CD2 HD21 sing N N 190 
LEU CD2 HD22 sing N N 191 
LEU CD2 HD23 sing N N 192 
LEU OXT HXT  sing N N 193 
LYS N   CA   sing N N 194 
LYS N   H    sing N N 195 
LYS N   H2   sing N N 196 
LYS CA  C    sing N N 197 
LYS CA  CB   sing N N 198 
LYS CA  HA   sing N N 199 
LYS C   O    doub N N 200 
LYS C   OXT  sing N N 201 
LYS CB  CG   sing N N 202 
LYS CB  HB2  sing N N 203 
LYS CB  HB3  sing N N 204 
LYS CG  CD   sing N N 205 
LYS CG  HG2  sing N N 206 
LYS CG  HG3  sing N N 207 
LYS CD  CE   sing N N 208 
LYS CD  HD2  sing N N 209 
LYS CD  HD3  sing N N 210 
LYS CE  NZ   sing N N 211 
LYS CE  HE2  sing N N 212 
LYS CE  HE3  sing N N 213 
LYS NZ  HZ1  sing N N 214 
LYS NZ  HZ2  sing N N 215 
LYS NZ  HZ3  sing N N 216 
LYS OXT HXT  sing N N 217 
MET N   CA   sing N N 218 
MET N   H    sing N N 219 
MET N   H2   sing N N 220 
MET CA  C    sing N N 221 
MET CA  CB   sing N N 222 
MET CA  HA   sing N N 223 
MET C   O    doub N N 224 
MET C   OXT  sing N N 225 
MET CB  CG   sing N N 226 
MET CB  HB2  sing N N 227 
MET CB  HB3  sing N N 228 
MET CG  SD   sing N N 229 
MET CG  HG2  sing N N 230 
MET CG  HG3  sing N N 231 
MET SD  CE   sing N N 232 
MET CE  HE1  sing N N 233 
MET CE  HE2  sing N N 234 
MET CE  HE3  sing N N 235 
MET OXT HXT  sing N N 236 
PHE N   CA   sing N N 237 
PHE N   H    sing N N 238 
PHE N   H2   sing N N 239 
PHE CA  C    sing N N 240 
PHE CA  CB   sing N N 241 
PHE CA  HA   sing N N 242 
PHE C   O    doub N N 243 
PHE C   OXT  sing N N 244 
PHE CB  CG   sing N N 245 
PHE CB  HB2  sing N N 246 
PHE CB  HB3  sing N N 247 
PHE CG  CD1  doub Y N 248 
PHE CG  CD2  sing Y N 249 
PHE CD1 CE1  sing Y N 250 
PHE CD1 HD1  sing N N 251 
PHE CD2 CE2  doub Y N 252 
PHE CD2 HD2  sing N N 253 
PHE CE1 CZ   doub Y N 254 
PHE CE1 HE1  sing N N 255 
PHE CE2 CZ   sing Y N 256 
PHE CE2 HE2  sing N N 257 
PHE CZ  HZ   sing N N 258 
PHE OXT HXT  sing N N 259 
PRO N   CA   sing N N 260 
PRO N   CD   sing N N 261 
PRO N   H    sing N N 262 
PRO CA  C    sing N N 263 
PRO CA  CB   sing N N 264 
PRO CA  HA   sing N N 265 
PRO C   O    doub N N 266 
PRO C   OXT  sing N N 267 
PRO CB  CG   sing N N 268 
PRO CB  HB2  sing N N 269 
PRO CB  HB3  sing N N 270 
PRO CG  CD   sing N N 271 
PRO CG  HG2  sing N N 272 
PRO CG  HG3  sing N N 273 
PRO CD  HD2  sing N N 274 
PRO CD  HD3  sing N N 275 
PRO OXT HXT  sing N N 276 
SER N   CA   sing N N 277 
SER N   H    sing N N 278 
SER N   H2   sing N N 279 
SER CA  C    sing N N 280 
SER CA  CB   sing N N 281 
SER CA  HA   sing N N 282 
SER C   O    doub N N 283 
SER C   OXT  sing N N 284 
SER CB  OG   sing N N 285 
SER CB  HB2  sing N N 286 
SER CB  HB3  sing N N 287 
SER OG  HG   sing N N 288 
SER OXT HXT  sing N N 289 
SO4 S   O1   doub N N 290 
SO4 S   O2   doub N N 291 
SO4 S   O3   sing N N 292 
SO4 S   O4   sing N N 293 
THR N   CA   sing N N 294 
THR N   H    sing N N 295 
THR N   H2   sing N N 296 
THR CA  C    sing N N 297 
THR CA  CB   sing N N 298 
THR CA  HA   sing N N 299 
THR C   O    doub N N 300 
THR C   OXT  sing N N 301 
THR CB  OG1  sing N N 302 
THR CB  CG2  sing N N 303 
THR CB  HB   sing N N 304 
THR OG1 HG1  sing N N 305 
THR CG2 HG21 sing N N 306 
THR CG2 HG22 sing N N 307 
THR CG2 HG23 sing N N 308 
THR OXT HXT  sing N N 309 
TRP N   CA   sing N N 310 
TRP N   H    sing N N 311 
TRP N   H2   sing N N 312 
TRP CA  C    sing N N 313 
TRP CA  CB   sing N N 314 
TRP CA  HA   sing N N 315 
TRP C   O    doub N N 316 
TRP C   OXT  sing N N 317 
TRP CB  CG   sing N N 318 
TRP CB  HB2  sing N N 319 
TRP CB  HB3  sing N N 320 
TRP CG  CD1  doub Y N 321 
TRP CG  CD2  sing Y N 322 
TRP CD1 NE1  sing Y N 323 
TRP CD1 HD1  sing N N 324 
TRP CD2 CE2  doub Y N 325 
TRP CD2 CE3  sing Y N 326 
TRP NE1 CE2  sing Y N 327 
TRP NE1 HE1  sing N N 328 
TRP CE2 CZ2  sing Y N 329 
TRP CE3 CZ3  doub Y N 330 
TRP CE3 HE3  sing N N 331 
TRP CZ2 CH2  doub Y N 332 
TRP CZ2 HZ2  sing N N 333 
TRP CZ3 CH2  sing Y N 334 
TRP CZ3 HZ3  sing N N 335 
TRP CH2 HH2  sing N N 336 
TRP OXT HXT  sing N N 337 
TYR N   CA   sing N N 338 
TYR N   H    sing N N 339 
TYR N   H2   sing N N 340 
TYR CA  C    sing N N 341 
TYR CA  CB   sing N N 342 
TYR CA  HA   sing N N 343 
TYR C   O    doub N N 344 
TYR C   OXT  sing N N 345 
TYR CB  CG   sing N N 346 
TYR CB  HB2  sing N N 347 
TYR CB  HB3  sing N N 348 
TYR CG  CD1  doub Y N 349 
TYR CG  CD2  sing Y N 350 
TYR CD1 CE1  sing Y N 351 
TYR CD1 HD1  sing N N 352 
TYR CD2 CE2  doub Y N 353 
TYR CD2 HD2  sing N N 354 
TYR CE1 CZ   doub Y N 355 
TYR CE1 HE1  sing N N 356 
TYR CE2 CZ   sing Y N 357 
TYR CE2 HE2  sing N N 358 
TYR CZ  OH   sing N N 359 
TYR OH  HH   sing N N 360 
TYR OXT HXT  sing N N 361 
VAL N   CA   sing N N 362 
VAL N   H    sing N N 363 
VAL N   H2   sing N N 364 
VAL CA  C    sing N N 365 
VAL CA  CB   sing N N 366 
VAL CA  HA   sing N N 367 
VAL C   O    doub N N 368 
VAL C   OXT  sing N N 369 
VAL CB  CG1  sing N N 370 
VAL CB  CG2  sing N N 371 
VAL CB  HB   sing N N 372 
VAL CG1 HG11 sing N N 373 
VAL CG1 HG12 sing N N 374 
VAL CG1 HG13 sing N N 375 
VAL CG2 HG21 sing N N 376 
VAL CG2 HG22 sing N N 377 
VAL CG2 HG23 sing N N 378 
VAL OXT HXT  sing N N 379 
# 
_atom_sites.entry_id                    2VPV 
_atom_sites.fract_transf_matrix[1][1]   0.00777591 
_atom_sites.fract_transf_matrix[1][2]   -0.00388048 
_atom_sites.fract_transf_matrix[1][3]   0.00366602 
_atom_sites.fract_transf_matrix[2][1]   -0.00099392 
_atom_sites.fract_transf_matrix[2][2]   -0.00741642 
_atom_sites.fract_transf_matrix[2][3]   -0.00574208 
_atom_sites.fract_transf_matrix[3][1]   0.00524499 
_atom_sites.fract_transf_matrix[3][2]   0.00434756 
_atom_sites.fract_transf_matrix[3][3]   -0.00652314 
_atom_sites.fract_transf_vector[1]      0.707639 
_atom_sites.fract_transf_vector[2]      0.506501 
_atom_sites.fract_transf_vector[3]      0.784226 
# 
loop_
_atom_type.symbol 
C 
N 
O 
S 
# 
loop_
_atom_site.group_PDB 
_atom_site.id 
_atom_site.type_symbol 
_atom_site.label_atom_id 
_atom_site.label_alt_id 
_atom_site.label_comp_id 
_atom_site.label_asym_id 
_atom_site.label_entity_id 
_atom_site.label_seq_id 
_atom_site.pdbx_PDB_ins_code 
_atom_site.Cartn_x 
_atom_site.Cartn_y 
_atom_site.Cartn_z 
_atom_site.occupancy 
_atom_site.B_iso_or_equiv 
_atom_site.pdbx_formal_charge 
_atom_site.auth_seq_id 
_atom_site.auth_comp_id 
_atom_site.auth_asym_id 
_atom_site.auth_atom_id 
_atom_site.pdbx_PDB_model_num 
ATOM   1    N N   . GLU A 1 73  ? 4.448   2.739   -24.481 1.00   100.35 ? 437  GLU A N   1 
ATOM   2    C CA  . GLU A 1 73  ? 5.411   2.491   -23.362 1.00   100.50 ? 437  GLU A CA  1 
ATOM   3    C C   . GLU A 1 73  ? 4.831   1.578   -22.260 1.00   99.97  ? 437  GLU A C   1 
ATOM   4    O O   . GLU A 1 73  ? 4.257   2.050   -21.270 1.00   99.89  ? 437  GLU A O   1 
ATOM   5    C CB  . GLU A 1 73  ? 5.923   3.823   -22.791 1.00   100.84 ? 437  GLU A CB  1 
ATOM   6    C CG  . GLU A 1 73  ? 6.949   4.536   -23.677 1.00   102.44 ? 437  GLU A CG  1 
ATOM   7    C CD  . GLU A 1 73  ? 8.307   3.838   -23.673 1.00   104.86 ? 437  GLU A CD  1 
ATOM   8    O OE1 . GLU A 1 73  ? 8.973   3.838   -22.609 1.00   105.37 ? 437  GLU A OE1 1 
ATOM   9    O OE2 . GLU A 1 73  ? 8.706   3.302   -24.736 1.00   105.47 ? 437  GLU A OE2 1 
ATOM   10   N N   . ASN A 1 74  ? 5.008   0.268   -22.450 1.00   99.36  ? 438  ASN A N   1 
ATOM   11   C CA  . ASN A 1 74  ? 4.438   -0.769  -21.574 1.00   98.67  ? 438  ASN A CA  1 
ATOM   12   C C   . ASN A 1 74  ? 5.335   -1.151  -20.403 1.00   97.73  ? 438  ASN A C   1 
ATOM   13   O O   . ASN A 1 74  ? 6.542   -0.900  -20.428 1.00   97.98  ? 438  ASN A O   1 
ATOM   14   C CB  . ASN A 1 74  ? 4.103   -2.034  -22.377 1.00   98.89  ? 438  ASN A CB  1 
ATOM   15   C CG  . ASN A 1 74  ? 3.036   -1.796  -23.418 1.00   99.75  ? 438  ASN A CG  1 
ATOM   16   O OD1 . ASN A 1 74  ? 1.838   -1.882  -23.127 1.00   101.00 ? 438  ASN A OD1 1 
ATOM   17   N ND2 . ASN A 1 74  ? 3.463   -1.505  -24.644 1.00   100.47 ? 438  ASN A ND2 1 
ATOM   18   N N   . PHE A 1 75  ? 4.738   -1.773  -19.386 1.00   96.31  ? 439  PHE A N   1 
ATOM   19   C CA  . PHE A 1 75  ? 5.479   -2.218  -18.208 1.00   94.79  ? 439  PHE A CA  1 
ATOM   20   C C   . PHE A 1 75  ? 4.691   -3.239  -17.393 1.00   93.47  ? 439  PHE A C   1 
ATOM   21   O O   . PHE A 1 75  ? 3.475   -3.100  -17.197 1.00   93.43  ? 439  PHE A O   1 
ATOM   22   C CB  . PHE A 1 75  ? 5.879   -1.025  -17.313 1.00   94.85  ? 439  PHE A CB  1 
ATOM   23   C CG  . PHE A 1 75  ? 4.716   -0.391  -16.575 1.00   95.85  ? 439  PHE A CG  1 
ATOM   24   C CD1 . PHE A 1 75  ? 4.539   -0.589  -15.205 1.00   96.10  ? 439  PHE A CD1 1 
ATOM   25   C CD2 . PHE A 1 75  ? 3.788   0.400   -17.245 1.00   96.44  ? 439  PHE A CD2 1 
ATOM   26   C CE1 . PHE A 1 75  ? 3.462   -0.001  -14.527 1.00   94.54  ? 439  PHE A CE1 1 
ATOM   27   C CE2 . PHE A 1 75  ? 2.716   0.989   -16.562 1.00   95.54  ? 439  PHE A CE2 1 
ATOM   28   C CZ  . PHE A 1 75  ? 2.557   0.785   -15.210 1.00   94.24  ? 439  PHE A CZ  1 
ATOM   29   N N   . ALA A 1 76  ? 5.394   -4.279  -16.954 1.00   91.77  ? 440  ALA A N   1 
ATOM   30   C CA  . ALA A 1 76  ? 5.043   -4.981  -15.728 1.00   90.21  ? 440  ALA A CA  1 
ATOM   31   C C   . ALA A 1 76  ? 5.821   -4.277  -14.607 1.00   88.94  ? 440  ALA A C   1 
ATOM   32   O O   . ALA A 1 76  ? 6.344   -3.170  -14.799 1.00   88.81  ? 440  ALA A O   1 
ATOM   33   C CB  . ALA A 1 76  ? 5.424   -6.477  -15.824 1.00   90.09  ? 440  ALA A CB  1 
ATOM   34   N N   . LEU A 1 77  ? 5.881   -4.909  -13.439 1.00   87.29  ? 441  LEU A N   1 
ATOM   35   C CA  . LEU A 1 77  ? 6.801   -4.535  -12.359 1.00   85.50  ? 441  LEU A CA  1 
ATOM   36   C C   . LEU A 1 77  ? 6.394   -5.473  -11.247 1.00   84.05  ? 441  LEU A C   1 
ATOM   37   O O   . LEU A 1 77  ? 5.512   -6.297  -11.481 1.00   84.38  ? 441  LEU A O   1 
ATOM   38   C CB  . LEU A 1 77  ? 6.557   -3.091  -11.914 1.00   85.66  ? 441  LEU A CB  1 
ATOM   39   C CG  . LEU A 1 77  ? 7.757   -2.396  -11.270 1.00   85.77  ? 441  LEU A CG  1 
ATOM   40   C CD1 . LEU A 1 77  ? 8.524   -1.492  -12.265 1.00   85.80  ? 441  LEU A CD1 1 
ATOM   41   C CD2 . LEU A 1 77  ? 7.301   -1.648  -10.032 1.00   86.01  ? 441  LEU A CD2 1 
ATOM   42   N N   . GLU A 1 78  ? 7.009   -5.435  -10.062 1.00   81.93  ? 442  GLU A N   1 
ATOM   43   C CA  . GLU A 1 78  ? 8.445   -5.417  -9.752  1.00   79.54  ? 442  GLU A CA  1 
ATOM   44   C C   . GLU A 1 78  ? 8.250   -5.960  -8.358  1.00   77.01  ? 442  GLU A C   1 
ATOM   45   O O   . GLU A 1 78  ? 8.403   -5.253  -7.344  1.00   76.69  ? 442  GLU A O   1 
ATOM   46   C CB  . GLU A 1 78  ? 9.064   -4.016  -9.667  1.00   80.21  ? 442  GLU A CB  1 
ATOM   47   C CG  . GLU A 1 78  ? 10.597  -3.999  -9.707  1.00   81.74  ? 442  GLU A CG  1 
ATOM   48   C CD  . GLU A 1 78  ? 11.177  -4.628  -10.983 1.00   84.49  ? 442  GLU A CD  1 
ATOM   49   O OE1 . GLU A 1 78  ? 10.837  -4.171  -12.099 1.00   84.99  ? 442  GLU A OE1 1 
ATOM   50   O OE2 . GLU A 1 78  ? 11.991  -5.576  -10.866 1.00   85.68  ? 442  GLU A OE2 1 
ATOM   51   N N   . ILE A 1 79  ? 7.822   -7.212  -8.340  1.00   73.76  ? 443  ILE A N   1 
ATOM   52   C CA  . ILE A 1 79  ? 7.008   -7.731  -7.270  1.00   71.12  ? 443  ILE A CA  1 
ATOM   53   C C   . ILE A 1 79  ? 7.791   -8.493  -6.212  1.00   69.37  ? 443  ILE A C   1 
ATOM   54   O O   . ILE A 1 79  ? 8.657   -9.319  -6.524  1.00   69.26  ? 443  ILE A O   1 
ATOM   55   C CB  . ILE A 1 79  ? 5.842   -8.551  -7.859  1.00   71.05  ? 443  ILE A CB  1 
ATOM   56   C CG1 . ILE A 1 79  ? 4.632   -7.649  -8.019  1.00   71.17  ? 443  ILE A CG1 1 
ATOM   57   C CG2 . ILE A 1 79  ? 5.477   -9.741  -7.006  1.00   70.93  ? 443  ILE A CG2 1 
ATOM   58   C CD1 . ILE A 1 79  ? 3.888   -7.886  -9.299  1.00   72.49  ? 443  ILE A CD1 1 
ATOM   59   N N   . MET A 1 80  ? 7.480   -8.180  -4.957  1.00   67.05  ? 444  MET A N   1 
ATOM   60   C CA  . MET A 1 80  ? 7.931   -8.945  -3.806  1.00   65.17  ? 444  MET A CA  1 
ATOM   61   C C   . MET A 1 80  ? 6.794   -9.862  -3.364  1.00   62.83  ? 444  MET A C   1 
ATOM   62   O O   . MET A 1 80  ? 5.718   -9.389  -2.988  1.00   62.66  ? 444  MET A O   1 
ATOM   63   C CB  . MET A 1 80  ? 8.307   -7.994  -2.665  1.00   66.25  ? 444  MET A CB  1 
ATOM   64   C CG  . MET A 1 80  ? 9.398   -6.972  -2.998  1.00   69.32  ? 444  MET A CG  1 
ATOM   65   S SD  . MET A 1 80  ? 11.000  -7.812  -3.016  1.00   81.49  ? 444  MET A SD  1 
ATOM   66   C CE  . MET A 1 80  ? 10.973  -8.780  -1.477  1.00   79.05  ? 444  MET A CE  1 
ATOM   67   N N   . PHE A 1 81  ? 7.024   -11.172 -3.423  1.00   60.07  ? 445  PHE A N   1 
ATOM   68   C CA  . PHE A 1 81  ? 5.982   -12.133 -3.116  1.00   57.57  ? 445  PHE A CA  1 
ATOM   69   C C   . PHE A 1 81  ? 6.512   -13.523 -2.831  1.00   57.11  ? 445  PHE A C   1 
ATOM   70   O O   . PHE A 1 81  ? 6.938   -14.236 -3.749  1.00   56.94  ? 445  PHE A O   1 
ATOM   71   C CB  . PHE A 1 81  ? 4.987   -12.217 -4.265  1.00   56.79  ? 445  PHE A CB  1 
ATOM   72   C CG  . PHE A 1 81  ? 3.757   -13.024 -3.947  1.00   53.99  ? 445  PHE A CG  1 
ATOM   73   C CD1 . PHE A 1 81  ? 3.096   -12.868 -2.733  1.00   52.01  ? 445  PHE A CD1 1 
ATOM   74   C CD2 . PHE A 1 81  ? 3.244   -13.918 -4.877  1.00   49.98  ? 445  PHE A CD2 1 
ATOM   75   C CE1 . PHE A 1 81  ? 1.941   -13.584 -2.462  1.00   51.41  ? 445  PHE A CE1 1 
ATOM   76   C CE2 . PHE A 1 81  ? 2.106   -14.637 -4.620  1.00   48.10  ? 445  PHE A CE2 1 
ATOM   77   C CZ  . PHE A 1 81  ? 1.448   -14.473 -3.412  1.00   51.46  ? 445  PHE A CZ  1 
ATOM   78   N N   . ASP A 1 82  ? 6.437   -13.925 -1.564  1.00   56.26  ? 446  ASP A N   1 
ATOM   79   C CA  . ASP A 1 82  ? 6.759   -15.293 -1.168  1.00   55.27  ? 446  ASP A CA  1 
ATOM   80   C C   . ASP A 1 82  ? 5.469   -16.023 -0.873  1.00   54.26  ? 446  ASP A C   1 
ATOM   81   O O   . ASP A 1 82  ? 4.979   -16.011 0.252   1.00   54.26  ? 446  ASP A O   1 
ATOM   82   C CB  . ASP A 1 82  ? 7.648   -15.287 0.070   1.00   55.48  ? 446  ASP A CB  1 
ATOM   83   C CG  . ASP A 1 82  ? 8.109   -16.679 0.464   1.00   57.68  ? 446  ASP A CG  1 
ATOM   84   O OD1 . ASP A 1 82  ? 7.519   -17.682 -0.034  1.00   57.06  ? 446  ASP A OD1 1 
ATOM   85   O OD2 . ASP A 1 82  ? 9.066   -16.760 1.284   1.00   60.01  ? 446  ASP A OD2 1 
ATOM   86   N N   . LYS A 1 83  ? 4.911   -16.666 -1.884  1.00   53.09  ? 447  LYS A N   1 
ATOM   87   C CA  . LYS A 1 83  ? 3.530   -17.119 -1.780  1.00   52.39  ? 447  LYS A CA  1 
ATOM   88   C C   . LYS A 1 83  ? 3.250   -18.095 -0.621  1.00   51.63  ? 447  LYS A C   1 
ATOM   89   O O   . LYS A 1 83  ? 2.086   -18.368 -0.290  1.00   51.32  ? 447  LYS A O   1 
ATOM   90   C CB  . LYS A 1 83  ? 3.045   -17.682 -3.113  1.00   52.60  ? 447  LYS A CB  1 
ATOM   91   C CG  . LYS A 1 83  ? 3.518   -19.095 -3.438  1.00   54.78  ? 447  LYS A CG  1 
ATOM   92   C CD  . LYS A 1 83  ? 2.711   -19.633 -4.622  1.00   58.38  ? 447  LYS A CD  1 
ATOM   93   C CE  . LYS A 1 83  ? 2.823   -21.142 -4.797  1.00   58.67  ? 447  LYS A CE  1 
ATOM   94   N NZ  . LYS A 1 83  ? 1.875   -21.579 -5.872  1.00   60.97  ? 447  LYS A NZ  1 
ATOM   95   N N   . HIS A 1 84  ? 4.310   -18.615 -0.009  1.00   50.27  ? 448  HIS A N   1 
ATOM   96   C CA  . HIS A 1 84  ? 4.165   -19.584 1.067   1.00   49.30  ? 448  HIS A CA  1 
ATOM   97   C C   . HIS A 1 84  ? 4.223   -18.938 2.441   1.00   48.99  ? 448  HIS A C   1 
ATOM   98   O O   . HIS A 1 84  ? 3.944   -19.588 3.459   1.00   48.49  ? 448  HIS A O   1 
ATOM   99   C CB  . HIS A 1 84  ? 5.263   -20.633 0.971   1.00   49.42  ? 448  HIS A CB  1 
ATOM   100  C CG  . HIS A 1 84  ? 5.195   -21.471 -0.265  1.00   49.48  ? 448  HIS A CG  1 
ATOM   101  N ND1 . HIS A 1 84  ? 4.120   -22.288 -0.551  1.00   49.33  ? 448  HIS A ND1 1 
ATOM   102  C CD2 . HIS A 1 84  ? 6.084   -21.649 -1.268  1.00   48.68  ? 448  HIS A CD2 1 
ATOM   103  C CE1 . HIS A 1 84  ? 4.342   -22.918 -1.692  1.00   49.37  ? 448  HIS A CE1 1 
ATOM   104  N NE2 . HIS A 1 84  ? 5.527   -22.551 -2.144  1.00   50.05  ? 448  HIS A NE2 1 
ATOM   105  N N   . LYS A 1 85  ? 4.593   -17.661 2.462   1.00   48.52  ? 449  LYS A N   1 
ATOM   106  C CA  . LYS A 1 85  ? 4.829   -16.949 3.705   1.00   48.09  ? 449  LYS A CA  1 
ATOM   107  C C   . LYS A 1 85  ? 3.772   -15.902 3.975   1.00   46.96  ? 449  LYS A C   1 
ATOM   108  O O   . LYS A 1 85  ? 3.529   -15.581 5.127   1.00   47.05  ? 449  LYS A O   1 
ATOM   109  C CB  . LYS A 1 85  ? 6.209   -16.290 3.697   1.00   48.26  ? 449  LYS A CB  1 
ATOM   110  C CG  . LYS A 1 85  ? 7.356   -17.278 3.558   1.00   52.58  ? 449  LYS A CG  1 
ATOM   111  C CD  . LYS A 1 85  ? 7.605   -18.110 4.843   1.00   60.70  ? 449  LYS A CD  1 
ATOM   112  C CE  . LYS A 1 85  ? 7.956   -19.593 4.540   1.00   63.98  ? 449  LYS A CE  1 
ATOM   113  N NZ  . LYS A 1 85  ? 8.987   -19.804 3.450   1.00   66.11  ? 449  LYS A NZ  1 
ATOM   114  N N   . GLU A 1 86  ? 3.152   -15.376 2.923   1.00   45.57  ? 450  GLU A N   1 
ATOM   115  C CA  . GLU A 1 86  ? 2.356   -14.149 3.029   1.00   44.90  ? 450  GLU A CA  1 
ATOM   116  C C   . GLU A 1 86  ? 1.220   -14.099 1.995   1.00   44.20  ? 450  GLU A C   1 
ATOM   117  O O   . GLU A 1 86  ? 1.265   -14.773 0.959   1.00   43.99  ? 450  GLU A O   1 
ATOM   118  C CB  . GLU A 1 86  ? 3.257   -12.916 2.886   1.00   44.89  ? 450  GLU A CB  1 
ATOM   119  C CG  . GLU A 1 86  ? 3.728   -12.667 1.451   1.00   45.60  ? 450  GLU A CG  1 
ATOM   120  C CD  . GLU A 1 86  ? 5.107   -12.086 1.374   1.00   45.59  ? 450  GLU A CD  1 
ATOM   121  O OE1 . GLU A 1 86  ? 5.594   -11.601 2.423   1.00   46.10  ? 450  GLU A OE1 1 
ATOM   122  O OE2 . GLU A 1 86  ? 5.694   -12.113 0.265   1.00   46.13  ? 450  GLU A OE2 1 
ATOM   123  N N   . TYR A 1 87  ? 0.209   -13.286 2.260   1.00   43.32  ? 451  TYR A N   1 
ATOM   124  C CA  . TYR A 1 87  ? -0.995  -13.340 1.458   1.00   42.70  ? 451  TYR A CA  1 
ATOM   125  C C   . TYR A 1 87  ? -0.923  -12.502 0.193   1.00   42.67  ? 451  TYR A C   1 
ATOM   126  O O   . TYR A 1 87  ? -1.385  -12.947 -0.848  1.00   42.88  ? 451  TYR A O   1 
ATOM   127  C CB  . TYR A 1 87  ? -2.160  -12.879 2.287   1.00   43.02  ? 451  TYR A CB  1 
ATOM   128  C CG  . TYR A 1 87  ? -3.483  -12.942 1.585   1.00   45.68  ? 451  TYR A CG  1 
ATOM   129  C CD1 . TYR A 1 87  ? -4.182  -14.155 1.481   1.00   45.65  ? 451  TYR A CD1 1 
ATOM   130  C CD2 . TYR A 1 87  ? -4.071  -11.784 1.060   1.00   47.02  ? 451  TYR A CD2 1 
ATOM   131  C CE1 . TYR A 1 87  ? -5.406  -14.226 0.867   1.00   44.72  ? 451  TYR A CE1 1 
ATOM   132  C CE2 . TYR A 1 87  ? -5.323  -11.842 0.443   1.00   47.38  ? 451  TYR A CE2 1 
ATOM   133  C CZ  . TYR A 1 87  ? -5.987  -13.073 0.362   1.00   48.04  ? 451  TYR A CZ  1 
ATOM   134  O OH  . TYR A 1 87  ? -7.236  -13.138 -0.232  1.00   50.35  ? 451  TYR A OH  1 
ATOM   135  N N   . PHE A 1 88  ? -0.367  -11.289 0.289   1.00   42.01  ? 452  PHE A N   1 
ATOM   136  C CA  . PHE A 1 88  ? -0.361  -10.330 -0.818  1.00   41.14  ? 452  PHE A CA  1 
ATOM   137  C C   . PHE A 1 88  ? 1.002   -10.277 -1.490  1.00   40.97  ? 452  PHE A C   1 
ATOM   138  O O   . PHE A 1 88  ? 2.030   -10.427 -0.834  1.00   41.61  ? 452  PHE A O   1 
ATOM   139  C CB  . PHE A 1 88  ? -0.621  -8.922  -0.297  1.00   41.24  ? 452  PHE A CB  1 
ATOM   140  C CG  . PHE A 1 88  ? -1.949  -8.725  0.391   1.00   42.56  ? 452  PHE A CG  1 
ATOM   141  C CD1 . PHE A 1 88  ? -2.061  -8.842  1.780   1.00   43.02  ? 452  PHE A CD1 1 
ATOM   142  C CD2 . PHE A 1 88  ? -3.070  -8.318  -0.342  1.00   42.16  ? 452  PHE A CD2 1 
ATOM   143  C CE1 . PHE A 1 88  ? -3.291  -8.596  2.438   1.00   44.79  ? 452  PHE A CE1 1 
ATOM   144  C CE2 . PHE A 1 88  ? -4.295  -8.067  0.289   1.00   42.63  ? 452  PHE A CE2 1 
ATOM   145  C CZ  . PHE A 1 88  ? -4.414  -8.213  1.689   1.00   44.09  ? 452  PHE A CZ  1 
ATOM   146  N N   . ALA A 1 89  ? 1.020   -10.033 -2.792  1.00   40.79  ? 453  ALA A N   1 
ATOM   147  C CA  . ALA A 1 89  ? 2.210   -9.548  -3.474  1.00   40.78  ? 453  ALA A CA  1 
ATOM   148  C C   . ALA A 1 89  ? 2.217   -8.026  -3.346  1.00   41.91  ? 453  ALA A C   1 
ATOM   149  O O   . ALA A 1 89  ? 1.149   -7.395  -3.291  1.00   42.14  ? 453  ALA A O   1 
ATOM   150  C CB  . ALA A 1 89  ? 2.176   -9.942  -4.919  1.00   39.87  ? 453  ALA A CB  1 
ATOM   151  N N   . SER A 1 90  ? 3.408   -7.432  -3.311  1.00   42.51  ? 454  SER A N   1 
ATOM   152  C CA  . SER A 1 90  ? 3.515   -5.982  -3.228  1.00   43.57  ? 454  SER A CA  1 
ATOM   153  C C   . SER A 1 90  ? 4.842   -5.487  -3.751  1.00   43.52  ? 454  SER A C   1 
ATOM   154  O O   . SER A 1 90  ? 5.728   -6.272  -4.027  1.00   43.51  ? 454  SER A O   1 
ATOM   155  C CB  . SER A 1 90  ? 3.346   -5.527  -1.784  1.00   43.86  ? 454  SER A CB  1 
ATOM   156  O OG  . SER A 1 90  ? 4.447   -5.964  -1.009  1.00   46.31  ? 454  SER A OG  1 
ATOM   157  N N   . GLY A 1 91  ? 4.982   -4.172  -3.848  1.00   44.37  ? 455  GLY A N   1 
ATOM   158  C CA  . GLY A 1 91  ? 6.218   -3.565  -4.333  1.00   44.86  ? 455  GLY A CA  1 
ATOM   159  C C   . GLY A 1 91  ? 6.110   -2.064  -4.505  1.00   45.44  ? 455  GLY A C   1 
ATOM   160  O O   . GLY A 1 91  ? 5.240   -1.410  -3.914  1.00   45.56  ? 455  GLY A O   1 
ATOM   161  N N   . ILE A 1 92  ? 7.011   -1.521  -5.316  1.00   46.12  ? 456  ILE A N   1 
ATOM   162  C CA  . ILE A 1 92  ? 7.137   -0.079  -5.521  1.00   46.64  ? 456  ILE A CA  1 
ATOM   163  C C   . ILE A 1 92  ? 7.307   0.175   -7.003  1.00   47.15  ? 456  ILE A C   1 
ATOM   164  O O   . ILE A 1 92  ? 8.157   -0.443  -7.646  1.00   46.74  ? 456  ILE A O   1 
ATOM   165  C CB  . ILE A 1 92  ? 8.408   0.506   -4.867  1.00   46.67  ? 456  ILE A CB  1 
ATOM   166  C CG1 . ILE A 1 92  ? 8.579   0.059   -3.402  1.00   46.24  ? 456  ILE A CG1 1 
ATOM   167  C CG2 . ILE A 1 92  ? 8.415   2.034   -5.031  1.00   48.25  ? 456  ILE A CG2 1 
ATOM   168  C CD1 . ILE A 1 92  ? 8.188   1.088   -2.345  1.00   43.63  ? 456  ILE A CD1 1 
ATOM   169  N N   . LEU A 1 93  ? 6.522   1.108   -7.534  1.00   47.88  ? 457  LEU A N   1 
ATOM   170  C CA  . LEU A 1 93  ? 6.624   1.487   -8.929  1.00   48.62  ? 457  LEU A CA  1 
ATOM   171  C C   . LEU A 1 93  ? 7.286   2.845   -8.961  1.00   50.05  ? 457  LEU A C   1 
ATOM   172  O O   . LEU A 1 93  ? 6.883   3.747   -8.226  1.00   50.60  ? 457  LEU A O   1 
ATOM   173  C CB  . LEU A 1 93  ? 5.236   1.549   -9.556  1.00   48.13  ? 457  LEU A CB  1 
ATOM   174  C CG  . LEU A 1 93  ? 5.058   2.072   -10.978 1.00   47.18  ? 457  LEU A CG  1 
ATOM   175  C CD1 . LEU A 1 93  ? 5.669   1.105   -11.971 1.00   45.21  ? 457  LEU A CD1 1 
ATOM   176  C CD2 . LEU A 1 93  ? 3.578   2.274   -11.275 1.00   44.41  ? 457  LEU A CD2 1 
ATOM   177  N N   . LYS A 1 94  ? 8.321   2.969   -9.790  1.00   51.17  ? 458  LYS A N   1 
ATOM   178  C CA  . LYS A 1 94  ? 9.078   4.204   -9.921  1.00   52.26  ? 458  LYS A CA  1 
ATOM   179  C C   . LYS A 1 94  ? 8.961   4.741   -11.339 1.00   52.85  ? 458  LYS A C   1 
ATOM   180  O O   . LYS A 1 94  ? 9.230   4.023   -12.293 1.00   53.31  ? 458  LYS A O   1 
ATOM   181  C CB  . LYS A 1 94  ? 10.552  3.960   -9.612  1.00   52.42  ? 458  LYS A CB  1 
ATOM   182  C CG  . LYS A 1 94  ? 10.879  3.624   -8.166  1.00   53.39  ? 458  LYS A CG  1 
ATOM   183  C CD  . LYS A 1 94  ? 12.382  3.348   -8.009  1.00   56.02  ? 458  LYS A CD  1 
ATOM   184  C CE  . LYS A 1 94  ? 12.707  2.918   -6.581  1.00   57.87  ? 458  LYS A CE  1 
ATOM   185  N NZ  . LYS A 1 94  ? 14.065  2.329   -6.429  1.00   58.41  ? 458  LYS A NZ  1 
ATOM   186  N N   . LEU A 1 95  ? 8.571   6.006   -11.471 1.00   53.88  ? 459  LEU A N   1 
ATOM   187  C CA  . LEU A 1 95  ? 8.474   6.643   -12.778 1.00   54.99  ? 459  LEU A CA  1 
ATOM   188  C C   . LEU A 1 95  ? 9.474   7.780   -12.902 1.00   56.49  ? 459  LEU A C   1 
ATOM   189  O O   . LEU A 1 95  ? 9.395   8.780   -12.184 1.00   55.67  ? 459  LEU A O   1 
ATOM   190  C CB  . LEU A 1 95  ? 7.051   7.132   -13.059 1.00   54.64  ? 459  LEU A CB  1 
ATOM   191  C CG  . LEU A 1 95  ? 5.965   6.049   -13.063 1.00   53.84  ? 459  LEU A CG  1 
ATOM   192  C CD1 . LEU A 1 95  ? 4.609   6.665   -13.270 1.00   52.34  ? 459  LEU A CD1 1 
ATOM   193  C CD2 . LEU A 1 95  ? 6.228   4.979   -14.104 1.00   51.64  ? 459  LEU A CD2 1 
ATOM   194  N N   . PRO A 1 96  ? 10.446  7.615   -13.811 1.00   58.57  ? 460  PRO A N   1 
ATOM   195  C CA  . PRO A 1 96  ? 11.378  8.704   -14.068 1.00   59.95  ? 460  PRO A CA  1 
ATOM   196  C C   . PRO A 1 96  ? 10.604  9.936   -14.529 1.00   61.64  ? 460  PRO A C   1 
ATOM   197  O O   . PRO A 1 96  ? 9.526   9.829   -15.136 1.00   61.42  ? 460  PRO A O   1 
ATOM   198  C CB  . PRO A 1 96  ? 12.309  8.154   -15.160 1.00   59.36  ? 460  PRO A CB  1 
ATOM   199  C CG  . PRO A 1 96  ? 11.659  6.943   -15.697 1.00   59.26  ? 460  PRO A CG  1 
ATOM   200  C CD  . PRO A 1 96  ? 10.675  6.443   -14.680 1.00   58.80  ? 460  PRO A CD  1 
ATOM   201  N N   . ALA A 1 97  ? 11.158  11.096  -14.192 1.00   63.96  ? 461  ALA A N   1 
ATOM   202  C CA  . ALA A 1 97  ? 10.469  12.388  -14.242 1.00   66.30  ? 461  ALA A CA  1 
ATOM   203  C C   . ALA A 1 97  ? 10.368  13.026  -15.627 1.00   67.85  ? 461  ALA A C   1 
ATOM   204  O O   . ALA A 1 97  ? 9.970   14.189  -15.742 1.00   68.03  ? 461  ALA A O   1 
ATOM   205  C CB  . ALA A 1 97  ? 11.155  13.353  -13.287 1.00   65.87  ? 461  ALA A CB  1 
ATOM   206  N N   . ILE A 1 98  ? 10.755  12.274  -16.662 1.00   69.93  ? 462  ILE A N   1 
ATOM   207  C CA  . ILE A 1 98  ? 10.552  12.674  -18.052 1.00   71.93  ? 462  ILE A CA  1 
ATOM   208  C C   . ILE A 1 98  ? 9.171   12.219  -18.535 1.00   73.20  ? 462  ILE A C   1 
ATOM   209  O O   . ILE A 1 98  ? 8.837   11.032  -18.447 1.00   73.77  ? 462  ILE A O   1 
ATOM   210  C CB  . ILE A 1 98  ? 11.675  12.096  -18.979 1.00   72.15  ? 462  ILE A CB  1 
ATOM   211  C CG1 . ILE A 1 98  ? 12.216  13.179  -19.942 1.00   73.15  ? 462  ILE A CG1 1 
ATOM   212  C CG2 . ILE A 1 98  ? 11.233  10.790  -19.683 1.00   71.02  ? 462  ILE A CG2 1 
ATOM   213  C CD1 . ILE A 1 98  ? 13.359  14.044  -19.357 1.00   72.62  ? 462  ILE A CD1 1 
ATOM   214  N N   . SER A 1 99  ? 8.372   13.162  -19.039 1.00   74.58  ? 463  SER A N   1 
ATOM   215  C CA  . SER A 1 99  ? 7.068   12.840  -19.654 1.00   75.55  ? 463  SER A CA  1 
ATOM   216  C C   . SER A 1 99  ? 7.207   11.895  -20.883 1.00   76.25  ? 463  SER A C   1 
ATOM   217  O O   . SER A 1 99  ? 6.358   11.018  -21.141 1.00   76.81  ? 463  SER A O   1 
ATOM   218  C CB  . SER A 1 99  ? 6.293   14.126  -20.018 1.00   75.34  ? 463  SER A CB  1 
ATOM   219  O OG  . SER A 1 99  ? 6.848   14.792  -21.133 1.00   74.86  ? 463  SER A OG  1 
ATOM   220  N N   . GLY A 1 100 ? 8.641   11.451  -20.980 0.0000 60.00  ? 464  GLY A N   1 
ATOM   221  C CA  . GLY A 1 100 ? 9.006   10.322  -21.816 0.0000 60.00  ? 464  GLY A CA  1 
ATOM   222  C C   . GLY A 1 100 ? 8.663   8.992   -21.177 0.0000 60.00  ? 464  GLY A C   1 
ATOM   223  O O   . GLY A 1 100 ? 8.697   7.950   -21.832 0.0000 60.00  ? 464  GLY A O   1 
ATOM   224  N N   . GLN A 1 101 ? 8.330   9.027   -19.891 0.0000 60.00  ? 465  GLN A N   1 
ATOM   225  C CA  . GLN A 1 101 ? 8.424   7.844   -19.042 0.0000 60.00  ? 465  GLN A CA  1 
ATOM   226  C C   . GLN A 1 101 ? 7.086   7.534   -18.379 0.0000 60.00  ? 465  GLN A C   1 
ATOM   227  O O   . GLN A 1 101 ? 7.027   6.795   -17.397 0.0000 60.00  ? 465  GLN A O   1 
ATOM   228  C CB  . GLN A 1 101 ? 9.508   8.033   -17.978 0.0000 60.00  ? 465  GLN A CB  1 
ATOM   229  C CG  . GLN A 1 101 ? 10.925  8.005   -18.524 0.0000 60.00  ? 465  GLN A CG  1 
ATOM   230  C CD  . GLN A 1 101 ? 11.228  6.734   -19.294 0.0000 60.00  ? 465  GLN A CD  1 
ATOM   231  O OE1 . GLN A 1 101 ? 10.351  5.897   -19.501 0.0000 60.00  ? 465  GLN A OE1 1 
ATOM   232  N NE2 . GLN A 1 101 ? 12.476  6.585   -19.724 0.0000 60.00  ? 465  GLN A NE2 1 
ATOM   233  N N   . LYS A 1 102 ? 5.998   8.182   -18.657 1.00   80.99  ? 466  LYS A N   1 
ATOM   234  C CA  . LYS A 1 102 ? 4.620   7.671   -18.725 1.00   80.71  ? 466  LYS A CA  1 
ATOM   235  C C   . LYS A 1 102 ? 4.477   6.223   -19.259 1.00   80.22  ? 466  LYS A C   1 
ATOM   236  O O   . LYS A 1 102 ? 5.149   5.826   -20.229 1.00   80.65  ? 466  LYS A O   1 
ATOM   237  C CB  . LYS A 1 102 ? 3.709   8.646   -19.497 1.00   80.84  ? 466  LYS A CB  1 
ATOM   238  C CG  . LYS A 1 102 ? 3.743   8.536   -21.032 1.00   80.48  ? 466  LYS A CG  1 
ATOM   239  C CD  . LYS A 1 102 ? 3.058   7.246   -21.546 1.00   79.44  ? 466  LYS A CD  1 
ATOM   240  C CE  . LYS A 1 102 ? 1.553   7.394   -21.755 1.00   79.19  ? 466  LYS A CE  1 
ATOM   241  N NZ  . LYS A 1 102 ? 0.784   7.817   -20.543 1.00   78.25  ? 466  LYS A NZ  1 
ATOM   242  N N   . LYS A 1 103 ? 3.523   5.505   -18.664 1.00   78.78  ? 467  LYS A N   1 
ATOM   243  C CA  . LYS A 1 103 ? 3.595   4.047   -18.696 1.00   76.91  ? 467  LYS A CA  1 
ATOM   244  C C   . LYS A 1 103 ? 2.237   3.369   -18.914 1.00   74.49  ? 467  LYS A C   1 
ATOM   245  O O   . LYS A 1 103 ? 1.443   3.271   -17.987 1.00   74.37  ? 467  LYS A O   1 
ATOM   246  C CB  . LYS A 1 103 ? 4.268   3.559   -17.405 1.00   77.53  ? 467  LYS A CB  1 
ATOM   247  C CG  . LYS A 1 103 ? 5.833   3.607   -17.429 1.00   80.80  ? 467  LYS A CG  1 
ATOM   248  C CD  . LYS A 1 103 ? 6.468   2.526   -16.468 1.00   85.31  ? 467  LYS A CD  1 
ATOM   249  C CE  . LYS A 1 103 ? 7.967   2.207   -16.744 1.00   85.34  ? 467  LYS A CE  1 
ATOM   250  N NZ  . LYS A 1 103 ? 8.585   1.344   -15.680 1.00   84.99  ? 467  LYS A NZ  1 
ATOM   251  N N   . LEU A 1 104 ? 1.977   2.915   -20.139 1.00   72.01  ? 468  LEU A N   1 
ATOM   252  C CA  . LEU A 1 104 ? 0.718   2.240   -20.456 1.00   69.83  ? 468  LEU A CA  1 
ATOM   253  C C   . LEU A 1 104 ? 0.794   0.811   -19.954 1.00   68.14  ? 468  LEU A C   1 
ATOM   254  O O   . LEU A 1 104 ? 1.873   0.230   -19.906 1.00   68.12  ? 468  LEU A O   1 
ATOM   255  C CB  . LEU A 1 104 ? 0.430   2.279   -21.968 1.00   69.99  ? 468  LEU A CB  1 
ATOM   256  C CG  . LEU A 1 104 ? -0.894  1.720   -22.531 1.00   71.17  ? 468  LEU A CG  1 
ATOM   257  C CD1 . LEU A 1 104 ? -0.904  0.177   -22.572 1.00   71.12  ? 468  LEU A CD1 1 
ATOM   258  C CD2 . LEU A 1 104 ? -2.160  2.244   -21.815 1.00   72.93  ? 468  LEU A CD2 1 
ATOM   259  N N   . SER A 1 105 ? -0.340  0.231   -19.573 1.00   66.21  ? 469  SER A N   1 
ATOM   260  C CA  . SER A 1 105 ? -0.330  -1.131  -19.003 1.00   63.90  ? 469  SER A CA  1 
ATOM   261  C C   . SER A 1 105 ? -1.711  -1.774  -18.878 1.00   61.68  ? 469  SER A C   1 
ATOM   262  O O   . SER A 1 105 ? -2.717  -1.234  -19.345 1.00   61.79  ? 469  SER A O   1 
ATOM   263  C CB  . SER A 1 105 ? 0.366   -1.130  -17.629 1.00   64.21  ? 469  SER A CB  1 
ATOM   264  O OG  . SER A 1 105 ? 0.482   -2.440  -17.104 1.00   64.17  ? 469  SER A OG  1 
ATOM   265  N N   . ASN A 1 106 ? -1.739  -2.940  -18.244 1.00   58.78  ? 470  ASN A N   1 
ATOM   266  C CA  . ASN A 1 106 ? -2.978  -3.700  -18.052 1.00   56.42  ? 470  ASN A CA  1 
ATOM   267  C C   . ASN A 1 106 ? -2.916  -4.633  -16.822 1.00   54.00  ? 470  ASN A C   1 
ATOM   268  O O   . ASN A 1 106 ? -1.905  -5.307  -16.611 1.00   53.95  ? 470  ASN A O   1 
ATOM   269  C CB  . ASN A 1 106 ? -3.321  -4.484  -19.320 1.00   56.51  ? 470  ASN A CB  1 
ATOM   270  C CG  . ASN A 1 106 ? -4.664  -5.155  -19.232 1.00   57.01  ? 470  ASN A CG  1 
ATOM   271  O OD1 . ASN A 1 106 ? -4.966  -5.843  -18.256 1.00   57.73  ? 470  ASN A OD1 1 
ATOM   272  N ND2 . ASN A 1 106 ? -5.493  -4.946  -20.242 1.00   57.63  ? 470  ASN A ND2 1 
ATOM   273  N N   . SER A 1 107 ? -3.981  -4.658  -16.010 1.00   50.51  ? 471  SER A N   1 
ATOM   274  C CA  . SER A 1 107 ? -3.946  -5.369  -14.727 1.00   47.48  ? 471  SER A CA  1 
ATOM   275  C C   . SER A 1 107 ? -4.133  -6.869  -14.907 1.00   46.49  ? 471  SER A C   1 
ATOM   276  O O   . SER A 1 107 ? -3.806  -7.674  -14.033 1.00   45.94  ? 471  SER A O   1 
ATOM   277  C CB  . SER A 1 107 ? -5.000  -4.821  -13.754 1.00   47.18  ? 471  SER A CB  1 
ATOM   278  O OG  . SER A 1 107 ? -6.319  -5.009  -14.243 1.00   44.96  ? 471  SER A OG  1 
ATOM   279  N N   . PHE A 1 108 ? -4.688  -7.250  -16.048 1.00   45.45  ? 472  PHE A N   1 
ATOM   280  C CA  . PHE A 1 108 ? -4.973  -8.648  -16.305 1.00   44.35  ? 472  PHE A CA  1 
ATOM   281  C C   . PHE A 1 108 ? -5.781  -9.203  -15.151 1.00   43.51  ? 472  PHE A C   1 
ATOM   282  O O   . PHE A 1 108 ? -6.768  -8.610  -14.735 1.00   43.46  ? 472  PHE A O   1 
ATOM   283  C CB  . PHE A 1 108 ? -3.674  -9.440  -16.534 1.00   44.25  ? 472  PHE A CB  1 
ATOM   284  C CG  . PHE A 1 108 ? -2.887  -8.970  -17.736 1.00   44.28  ? 472  PHE A CG  1 
ATOM   285  C CD1 . PHE A 1 108 ? -1.641  -8.342  -17.579 1.00   45.06  ? 472  PHE A CD1 1 
ATOM   286  C CD2 . PHE A 1 108 ? -3.408  -9.109  -19.031 1.00   42.30  ? 472  PHE A CD2 1 
ATOM   287  C CE1 . PHE A 1 108 ? -0.914  -7.886  -18.705 1.00   42.27  ? 472  PHE A CE1 1 
ATOM   288  C CE2 . PHE A 1 108 ? -2.706  -8.651  -20.150 1.00   39.75  ? 472  PHE A CE2 1 
ATOM   289  C CZ  . PHE A 1 108 ? -1.456  -8.045  -19.989 1.00   39.43  ? 472  PHE A CZ  1 
ATOM   290  N N   . ARG A 1 109 ? -5.362  -10.336 -14.624 1.00   42.92  ? 473  ARG A N   1 
ATOM   291  C CA  . ARG A 1 109 ? -6.218  -11.068 -13.715 1.00   42.31  ? 473  ARG A CA  1 
ATOM   292  C C   . ARG A 1 109 ? -5.872  -10.740 -12.274 1.00   42.51  ? 473  ARG A C   1 
ATOM   293  O O   . ARG A 1 109 ? -5.720  -11.638 -11.465 1.00   43.50  ? 473  ARG A O   1 
ATOM   294  C CB  . ARG A 1 109 ? -6.082  -12.566 -13.971 1.00   41.36  ? 473  ARG A CB  1 
ATOM   295  C CG  . ARG A 1 109 ? -7.376  -13.271 -13.945 1.00   40.69  ? 473  ARG A CG  1 
ATOM   296  C CD  . ARG A 1 109 ? -7.240  -14.728 -13.637 1.00   40.38  ? 473  ARG A CD  1 
ATOM   297  N NE  . ARG A 1 109 ? -8.536  -15.313 -13.288 1.00   41.95  ? 473  ARG A NE  1 
ATOM   298  C CZ  . ARG A 1 109 ? -9.571  -15.452 -14.117 1.00   40.06  ? 473  ARG A CZ  1 
ATOM   299  N NH1 . ARG A 1 109 ? -9.525  -15.051 -15.379 1.00   41.20  ? 473  ARG A NH1 1 
ATOM   300  N NH2 . ARG A 1 109 ? -10.675 -15.990 -13.668 1.00   40.64  ? 473  ARG A NH2 1 
ATOM   301  N N   . THR A 1 110 ? -5.701  -9.465  -11.954 1.00   42.57  ? 474  THR A N   1 
ATOM   302  C CA  . THR A 1 110 ? -5.236  -9.078  -10.624 1.00   42.81  ? 474  THR A CA  1 
ATOM   303  C C   . THR A 1 110 ? -5.862  -7.734  -10.267 1.00   43.14  ? 474  THR A C   1 
ATOM   304  O O   . THR A 1 110 ? -6.181  -6.957  -11.162 1.00   43.58  ? 474  THR A O   1 
ATOM   305  C CB  . THR A 1 110 ? -3.706  -8.860  -10.583 1.00   42.88  ? 474  THR A CB  1 
ATOM   306  O OG1 . THR A 1 110 ? -3.372  -7.742  -11.399 1.00   43.52  ? 474  THR A OG1 1 
ATOM   307  C CG2 . THR A 1 110 ? -2.925  -10.060 -11.080 1.00   41.47  ? 474  THR A CG2 1 
ATOM   308  N N   . TYR A 1 111 ? -6.045  -7.470  -8.972  1.00   42.70  ? 475  TYR A N   1 
ATOM   309  C CA  . TYR A 1 111 ? -6.468  -6.164  -8.502  1.00   41.62  ? 475  TYR A CA  1 
ATOM   310  C C   . TYR A 1 111 ? -5.266  -5.535  -7.842  1.00   41.21  ? 475  TYR A C   1 
ATOM   311  O O   . TYR A 1 111 ? -4.547  -6.201  -7.099  1.00   41.27  ? 475  TYR A O   1 
ATOM   312  C CB  . TYR A 1 111 ? -7.570  -6.273  -7.468  1.00   41.61  ? 475  TYR A CB  1 
ATOM   313  C CG  . TYR A 1 111 ? -8.771  -7.052  -7.893  1.00   42.77  ? 475  TYR A CG  1 
ATOM   314  C CD1 . TYR A 1 111 ? -8.885  -8.391  -7.557  1.00   46.13  ? 475  TYR A CD1 1 
ATOM   315  C CD2 . TYR A 1 111 ? -9.823  -6.453  -8.592  1.00   44.10  ? 475  TYR A CD2 1 
ATOM   316  C CE1 . TYR A 1 111 ? -9.981  -9.130  -7.922  1.00   44.87  ? 475  TYR A CE1 1 
ATOM   317  C CE2 . TYR A 1 111 ? -10.931 -7.197  -8.988  1.00   44.31  ? 475  TYR A CE2 1 
ATOM   318  C CZ  . TYR A 1 111 ? -10.993 -8.541  -8.636  1.00   46.27  ? 475  TYR A CZ  1 
ATOM   319  O OH  . TYR A 1 111 ? -12.071 -9.336  -8.954  1.00   50.11  ? 475  TYR A OH  1 
ATOM   320  N N   . ILE A 1 112 ? -5.070  -4.251  -8.103  1.00   40.56  ? 476  ILE A N   1 
ATOM   321  C CA  . ILE A 1 112 ? -3.917  -3.513  -7.610  1.00   39.80  ? 476  ILE A CA  1 
ATOM   322  C C   . ILE A 1 112 ? -4.412  -2.311  -6.815  1.00   39.48  ? 476  ILE A C   1 
ATOM   323  O O   . ILE A 1 112 ? -5.401  -1.667  -7.200  1.00   39.20  ? 476  ILE A O   1 
ATOM   324  C CB  . ILE A 1 112 ? -3.070  -2.994  -8.772  1.00   39.52  ? 476  ILE A CB  1 
ATOM   325  C CG1 . ILE A 1 112 ? -2.675  -4.144  -9.690  1.00   38.82  ? 476  ILE A CG1 1 
ATOM   326  C CG2 . ILE A 1 112 ? -1.809  -2.334  -8.247  1.00   41.72  ? 476  ILE A CG2 1 
ATOM   327  C CD1 . ILE A 1 112 ? -2.221  -3.723  -11.093 1.00   36.62  ? 476  ILE A CD1 1 
ATOM   328  N N   . THR A 1 113 ? -3.753  -2.027  -5.698  1.00   38.89  ? 477  THR A N   1 
ATOM   329  C CA  . THR A 1 113 ? -3.950  -0.745  -5.042  1.00   39.71  ? 477  THR A CA  1 
ATOM   330  C C   . THR A 1 113 ? -2.618  -0.034  -5.084  1.00   39.82  ? 477  THR A C   1 
ATOM   331  O O   . THR A 1 113 ? -1.592  -0.640  -4.781  1.00   40.34  ? 477  THR A O   1 
ATOM   332  C CB  . THR A 1 113 ? -4.409  -0.892  -3.570  1.00   40.13  ? 477  THR A CB  1 
ATOM   333  O OG1 . THR A 1 113 ? -5.659  -1.605  -3.521  1.00   41.88  ? 477  THR A OG1 1 
ATOM   334  C CG2 . THR A 1 113 ? -4.561  0.477   -2.901  1.00   37.61  ? 477  THR A CG2 1 
ATOM   335  N N   . PHE A 1 114 ? -2.633  1.233   -5.495  1.00   39.86  ? 478  PHE A N   1 
ATOM   336  C CA  . PHE A 1 114 ? -1.442  2.066   -5.476  1.00   40.00  ? 478  PHE A CA  1 
ATOM   337  C C   . PHE A 1 114 ? -1.520  3.139   -4.404  1.00   40.74  ? 478  PHE A C   1 
ATOM   338  O O   . PHE A 1 114 ? -2.602  3.634   -4.077  1.00   41.38  ? 478  PHE A O   1 
ATOM   339  C CB  . PHE A 1 114 ? -1.273  2.765   -6.802  1.00   39.77  ? 478  PHE A CB  1 
ATOM   340  C CG  . PHE A 1 114 ? -0.871  1.869   -7.910  1.00   39.18  ? 478  PHE A CG  1 
ATOM   341  C CD1 . PHE A 1 114 ? -1.838  1.329   -8.760  1.00   39.26  ? 478  PHE A CD1 1 
ATOM   342  C CD2 . PHE A 1 114 ? 0.470   1.606   -8.155  1.00   36.55  ? 478  PHE A CD2 1 
ATOM   343  C CE1 . PHE A 1 114 ? -1.475  0.504   -9.836  1.00   40.86  ? 478  PHE A CE1 1 
ATOM   344  C CE2 . PHE A 1 114 ? 0.850   0.786   -9.227  1.00   37.62  ? 478  PHE A CE2 1 
ATOM   345  C CZ  . PHE A 1 114 ? -0.127  0.223   -10.073 1.00   37.20  ? 478  PHE A CZ  1 
ATOM   346  N N   . HIS A 1 115 ? -0.360  3.519   -3.884  1.00   40.94  ? 479  HIS A N   1 
ATOM   347  C CA  . HIS A 1 115 ? -0.289  4.564   -2.899  1.00   42.09  ? 479  HIS A CA  1 
ATOM   348  C C   . HIS A 1 115 ? 0.880   5.476   -3.236  1.00   42.38  ? 479  HIS A C   1 
ATOM   349  O O   . HIS A 1 115 ? 2.029   5.041   -3.231  1.00   43.09  ? 479  HIS A O   1 
ATOM   350  C CB  . HIS A 1 115 ? -0.137  3.979   -1.493  1.00   42.14  ? 479  HIS A CB  1 
ATOM   351  C CG  . HIS A 1 115 ? -0.146  5.016   -0.415  1.00   44.93  ? 479  HIS A CG  1 
ATOM   352  N ND1 . HIS A 1 115 ? -1.297  5.662   -0.017  1.00   47.48  ? 479  HIS A ND1 1 
ATOM   353  C CD2 . HIS A 1 115 ? 0.862   5.582   0.287   1.00   46.59  ? 479  HIS A CD2 1 
ATOM   354  C CE1 . HIS A 1 115 ? -1.002  6.556   0.909   1.00   46.11  ? 479  HIS A CE1 1 
ATOM   355  N NE2 . HIS A 1 115 ? 0.301   6.528   1.111   1.00   48.10  ? 479  HIS A NE2 1 
ATOM   356  N N   . VAL A 1 116 ? 0.590   6.739   -3.531  1.00   42.44  ? 480  VAL A N   1 
ATOM   357  C CA  . VAL A 1 116 ? 1.641   7.663   -3.952  1.00   43.04  ? 480  VAL A CA  1 
ATOM   358  C C   . VAL A 1 116 ? 2.569   8.078   -2.796  1.00   43.79  ? 480  VAL A C   1 
ATOM   359  O O   . VAL A 1 116 ? 2.182   8.858   -1.913  1.00   43.51  ? 480  VAL A O   1 
ATOM   360  C CB  . VAL A 1 116 ? 1.071   8.908   -4.635  1.00   42.54  ? 480  VAL A CB  1 
ATOM   361  C CG1 . VAL A 1 116 ? 2.207   9.859   -4.974  1.00   42.19  ? 480  VAL A CG1 1 
ATOM   362  C CG2 . VAL A 1 116 ? 0.356   8.513   -5.892  1.00   41.72  ? 480  VAL A CG2 1 
ATOM   363  N N   . ILE A 1 117 ? 3.788   7.549   -2.789  1.00   44.26  ? 481  ILE A N   1 
ATOM   364  C CA  . ILE A 1 117 ? 4.715   7.929   -1.730  1.00   45.12  ? 481  ILE A CA  1 
ATOM   365  C C   . ILE A 1 117 ? 5.573   9.133   -2.098  1.00   45.35  ? 481  ILE A C   1 
ATOM   366  O O   . ILE A 1 117 ? 6.041   9.852   -1.218  1.00   45.45  ? 481  ILE A O   1 
ATOM   367  C CB  . ILE A 1 117 ? 5.576   6.756   -1.188  1.00   45.60  ? 481  ILE A CB  1 
ATOM   368  C CG1 . ILE A 1 117 ? 6.467   6.161   -2.268  1.00   47.19  ? 481  ILE A CG1 1 
ATOM   369  C CG2 . ILE A 1 117 ? 4.699   5.676   -0.512  1.00   45.98  ? 481  ILE A CG2 1 
ATOM   370  C CD1 . ILE A 1 117 ? 7.434   5.109   -1.727  1.00   49.45  ? 481  ILE A CD1 1 
ATOM   371  N N   . GLN A 1 118 ? 5.734   9.375   -3.400  1.00   45.54  ? 482  GLN A N   1 
ATOM   372  C CA  . GLN A 1 118 ? 6.426   10.567  -3.889  1.00   44.80  ? 482  GLN A CA  1 
ATOM   373  C C   . GLN A 1 118 ? 5.929   10.936  -5.280  1.00   44.63  ? 482  GLN A C   1 
ATOM   374  O O   . GLN A 1 118 ? 5.737   10.064  -6.125  1.00   45.22  ? 482  GLN A O   1 
ATOM   375  C CB  . GLN A 1 118 ? 7.929   10.314  -3.932  1.00   44.71  ? 482  GLN A CB  1 
ATOM   376  C CG  . GLN A 1 118 ? 8.711   11.297  -4.783  1.00   44.41  ? 482  GLN A CG  1 
ATOM   377  C CD  . GLN A 1 118 ? 10.220  11.099  -4.655  1.00   45.07  ? 482  GLN A CD  1 
ATOM   378  O OE1 . GLN A 1 118 ? 10.747  10.988  -3.542  1.00   43.07  ? 482  GLN A OE1 1 
ATOM   379  N NE2 . GLN A 1 118 ? 10.920  11.042  -5.795  1.00   42.83  ? 482  GLN A NE2 1 
ATOM   380  N N   . GLY A 1 119 ? 5.723   12.230  -5.515  1.00   43.96  ? 483  GLY A N   1 
ATOM   381  C CA  . GLY A 1 119 ? 5.414   12.720  -6.850  1.00   42.75  ? 483  GLY A CA  1 
ATOM   382  C C   . GLY A 1 119 ? 3.998   13.211  -7.052  1.00   42.49  ? 483  GLY A C   1 
ATOM   383  O O   . GLY A 1 119 ? 3.202   13.309  -6.102  1.00   42.21  ? 483  GLY A O   1 
ATOM   384  N N   . ILE A 1 120 ? 3.719   13.578  -8.297  1.00   42.02  ? 484  ILE A N   1 
ATOM   385  C CA  . ILE A 1 120 ? 2.398   13.928  -8.754  1.00   42.44  ? 484  ILE A CA  1 
ATOM   386  C C   . ILE A 1 120 ? 2.277   13.125  -10.031 1.00   42.42  ? 484  ILE A C   1 
ATOM   387  O O   . ILE A 1 120 ? 3.120   13.239  -10.923 1.00   42.12  ? 484  ILE A O   1 
ATOM   388  C CB  . ILE A 1 120 ? 2.307   15.433  -9.072  1.00   42.95  ? 484  ILE A CB  1 
ATOM   389  C CG1 . ILE A 1 120 ? 2.466   16.255  -7.796  1.00   45.65  ? 484  ILE A CG1 1 
ATOM   390  C CG2 . ILE A 1 120 ? 0.967   15.806  -9.707  1.00   43.13  ? 484  ILE A CG2 1 
ATOM   391  C CD1 . ILE A 1 120 ? 2.929   17.709  -8.025  1.00   48.21  ? 484  ILE A CD1 1 
ATOM   392  N N   . VAL A 1 121 ? 1.256   12.276  -10.100 1.00   42.61  ? 485  VAL A N   1 
ATOM   393  C CA  . VAL A 1 121 ? 1.026   11.429  -11.279 1.00   42.61  ? 485  VAL A CA  1 
ATOM   394  C C   . VAL A 1 121 ? -0.350  11.682  -11.876 1.00   42.67  ? 485  VAL A C   1 
ATOM   395  O O   . VAL A 1 121 ? -1.261  12.144  -11.186 1.00   43.27  ? 485  VAL A O   1 
ATOM   396  C CB  . VAL A 1 121 ? 1.137   9.934   -10.931 1.00   42.86  ? 485  VAL A CB  1 
ATOM   397  C CG1 . VAL A 1 121 ? 2.547   9.605   -10.447 1.00   41.94  ? 485  VAL A CG1 1 
ATOM   398  C CG2 . VAL A 1 121 ? 0.073   9.536   -9.877  1.00   42.48  ? 485  VAL A CG2 1 
ATOM   399  N N   . GLU A 1 122 ? -0.513  11.397  -13.154 1.00   42.56  ? 486  GLU A N   1 
ATOM   400  C CA  . GLU A 1 122 ? -1.838  11.421  -13.721 1.00   43.08  ? 486  GLU A CA  1 
ATOM   401  C C   . GLU A 1 122 ? -2.230  10.020  -14.156 1.00   43.83  ? 486  GLU A C   1 
ATOM   402  O O   . GLU A 1 122 ? -1.545  9.391   -14.970 1.00   44.58  ? 486  GLU A O   1 
ATOM   403  C CB  . GLU A 1 122 ? -1.902  12.365  -14.896 1.00   42.90  ? 486  GLU A CB  1 
ATOM   404  C CG  . GLU A 1 122 ? -3.245  12.361  -15.547 1.00   45.21  ? 486  GLU A CG  1 
ATOM   405  C CD  . GLU A 1 122 ? -3.475  13.584  -16.389 1.00   48.70  ? 486  GLU A CD  1 
ATOM   406  O OE1 . GLU A 1 122 ? -4.516  14.252  -16.182 1.00   50.68  ? 486  GLU A OE1 1 
ATOM   407  O OE2 . GLU A 1 122 ? -2.620  13.877  -17.254 1.00   49.98  ? 486  GLU A OE2 1 
ATOM   408  N N   . VAL A 1 123 ? -3.327  9.524   -13.600 1.00   43.99  ? 487  VAL A N   1 
ATOM   409  C CA  . VAL A 1 123 ? -3.769  8.169   -13.865 1.00   43.85  ? 487  VAL A CA  1 
ATOM   410  C C   . VAL A 1 123 ? -4.866  8.164   -14.911 1.00   44.78  ? 487  VAL A C   1 
ATOM   411  O O   . VAL A 1 123 ? -5.737  9.030   -14.917 1.00   44.74  ? 487  VAL A O   1 
ATOM   412  C CB  . VAL A 1 123 ? -4.267  7.498   -12.581 1.00   43.46  ? 487  VAL A CB  1 
ATOM   413  C CG1 . VAL A 1 123 ? -4.609  6.055   -12.830 1.00   42.25  ? 487  VAL A CG1 1 
ATOM   414  C CG2 . VAL A 1 123 ? -3.208  7.595   -11.512 1.00   42.55  ? 487  VAL A CG2 1 
ATOM   415  N N   . THR A 1 124 ? -4.808  7.173   -15.791 1.00   46.06  ? 488  THR A N   1 
ATOM   416  C CA  . THR A 1 124 ? -5.850  6.919   -16.772 1.00   47.63  ? 488  THR A CA  1 
ATOM   417  C C   . THR A 1 124 ? -6.354  5.489   -16.648 1.00   49.47  ? 488  THR A C   1 
ATOM   418  O O   . THR A 1 124 ? -5.583  4.542   -16.844 1.00   49.51  ? 488  THR A O   1 
ATOM   419  C CB  . THR A 1 124 ? -5.316  7.099   -18.176 1.00   47.18  ? 488  THR A CB  1 
ATOM   420  O OG1 . THR A 1 124 ? -4.918  8.460   -18.344 1.00   48.09  ? 488  THR A OG1 1 
ATOM   421  C CG2 . THR A 1 124 ? -6.373  6.743   -19.209 1.00   46.42  ? 488  THR A CG2 1 
ATOM   422  N N   . VAL A 1 125 ? -7.637  5.336   -16.329 1.00   51.27  ? 489  VAL A N   1 
ATOM   423  C CA  . VAL A 1 125 ? -8.244  4.024   -16.153 1.00   53.49  ? 489  VAL A CA  1 
ATOM   424  C C   . VAL A 1 125 ? -9.573  4.017   -16.824 1.00   56.01  ? 489  VAL A C   1 
ATOM   425  O O   . VAL A 1 125 ? -10.329 4.985   -16.735 1.00   56.88  ? 489  VAL A O   1 
ATOM   426  C CB  . VAL A 1 125 ? -8.594  3.716   -14.703 1.00   53.16  ? 489  VAL A CB  1 
ATOM   427  C CG1 . VAL A 1 125 ? -8.821  2.219   -14.534 1.00   52.36  ? 489  VAL A CG1 1 
ATOM   428  C CG2 . VAL A 1 125 ? -7.542  4.222   -13.765 1.00   52.97  ? 489  VAL A CG2 1 
ATOM   429  N N   . CYS A 1 126 ? -9.907  2.889   -17.434 1.00   59.21  ? 490  CYS A N   1 
ATOM   430  C CA  . CYS A 1 126 ? -11.140 2.798   -18.171 1.00   61.98  ? 490  CYS A CA  1 
ATOM   431  C C   . CYS A 1 126 ? -11.223 4.119   -18.942 1.00   62.52  ? 490  CYS A C   1 
ATOM   432  O O   . CYS A 1 126 ? -10.322 4.451   -19.721 1.00   62.80  ? 490  CYS A O   1 
ATOM   433  C CB  . CYS A 1 126 ? -12.305 2.624   -17.196 1.00   62.12  ? 490  CYS A CB  1 
ATOM   434  S SG  . CYS A 1 126 ? -13.585 1.524   -17.805 1.00   69.14  ? 490  CYS A SG  1 
ATOM   435  N N   . LYS A 1 127 ? -12.240 4.915   -18.652 1.00   63.65  ? 491  LYS A N   1 
ATOM   436  C CA  . LYS A 1 127 ? -12.380 6.219   -19.295 1.00   64.97  ? 491  LYS A CA  1 
ATOM   437  C C   . LYS A 1 127 ? -12.237 7.390   -18.296 1.00   64.65  ? 491  LYS A C   1 
ATOM   438  O O   . LYS A 1 127 ? -13.137 8.222   -18.170 1.00   65.13  ? 491  LYS A O   1 
ATOM   439  C CB  . LYS A 1 127 ? -13.716 6.299   -20.079 1.00   65.49  ? 491  LYS A CB  1 
ATOM   440  C CG  . LYS A 1 127 ? -14.927 5.647   -19.368 1.00   67.56  ? 491  LYS A CG  1 
ATOM   441  C CD  . LYS A 1 127 ? -16.272 6.307   -19.731 1.00   70.36  ? 491  LYS A CD  1 
ATOM   442  C CE  . LYS A 1 127 ? -17.331 6.018   -18.654 1.00   72.03  ? 491  LYS A CE  1 
ATOM   443  N NZ  . LYS A 1 127 ? -16.960 6.563   -17.293 1.00   73.72  ? 491  LYS A NZ  1 
ATOM   444  N N   . ASN A 1 128 ? -11.115 7.465   -17.591 1.00   63.93  ? 492  ASN A N   1 
ATOM   445  C CA  . ASN A 1 128 ? -10.957 8.522   -16.593 1.00   63.52  ? 492  ASN A CA  1 
ATOM   446  C C   . ASN A 1 128 ? -9.522  8.940   -16.411 1.00   61.57  ? 492  ASN A C   1 
ATOM   447  O O   . ASN A 1 128 ? -8.661  8.092   -16.231 1.00   62.31  ? 492  ASN A O   1 
ATOM   448  C CB  . ASN A 1 128 ? -11.499 8.059   -15.242 1.00   64.74  ? 492  ASN A CB  1 
ATOM   449  C CG  . ASN A 1 128 ? -13.016 7.988   -15.208 1.00   69.71  ? 492  ASN A CG  1 
ATOM   450  O OD1 . ASN A 1 128 ? -13.715 8.952   -15.569 1.00   76.61  ? 492  ASN A OD1 1 
ATOM   451  N ND2 . ASN A 1 128 ? -13.541 6.845   -14.759 1.00   72.95  ? 492  ASN A ND2 1 
ATOM   452  N N   . LYS A 1 129 ? -9.256  10.237  -16.469 1.00   58.92  ? 493  LYS A N   1 
ATOM   453  C CA  . LYS A 1 129 ? -7.985  10.754  -15.997 1.00   56.94  ? 493  LYS A CA  1 
ATOM   454  C C   . LYS A 1 129 ? -8.223  11.328  -14.615 1.00   55.09  ? 493  LYS A C   1 
ATOM   455  O O   . LYS A 1 129 ? -9.258  11.940  -14.364 1.00   54.99  ? 493  LYS A O   1 
ATOM   456  C CB  . LYS A 1 129 ? -7.469  11.865  -16.900 1.00   57.09  ? 493  LYS A CB  1 
ATOM   457  C CG  . LYS A 1 129 ? -6.665  11.433  -18.116 1.00   59.61  ? 493  LYS A CG  1 
ATOM   458  C CD  . LYS A 1 129 ? -6.113  12.691  -18.858 1.00   64.13  ? 493  LYS A CD  1 
ATOM   459  C CE  . LYS A 1 129 ? -5.817  12.461  -20.356 1.00   65.75  ? 493  LYS A CE  1 
ATOM   460  N NZ  . LYS A 1 129 ? -4.366  12.282  -20.673 1.00   66.42  ? 493  LYS A NZ  1 
ATOM   461  N N   . PHE A 1 130 ? -7.269  11.133  -13.718 1.00   52.54  ? 494  PHE A N   1 
ATOM   462  C CA  . PHE A 1 130 ? -7.269  11.858  -12.473 1.00   50.11  ? 494  PHE A CA  1 
ATOM   463  C C   . PHE A 1 130 ? -5.845  12.154  -12.041 1.00   49.79  ? 494  PHE A C   1 
ATOM   464  O O   . PHE A 1 130 ? -4.904  11.490  -12.466 1.00   49.23  ? 494  PHE A O   1 
ATOM   465  C CB  . PHE A 1 130 ? -8.075  11.133  -11.389 1.00   49.78  ? 494  PHE A CB  1 
ATOM   466  C CG  . PHE A 1 130 ? -7.573  9.757   -11.044 1.00   48.20  ? 494  PHE A CG  1 
ATOM   467  C CD1 . PHE A 1 130 ? -6.590  9.590   -10.069 1.00   47.53  ? 494  PHE A CD1 1 
ATOM   468  C CD2 . PHE A 1 130 ? -8.152  8.632   -11.617 1.00   46.12  ? 494  PHE A CD2 1 
ATOM   469  C CE1 . PHE A 1 130 ? -6.143  8.324   -9.709  1.00   49.33  ? 494  PHE A CE1 1 
ATOM   470  C CE2 . PHE A 1 130 ? -7.714  7.362   -11.275 1.00   48.75  ? 494  PHE A CE2 1 
ATOM   471  C CZ  . PHE A 1 130 ? -6.704  7.200   -10.313 1.00   49.91  ? 494  PHE A CZ  1 
ATOM   472  N N   . LEU A 1 131 ? -5.685  13.189  -11.231 1.00   49.28  ? 495  LEU A N   1 
ATOM   473  C CA  . LEU A 1 131 ? -4.391  13.551  -10.691 1.00   48.92  ? 495  LEU A CA  1 
ATOM   474  C C   . LEU A 1 131 ? -4.268  12.930  -9.311  1.00   49.09  ? 495  LEU A C   1 
ATOM   475  O O   . LEU A 1 131 ? -5.215  12.993  -8.529  1.00   49.55  ? 495  LEU A O   1 
ATOM   476  C CB  . LEU A 1 131 ? -4.297  15.075  -10.585 1.00   48.68  ? 495  LEU A CB  1 
ATOM   477  C CG  . LEU A 1 131 ? -3.572  15.894  -11.666 1.00   49.15  ? 495  LEU A CG  1 
ATOM   478  C CD1 . LEU A 1 131 ? -3.487  15.206  -13.024 1.00   48.11  ? 495  LEU A CD1 1 
ATOM   479  C CD2 . LEU A 1 131 ? -4.218  17.256  -11.809 1.00   46.81  ? 495  LEU A CD2 1 
ATOM   480  N N   . SER A 1 132 ? -3.126  12.321  -9.012  1.00   48.86  ? 496  SER A N   1 
ATOM   481  C CA  . SER A 1 132 ? -2.864  11.799  -7.667  1.00   49.68  ? 496  SER A CA  1 
ATOM   482  C C   . SER A 1 132 ? -1.594  12.399  -7.102  1.00   49.38  ? 496  SER A C   1 
ATOM   483  O O   . SER A 1 132 ? -0.570  12.443  -7.790  1.00   51.43  ? 496  SER A O   1 
ATOM   484  C CB  . SER A 1 132 ? -2.724  10.277  -7.693  1.00   49.84  ? 496  SER A CB  1 
ATOM   485  O OG  . SER A 1 132 ? -3.951  9.666   -8.044  1.00   54.09  ? 496  SER A OG  1 
ATOM   486  N N   . VAL A 1 133 ? -1.631  12.866  -5.865  1.00   48.18  ? 497  VAL A N   1 
ATOM   487  C CA  . VAL A 1 133 ? -0.436  13.469  -5.284  1.00   47.63  ? 497  VAL A CA  1 
ATOM   488  C C   . VAL A 1 133 ? 0.036   12.639  -4.112  1.00   47.93  ? 497  VAL A C   1 
ATOM   489  O O   . VAL A 1 133 ? -0.648  11.721  -3.697  1.00   48.50  ? 497  VAL A O   1 
ATOM   490  C CB  . VAL A 1 133 ? -0.684  14.918  -4.801  1.00   47.28  ? 497  VAL A CB  1 
ATOM   491  C CG1 . VAL A 1 133 ? -1.145  15.798  -5.938  1.00   45.53  ? 497  VAL A CG1 1 
ATOM   492  C CG2 . VAL A 1 133 ? -1.705  14.937  -3.675  1.00   47.80  ? 497  VAL A CG2 1 
ATOM   493  N N   . LYS A 1 134 ? 1.194   12.979  -3.565  1.00   48.45  ? 498  LYS A N   1 
ATOM   494  C CA  . LYS A 1 134 ? 1.715   12.327  -2.360  1.00   48.94  ? 498  LYS A CA  1 
ATOM   495  C C   . LYS A 1 134 ? 0.610   12.093  -1.319  1.00   48.48  ? 498  LYS A C   1 
ATOM   496  O O   . LYS A 1 134 ? -0.184  12.988  -1.027  1.00   48.82  ? 498  LYS A O   1 
ATOM   497  C CB  . LYS A 1 134 ? 2.837   13.178  -1.769  1.00   49.57  ? 498  LYS A CB  1 
ATOM   498  C CG  . LYS A 1 134 ? 3.816   12.450  -0.869  1.00   52.96  ? 498  LYS A CG  1 
ATOM   499  C CD  . LYS A 1 134 ? 4.830   13.449  -0.228  1.00   59.09  ? 498  LYS A CD  1 
ATOM   500  C CE  . LYS A 1 134 ? 5.701   12.787  0.853   1.00   61.36  ? 498  LYS A CE  1 
ATOM   501  N NZ  . LYS A 1 134 ? 5.968   13.673  2.039   1.00   64.37  ? 498  LYS A NZ  1 
ATOM   502  N N   . GLY A 1 135 ? 0.524   10.871  -0.806  1.00   47.94  ? 499  GLY A N   1 
ATOM   503  C CA  . GLY A 1 135 ? -0.456  10.552  0.211   1.00   47.39  ? 499  GLY A CA  1 
ATOM   504  C C   . GLY A 1 135 ? -1.790  10.058  -0.326  1.00   47.81  ? 499  GLY A C   1 
ATOM   505  O O   . GLY A 1 135 ? -2.586  9.458   0.408   1.00   47.71  ? 499  GLY A O   1 
ATOM   506  N N   . SER A 1 136 ? -2.056  10.291  -1.604  1.00   47.93  ? 500  SER A N   1 
ATOM   507  C CA  . SER A 1 136 ? -3.322  9.851   -2.170  1.00   48.13  ? 500  SER A CA  1 
ATOM   508  C C   . SER A 1 136 ? -3.173  8.416   -2.705  1.00   47.58  ? 500  SER A C   1 
ATOM   509  O O   . SER A 1 136 ? -2.056  7.925   -2.901  1.00   47.85  ? 500  SER A O   1 
ATOM   510  C CB  . SER A 1 136 ? -3.804  10.836  -3.234  1.00   48.17  ? 500  SER A CB  1 
ATOM   511  O OG  . SER A 1 136 ? -3.206  10.502  -4.469  1.00   52.08  ? 500  SER A OG  1 
ATOM   512  N N   . THR A 1 137 ? -4.304  7.748   -2.919  1.00   46.99  ? 501  THR A N   1 
ATOM   513  C CA  . THR A 1 137 ? -4.347  6.296   -3.082  1.00   46.26  ? 501  THR A CA  1 
ATOM   514  C C   . THR A 1 137 ? -5.357  5.922   -4.163  1.00   45.83  ? 501  THR A C   1 
ATOM   515  O O   . THR A 1 137 ? -6.526  6.279   -4.038  1.00   46.28  ? 501  THR A O   1 
ATOM   516  C CB  . THR A 1 137 ? -4.861  5.639   -1.778  1.00   46.32  ? 501  THR A CB  1 
ATOM   517  O OG1 . THR A 1 137 ? -3.892  5.781   -0.733  1.00   48.56  ? 501  THR A OG1 1 
ATOM   518  C CG2 . THR A 1 137 ? -5.139  4.170   -1.984  1.00   46.14  ? 501  THR A CG2 1 
ATOM   519  N N   . PHE A 1 138 ? -4.943  5.161   -5.181  1.00   44.48  ? 502  PHE A N   1 
ATOM   520  C CA  . PHE A 1 138 ? -5.896  4.678   -6.205  1.00   43.35  ? 502  PHE A CA  1 
ATOM   521  C C   . PHE A 1 138 ? -5.874  3.148   -6.477  1.00   43.34  ? 502  PHE A C   1 
ATOM   522  O O   . PHE A 1 138 ? -4.921  2.445   -6.110  1.00   44.01  ? 502  PHE A O   1 
ATOM   523  C CB  . PHE A 1 138 ? -5.748  5.480   -7.512  1.00   42.33  ? 502  PHE A CB  1 
ATOM   524  C CG  . PHE A 1 138 ? -4.380  5.417   -8.098  1.00   40.88  ? 502  PHE A CG  1 
ATOM   525  C CD1 . PHE A 1 138 ? -4.096  4.533   -9.135  1.00   40.59  ? 502  PHE A CD1 1 
ATOM   526  C CD2 . PHE A 1 138 ? -3.352  6.208   -7.592  1.00   38.72  ? 502  PHE A CD2 1 
ATOM   527  C CE1 . PHE A 1 138 ? -2.801  4.454   -9.690  1.00   38.95  ? 502  PHE A CE1 1 
ATOM   528  C CE2 . PHE A 1 138 ? -2.056  6.128   -8.117  1.00   37.84  ? 502  PHE A CE2 1 
ATOM   529  C CZ  . PHE A 1 138 ? -1.780  5.242   -9.166  1.00   38.20  ? 502  PHE A CZ  1 
ATOM   530  N N   . GLN A 1 139 ? -6.918  2.651   -7.148  1.00   42.43  ? 503  GLN A N   1 
ATOM   531  C CA  . GLN A 1 139 ? -7.110  1.221   -7.371  1.00   41.30  ? 503  GLN A CA  1 
ATOM   532  C C   . GLN A 1 139 ? -7.401  0.905   -8.818  1.00   41.00  ? 503  GLN A C   1 
ATOM   533  O O   . GLN A 1 139 ? -8.172  1.596   -9.470  1.00   40.23  ? 503  GLN A O   1 
ATOM   534  C CB  . GLN A 1 139 ? -8.268  0.677   -6.521  1.00   40.92  ? 503  GLN A CB  1 
ATOM   535  C CG  . GLN A 1 139 ? -7.888  0.396   -5.076  1.00   42.33  ? 503  GLN A CG  1 
ATOM   536  C CD  . GLN A 1 139 ? -8.915  -0.422  -4.301  1.00   43.49  ? 503  GLN A CD  1 
ATOM   537  O OE1 . GLN A 1 139 ? -9.349  -1.496  -4.735  1.00   46.50  ? 503  GLN A OE1 1 
ATOM   538  N NE2 . GLN A 1 139 ? -9.264  0.056   -3.122  1.00   43.09  ? 503  GLN A NE2 1 
ATOM   539  N N   . ILE A 1 140 ? -6.823  -0.191  -9.303  1.00   41.27  ? 504  ILE A N   1 
ATOM   540  C CA  . ILE A 1 140 ? -7.140  -0.691  -10.636 1.00   40.73  ? 504  ILE A CA  1 
ATOM   541  C C   . ILE A 1 140 ? -7.874  -2.006  -10.499 1.00   40.92  ? 504  ILE A C   1 
ATOM   542  O O   . ILE A 1 140 ? -7.345  -2.940  -9.898  1.00   42.18  ? 504  ILE A O   1 
ATOM   543  C CB  . ILE A 1 140 ? -5.875  -0.951  -11.496 1.00   40.72  ? 504  ILE A CB  1 
ATOM   544  C CG1 . ILE A 1 140 ? -4.878  0.232   -11.444 1.00   39.68  ? 504  ILE A CG1 1 
ATOM   545  C CG2 . ILE A 1 140 ? -6.278  -1.320  -12.928 1.00   38.49  ? 504  ILE A CG2 1 
ATOM   546  C CD1 . ILE A 1 140 ? -5.440  1.562   -11.955 1.00   40.01  ? 504  ILE A CD1 1 
ATOM   547  N N   . PRO A 1 141 ? -9.088  -2.096  -11.061 1.00   40.29  ? 505  PRO A N   1 
ATOM   548  C CA  . PRO A 1 141 ? -9.771  -3.386  -11.047 1.00   40.06  ? 505  PRO A CA  1 
ATOM   549  C C   . PRO A 1 141 ? -9.122  -4.331  -12.055 1.00   39.70  ? 505  PRO A C   1 
ATOM   550  O O   . PRO A 1 141 ? -8.384  -3.881  -12.916 1.00   40.18  ? 505  PRO A O   1 
ATOM   551  C CB  . PRO A 1 141 ? -11.184 -3.030  -11.508 1.00   39.81  ? 505  PRO A CB  1 
ATOM   552  C CG  . PRO A 1 141 ? -10.989 -1.838  -12.368 1.00   40.00  ? 505  PRO A CG  1 
ATOM   553  C CD  . PRO A 1 141 ? -9.816  -1.083  -11.844 1.00   39.25  ? 505  PRO A CD  1 
ATOM   554  N N   . ALA A 1 142 ? -9.418  -5.621  -11.947 1.00   39.79  ? 506  ALA A N   1 
ATOM   555  C CA  . ALA A 1 142 ? -8.878  -6.657  -12.827 1.00   39.32  ? 506  ALA A CA  1 
ATOM   556  C C   . ALA A 1 142 ? -9.381  -6.450  -14.239 1.00   39.62  ? 506  ALA A C   1 
ATOM   557  O O   . ALA A 1 142 ? -10.416 -5.817  -14.444 1.00   39.18  ? 506  ALA A O   1 
ATOM   558  C CB  . ALA A 1 142 ? -9.269  -8.040  -12.320 1.00   38.53  ? 506  ALA A CB  1 
ATOM   559  N N   . PHE A 1 143 ? -8.632  -6.984  -15.203 1.00   40.68  ? 507  PHE A N   1 
ATOM   560  C CA  . PHE A 1 143 ? -8.966  -6.883  -16.626 1.00   41.72  ? 507  PHE A CA  1 
ATOM   561  C C   . PHE A 1 143 ? -9.142  -5.436  -17.080 1.00   42.94  ? 507  PHE A C   1 
ATOM   562  O O   . PHE A 1 143 ? -9.996  -5.133  -17.901 1.00   44.38  ? 507  PHE A O   1 
ATOM   563  C CB  . PHE A 1 143 ? -10.223 -7.694  -16.948 1.00   40.33  ? 507  PHE A CB  1 
ATOM   564  C CG  . PHE A 1 143 ? -10.265 -9.013  -16.262 1.00   40.13  ? 507  PHE A CG  1 
ATOM   565  C CD1 . PHE A 1 143 ? -11.163 -9.251  -15.239 1.00   39.76  ? 507  PHE A CD1 1 
ATOM   566  C CD2 . PHE A 1 143 ? -9.393  -10.021 -16.615 1.00   39.76  ? 507  PHE A CD2 1 
ATOM   567  C CE1 . PHE A 1 143 ? -11.199 -10.483 -14.596 1.00   37.02  ? 507  PHE A CE1 1 
ATOM   568  C CE2 . PHE A 1 143 ? -9.434  -11.256 -15.972 1.00   38.24  ? 507  PHE A CE2 1 
ATOM   569  C CZ  . PHE A 1 143 ? -10.328 -11.477 -14.964 1.00   35.62  ? 507  PHE A CZ  1 
ATOM   570  N N   . ASN A 1 144 ? -8.342  -4.536  -16.558 1.00   43.96  ? 508  ASN A N   1 
ATOM   571  C CA  . ASN A 1 144 ? -8.431  -3.182  -17.035 1.00   46.00  ? 508  ASN A CA  1 
ATOM   572  C C   . ASN A 1 144 ? -7.131  -2.672  -17.613 1.00   47.10  ? 508  ASN A C   1 
ATOM   573  O O   . ASN A 1 144 ? -6.058  -2.845  -17.024 1.00   47.08  ? 508  ASN A O   1 
ATOM   574  C CB  . ASN A 1 144 ? -8.894  -2.250  -15.923 1.00   46.50  ? 508  ASN A CB  1 
ATOM   575  C CG  . ASN A 1 144 ? -10.349 -1.941  -16.016 1.00   47.98  ? 508  ASN A CG  1 
ATOM   576  O OD1 . ASN A 1 144 ? -11.207 -2.835  -15.909 1.00   49.76  ? 508  ASN A OD1 1 
ATOM   577  N ND2 . ASN A 1 144 ? -10.654 -0.672  -16.259 1.00   49.81  ? 508  ASN A ND2 1 
ATOM   578  N N   . GLU A 1 145 ? -7.233  -2.046  -18.777 1.00   48.13  ? 509  GLU A N   1 
ATOM   579  C CA  . GLU A 1 145 ? -6.143  -1.253  -19.283 1.00   49.19  ? 509  GLU A CA  1 
ATOM   580  C C   . GLU A 1 145 ? -6.050  -0.021  -18.428 1.00   48.61  ? 509  GLU A C   1 
ATOM   581  O O   . GLU A 1 145 ? -7.086  0.552   -18.074 1.00   49.59  ? 509  GLU A O   1 
ATOM   582  C CB  . GLU A 1 145 ? -6.438  -0.845  -20.706 1.00   49.89  ? 509  GLU A CB  1 
ATOM   583  C CG  . GLU A 1 145 ? -5.833  -1.805  -21.698 1.00   56.35  ? 509  GLU A CG  1 
ATOM   584  C CD  . GLU A 1 145 ? -6.226  -1.491  -23.120 1.00   63.07  ? 509  GLU A CD  1 
ATOM   585  O OE1 . GLU A 1 145 ? -6.085  -0.317  -23.542 1.00   66.30  ? 509  GLU A OE1 1 
ATOM   586  O OE2 . GLU A 1 145 ? -6.667  -2.431  -23.815 1.00   65.05  ? 509  GLU A OE2 1 
ATOM   587  N N   . TYR A 1 146 ? -4.823  0.371   -18.078 1.00   47.67  ? 510  TYR A N   1 
ATOM   588  C CA  . TYR A 1 146 ? -4.580  1.625   -17.361 1.00   46.69  ? 510  TYR A CA  1 
ATOM   589  C C   . TYR A 1 146 ? -3.188  2.207   -17.624 1.00   46.47  ? 510  TYR A C   1 
ATOM   590  O O   . TYR A 1 146 ? -2.236  1.469   -17.916 1.00   45.91  ? 510  TYR A O   1 
ATOM   591  C CB  . TYR A 1 146 ? -4.759  1.413   -15.866 1.00   46.62  ? 510  TYR A CB  1 
ATOM   592  C CG  . TYR A 1 146 ? -3.614  0.659   -15.260 1.00   47.27  ? 510  TYR A CG  1 
ATOM   593  C CD1 . TYR A 1 146 ? -3.502  -0.729  -15.428 1.00   46.68  ? 510  TYR A CD1 1 
ATOM   594  C CD2 . TYR A 1 146 ? -2.605  1.331   -14.555 1.00   48.03  ? 510  TYR A CD2 1 
ATOM   595  C CE1 . TYR A 1 146 ? -2.443  -1.428  -14.883 1.00   47.64  ? 510  TYR A CE1 1 
ATOM   596  C CE2 . TYR A 1 146 ? -1.525  0.636   -14.008 1.00   48.81  ? 510  TYR A CE2 1 
ATOM   597  C CZ  . TYR A 1 146 ? -1.458  -0.741  -14.177 1.00   49.92  ? 510  TYR A CZ  1 
ATOM   598  O OH  . TYR A 1 146 ? -0.399  -1.430  -13.642 1.00   53.68  ? 510  TYR A OH  1 
ATOM   599  N N   . ALA A 1 147 ? -3.075  3.534   -17.495 1.00   46.55  ? 511  ALA A N   1 
ATOM   600  C CA  . ALA A 1 147 ? -1.807  4.239   -17.713 1.00   46.30  ? 511  ALA A CA  1 
ATOM   601  C C   . ALA A 1 147 ? -1.457  5.136   -16.535 1.00   46.56  ? 511  ALA A C   1 
ATOM   602  O O   . ALA A 1 147 ? -2.348  5.599   -15.806 1.00   46.83  ? 511  ALA A O   1 
ATOM   603  C CB  . ALA A 1 147 ? -1.857  5.042   -19.000 1.00   45.68  ? 511  ALA A CB  1 
ATOM   604  N N   . ILE A 1 148 ? -0.163  5.369   -16.334 1.00   46.54  ? 512  ILE A N   1 
ATOM   605  C CA  . ILE A 1 148 ? 0.292   6.330   -15.318 1.00   46.29  ? 512  ILE A CA  1 
ATOM   606  C C   . ILE A 1 148 ? 1.391   7.278   -15.840 1.00   46.69  ? 512  ILE A C   1 
ATOM   607  O O   . ILE A 1 148 ? 2.437   6.830   -16.299 1.00   47.46  ? 512  ILE A O   1 
ATOM   608  C CB  . ILE A 1 148 ? 0.785   5.603   -14.066 1.00   45.62  ? 512  ILE A CB  1 
ATOM   609  C CG1 . ILE A 1 148 ? -0.330  4.728   -13.500 1.00   44.54  ? 512  ILE A CG1 1 
ATOM   610  C CG2 . ILE A 1 148 ? 1.202   6.606   -13.024 1.00   46.66  ? 512  ILE A CG2 1 
ATOM   611  C CD1 . ILE A 1 148 ? 0.062   3.906   -12.303 1.00   41.70  ? 512  ILE A CD1 1 
ATOM   612  N N   . ALA A 1 149 ? 1.153   8.588   -15.778 1.00   46.77  ? 513  ALA A N   1 
ATOM   613  C CA  . ALA A 1 149 ? 2.156   9.580   -16.200 1.00   45.83  ? 513  ALA A CA  1 
ATOM   614  C C   . ALA A 1 149 ? 2.700   10.364  -15.000 1.00   46.15  ? 513  ALA A C   1 
ATOM   615  O O   . ALA A 1 149 ? 1.973   10.661  -14.047 1.00   45.64  ? 513  ALA A O   1 
ATOM   616  C CB  . ALA A 1 149 ? 1.582   10.523  -17.244 1.00   44.77  ? 513  ALA A CB  1 
ATOM   617  N N   . ASN A 1 150 ? 4.000   10.665  -15.036 1.00   46.79  ? 514  ASN A N   1 
ATOM   618  C CA  . ASN A 1 150 ? 4.602   11.524  -14.037 1.00   46.53  ? 514  ASN A CA  1 
ATOM   619  C C   . ASN A 1 150 ? 4.346   12.957  -14.475 1.00   46.89  ? 514  ASN A C   1 
ATOM   620  O O   . ASN A 1 150 ? 4.491   13.293  -15.651 1.00   46.97  ? 514  ASN A O   1 
ATOM   621  C CB  . ASN A 1 150 ? 6.096   11.230  -13.906 1.00   46.22  ? 514  ASN A CB  1 
ATOM   622  C CG  . ASN A 1 150 ? 6.715   11.837  -12.643 1.00   47.40  ? 514  ASN A CG  1 
ATOM   623  O OD1 . ASN A 1 150 ? 6.158   12.757  -12.016 1.00   47.07  ? 514  ASN A OD1 1 
ATOM   624  N ND2 . ASN A 1 150 ? 7.885   11.319  -12.265 1.00   46.93  ? 514  ASN A ND2 1 
ATOM   625  N N   . ARG A 1 151 ? 3.919   13.789  -13.533 1.00   47.70  ? 515  ARG A N   1 
ATOM   626  C CA  . ARG A 1 151 ? 3.521   15.156  -13.833 1.00   47.93  ? 515  ARG A CA  1 
ATOM   627  C C   . ARG A 1 151 ? 4.370   16.152  -13.066 1.00   48.62  ? 515  ARG A C   1 
ATOM   628  O O   . ARG A 1 151 ? 4.202   17.356  -13.219 1.00   49.02  ? 515  ARG A O   1 
ATOM   629  C CB  . ARG A 1 151 ? 2.049   15.360  -13.481 1.00   47.56  ? 515  ARG A CB  1 
ATOM   630  C CG  . ARG A 1 151 ? 1.096   14.514  -14.272 1.00   46.05  ? 515  ARG A CG  1 
ATOM   631  C CD  . ARG A 1 151 ? 0.968   14.994  -15.707 1.00   45.78  ? 515  ARG A CD  1 
ATOM   632  N NE  . ARG A 1 151 ? 1.036   16.449  -15.800 1.00   48.10  ? 515  ARG A NE  1 
ATOM   633  C CZ  . ARG A 1 151 ? -0.011  17.255  -15.939 1.00   46.80  ? 515  ARG A CZ  1 
ATOM   634  N NH1 . ARG A 1 151 ? -1.226  16.758  -16.016 1.00   48.04  ? 515  ARG A NH1 1 
ATOM   635  N NH2 . ARG A 1 151 ? 0.161   18.563  -16.010 1.00   47.58  ? 515  ARG A NH2 1 
ATOM   636  N N   . GLY A 1 152 ? 5.283   15.643  -12.243 1.00   49.61  ? 516  GLY A N   1 
ATOM   637  C CA  . GLY A 1 152 ? 6.136   16.493  -11.410 1.00   50.60  ? 516  GLY A CA  1 
ATOM   638  C C   . GLY A 1 152 ? 7.617   16.454  -11.764 1.00   51.23  ? 516  GLY A C   1 
ATOM   639  O O   . GLY A 1 152 ? 8.019   15.841  -12.763 1.00   50.89  ? 516  GLY A O   1 
ATOM   640  N N   . ASN A 1 153 ? 8.414   17.112  -10.924 1.00   51.97  ? 517  ASN A N   1 
ATOM   641  C CA  . ASN A 1 153 ? 9.857   17.263  -11.095 1.00   52.49  ? 517  ASN A CA  1 
ATOM   642  C C   . ASN A 1 153 ? 10.653  16.025  -10.709 1.00   52.64  ? 517  ASN A C   1 
ATOM   643  O O   . ASN A 1 153 ? 11.507  15.565  -11.460 1.00   52.62  ? 517  ASN A O   1 
ATOM   644  C CB  . ASN A 1 153 ? 10.337  18.409  -10.224 1.00   52.85  ? 517  ASN A CB  1 
ATOM   645  C CG  . ASN A 1 153 ? 11.664  18.923  -10.662 1.00   55.88  ? 517  ASN A CG  1 
ATOM   646  O OD1 . ASN A 1 153 ? 12.168  18.508  -11.702 1.00   60.56  ? 517  ASN A OD1 1 
ATOM   647  N ND2 . ASN A 1 153 ? 12.241  19.843  -9.901  1.00   57.43  ? 517  ASN A ND2 1 
ATOM   648  N N   . ASP A 1 154 ? 10.395  15.534  -9.498  1.00   52.92  ? 518  ASP A N   1 
ATOM   649  C CA  . ASP A 1 154 ? 11.054  14.357  -8.945  1.00   52.81  ? 518  ASP A CA  1 
ATOM   650  C C   . ASP A 1 154 ? 10.558  13.100  -9.658  1.00   52.96  ? 518  ASP A C   1 
ATOM   651  O O   . ASP A 1 154 ? 9.558   13.157  -10.376 1.00   52.52  ? 518  ASP A O   1 
ATOM   652  C CB  . ASP A 1 154 ? 10.801  14.271  -7.427  1.00   52.36  ? 518  ASP A CB  1 
ATOM   653  C CG  . ASP A 1 154 ? 9.366   14.610  -7.043  1.00   52.02  ? 518  ASP A CG  1 
ATOM   654  O OD1 . ASP A 1 154 ? 9.117   14.773  -5.829  1.00   51.76  ? 518  ASP A OD1 1 
ATOM   655  O OD2 . ASP A 1 154 ? 8.486   14.710  -7.934  1.00   51.37  ? 518  ASP A OD2 1 
ATOM   656  N N   . GLU A 1 155 ? 11.256  11.974  -9.477  1.00   52.82  ? 519  GLU A N   1 
ATOM   657  C CA  . GLU A 1 155 ? 10.710  10.696  -9.921  1.00   52.84  ? 519  GLU A CA  1 
ATOM   658  C C   . GLU A 1 155 ? 9.561   10.332  -9.000  1.00   52.26  ? 519  GLU A C   1 
ATOM   659  O O   . GLU A 1 155 ? 9.571   10.713  -7.830  1.00   52.15  ? 519  GLU A O   1 
ATOM   660  C CB  . GLU A 1 155 ? 11.779  9.596   -9.988  1.00   52.98  ? 519  GLU A CB  1 
ATOM   661  C CG  . GLU A 1 155 ? 11.959  8.758   -8.736  1.00   54.18  ? 519  GLU A CG  1 
ATOM   662  C CD  . GLU A 1 155 ? 12.732  7.453   -8.978  1.00   55.97  ? 519  GLU A CD  1 
ATOM   663  O OE1 . GLU A 1 155 ? 13.421  7.008   -8.027  1.00   56.30  ? 519  GLU A OE1 1 
ATOM   664  O OE2 . GLU A 1 155 ? 12.644  6.868   -10.091 1.00   55.19  ? 519  GLU A OE2 1 
ATOM   665  N N   . ALA A 1 156 ? 8.553   9.650   -9.542  1.00   51.88  ? 520  ALA A N   1 
ATOM   666  C CA  . ALA A 1 156 ? 7.345   9.325   -8.783  1.00   51.27  ? 520  ALA A CA  1 
ATOM   667  C C   . ALA A 1 156 ? 7.394   7.903   -8.267  1.00   51.18  ? 520  ALA A C   1 
ATOM   668  O O   . ALA A 1 156 ? 7.789   6.984   -8.991  1.00   50.62  ? 520  ALA A O   1 
ATOM   669  C CB  . ALA A 1 156 ? 6.100   9.545   -9.615  1.00   50.67  ? 520  ALA A CB  1 
ATOM   670  N N   . LYS A 1 157 ? 7.003   7.735   -7.006  1.00   51.18  ? 521  LYS A N   1 
ATOM   671  C CA  . LYS A 1 157 ? 7.078   6.447   -6.340  1.00   51.01  ? 521  LYS A CA  1 
ATOM   672  C C   . LYS A 1 157 ? 5.718   6.055   -5.791  1.00   50.79  ? 521  LYS A C   1 
ATOM   673  O O   . LYS A 1 157 ? 5.045   6.856   -5.129  1.00   51.15  ? 521  LYS A O   1 
ATOM   674  C CB  . LYS A 1 157 ? 8.124   6.460   -5.226  1.00   51.38  ? 521  LYS A CB  1 
ATOM   675  C CG  . LYS A 1 157 ? 9.590   6.522   -5.705  1.00   52.42  ? 521  LYS A CG  1 
ATOM   676  C CD  . LYS A 1 157 ? 10.541  6.761   -4.538  1.00   53.95  ? 521  LYS A CD  1 
ATOM   677  C CE  . LYS A 1 157 ? 11.942  7.059   -5.015  1.00   57.88  ? 521  LYS A CE  1 
ATOM   678  N NZ  . LYS A 1 157 ? 12.977  6.740   -3.982  1.00   60.71  ? 521  LYS A NZ  1 
ATOM   679  N N   . MET A 1 158 ? 5.316   4.821   -6.091  1.00   49.85  ? 522  MET A N   1 
ATOM   680  C CA  . MET A 1 158 ? 4.061   4.286   -5.613  1.00   48.49  ? 522  MET A CA  1 
ATOM   681  C C   . MET A 1 158 ? 4.275   2.932   -4.980  1.00   48.24  ? 522  MET A C   1 
ATOM   682  O O   . MET A 1 158 ? 4.869   2.038   -5.584  1.00   49.42  ? 522  MET A O   1 
ATOM   683  C CB  . MET A 1 158 ? 3.064   4.188   -6.752  1.00   47.94  ? 522  MET A CB  1 
ATOM   684  C CG  . MET A 1 158 ? 2.540   5.540   -7.154  1.00   46.57  ? 522  MET A CG  1 
ATOM   685  S SD  . MET A 1 158 ? 2.289   5.667   -8.931  1.00   43.21  ? 522  MET A SD  1 
ATOM   686  C CE  . MET A 1 158 ? 3.976   5.604   -9.534  1.00   45.36  ? 522  MET A CE  1 
ATOM   687  N N   . PHE A 1 159 ? 3.836   2.800   -3.740  1.00   46.54  ? 523  PHE A N   1 
ATOM   688  C CA  . PHE A 1 159 ? 3.760   1.512   -3.129  1.00   45.79  ? 523  PHE A CA  1 
ATOM   689  C C   . PHE A 1 159 ? 2.495   0.886   -3.688  1.00   46.03  ? 523  PHE A C   1 
ATOM   690  O O   . PHE A 1 159 ? 1.500   1.585   -3.891  1.00   46.41  ? 523  PHE A O   1 
ATOM   691  C CB  . PHE A 1 159 ? 3.656   1.672   -1.617  1.00   45.27  ? 523  PHE A CB  1 
ATOM   692  C CG  . PHE A 1 159 ? 3.351   0.401   -0.897  1.00   44.70  ? 523  PHE A CG  1 
ATOM   693  C CD1 . PHE A 1 159 ? 4.325   -0.592  -0.753  1.00   44.79  ? 523  PHE A CD1 1 
ATOM   694  C CD2 . PHE A 1 159 ? 2.100   0.191   -0.351  1.00   43.73  ? 523  PHE A CD2 1 
ATOM   695  C CE1 . PHE A 1 159 ? 4.047   -1.776  -0.076  1.00   43.93  ? 523  PHE A CE1 1 
ATOM   696  C CE2 . PHE A 1 159 ? 1.812   -0.989  0.326   1.00   44.23  ? 523  PHE A CE2 1 
ATOM   697  C CZ  . PHE A 1 159 ? 2.787   -1.977  0.458   1.00   44.08  ? 523  PHE A CZ  1 
ATOM   698  N N   . PHE A 1 160 ? 2.527   -0.413  -3.970  1.00   45.83  ? 524  PHE A N   1 
ATOM   699  C CA  . PHE A 1 160 ? 1.318   -1.116  -4.379  1.00   45.14  ? 524  PHE A CA  1 
ATOM   700  C C   . PHE A 1 160 ? 1.181   -2.468  -3.710  1.00   45.56  ? 524  PHE A C   1 
ATOM   701  O O   . PHE A 1 160 ? 2.173   -3.075  -3.288  1.00   46.12  ? 524  PHE A O   1 
ATOM   702  C CB  . PHE A 1 160 ? 1.273   -1.289  -5.895  1.00   44.78  ? 524  PHE A CB  1 
ATOM   703  C CG  . PHE A 1 160 ? 2.358   -2.163  -6.441  1.00   43.25  ? 524  PHE A CG  1 
ATOM   704  C CD1 . PHE A 1 160 ? 2.226   -3.544  -6.441  1.00   43.89  ? 524  PHE A CD1 1 
ATOM   705  C CD2 . PHE A 1 160 ? 3.493   -1.609  -7.000  1.00   43.95  ? 524  PHE A CD2 1 
ATOM   706  C CE1 . PHE A 1 160 ? 3.228   -4.373  -6.963  1.00   43.13  ? 524  PHE A CE1 1 
ATOM   707  C CE2 . PHE A 1 160 ? 4.493   -2.422  -7.528  1.00   44.07  ? 524  PHE A CE2 1 
ATOM   708  C CZ  . PHE A 1 160 ? 4.351   -3.817  -7.507  1.00   43.65  ? 524  PHE A CZ  1 
ATOM   709  N N   . VAL A 1 161 ? -0.056  -2.941  -3.659  1.00   45.60  ? 525  VAL A N   1 
ATOM   710  C CA  . VAL A 1 161 ? -0.400  -4.297  -3.228  1.00   45.88  ? 525  VAL A CA  1 
ATOM   711  C C   . VAL A 1 161 ? -1.223  -4.916  -4.343  1.00   46.34  ? 525  VAL A C   1 
ATOM   712  O O   . VAL A 1 161 ? -1.982  -4.212  -5.010  1.00   46.13  ? 525  VAL A O   1 
ATOM   713  C CB  . VAL A 1 161 ? -1.293  -4.238  -1.976  1.00   45.64  ? 525  VAL A CB  1 
ATOM   714  C CG1 . VAL A 1 161 ? -1.612  -5.610  -1.482  1.00   44.64  ? 525  VAL A CG1 1 
ATOM   715  C CG2 . VAL A 1 161 ? -0.610  -3.440  -0.880  1.00   46.34  ? 525  VAL A CG2 1 
ATOM   716  N N   . GLN A 1 162 ? -1.070  -6.217  -4.569  1.00   47.48  ? 526  GLN A N   1 
ATOM   717  C CA  . GLN A 1 162 ? -1.896  -6.878  -5.572  1.00   49.35  ? 526  GLN A CA  1 
ATOM   718  C C   . GLN A 1 162 ? -2.284  -8.315  -5.267  1.00   50.22  ? 526  GLN A C   1 
ATOM   719  O O   . GLN A 1 162 ? -1.573  -9.061  -4.591  1.00   50.94  ? 526  GLN A O   1 
ATOM   720  C CB  . GLN A 1 162 ? -1.308  -6.771  -6.988  1.00   49.30  ? 526  GLN A CB  1 
ATOM   721  C CG  . GLN A 1 162 ? 0.042   -7.398  -7.152  1.00   51.73  ? 526  GLN A CG  1 
ATOM   722  C CD  . GLN A 1 162 ? 0.207   -8.047  -8.504  1.00   55.18  ? 526  GLN A CD  1 
ATOM   723  O OE1 . GLN A 1 162 ? 0.179   -7.378  -9.531  1.00   55.80  ? 526  GLN A OE1 1 
ATOM   724  N NE2 . GLN A 1 162 ? 0.390   -9.367  -8.514  1.00   58.05  ? 526  GLN A NE2 1 
ATOM   725  N N   . VAL A 1 163 ? -3.424  -8.697  -5.811  1.00   50.83  ? 527  VAL A N   1 
ATOM   726  C CA  . VAL A 1 163 ? -3.962  -10.009 -5.600  1.00   51.46  ? 527  VAL A CA  1 
ATOM   727  C C   . VAL A 1 163 ? -4.389  -10.479 -6.973  1.00   52.49  ? 527  VAL A C   1 
ATOM   728  O O   . VAL A 1 163 ? -4.976  -9.711  -7.739  1.00   51.87  ? 527  VAL A O   1 
ATOM   729  C CB  . VAL A 1 163 ? -5.162  -9.937  -4.645  1.00   50.96  ? 527  VAL A CB  1 
ATOM   730  C CG1 . VAL A 1 163 ? -6.094  -11.109 -4.861  1.00   52.75  ? 527  VAL A CG1 1 
ATOM   731  C CG2 . VAL A 1 163 ? -4.687  -9.882  -3.217  1.00   50.13  ? 527  VAL A CG2 1 
ATOM   732  N N   . THR A 1 164 ? -4.054  -11.717 -7.318  1.00   54.56  ? 528  THR A N   1 
ATOM   733  C CA  . THR A 1 164 ? -4.622  -12.264 -8.541  1.00   57.11  ? 528  THR A CA  1 
ATOM   734  C C   . THR A 1 164 ? -5.999  -12.745 -8.171  1.00   58.36  ? 528  THR A C   1 
ATOM   735  O O   . THR A 1 164 ? -6.190  -13.267 -7.081  1.00   58.66  ? 528  THR A O   1 
ATOM   736  C CB  . THR A 1 164 ? -3.860  -13.446 -9.119  1.00   57.51  ? 528  THR A CB  1 
ATOM   737  O OG1 . THR A 1 164 ? -4.326  -14.634 -8.472  1.00   57.17  ? 528  THR A OG1 1 
ATOM   738  C CG2 . THR A 1 164 ? -2.335  -13.264 -8.977  1.00   56.76  ? 528  THR A CG2 1 
ATOM   739  N N   . VAL A 1 165 ? -6.960  -12.493 -9.052  1.00   60.50  ? 529  VAL A N   1 
ATOM   740  C CA  . VAL A 1 165 ? -8.355  -12.738 -8.772  1.00   62.15  ? 529  VAL A CA  1 
ATOM   741  C C   . VAL A 1 165 ? -8.525  -14.233 -8.781  1.00   64.38  ? 529  VAL A C   1 
ATOM   742  O O   . VAL A 1 165 ? -7.727  -14.984 -9.387  1.00   64.78  ? 529  VAL A O   1 
ATOM   743  C CB  . VAL A 1 165 ? -9.292  -12.079 -9.810  1.00   61.77  ? 529  VAL A CB  1 
ATOM   744  C CG1 . VAL A 1 165 ? -8.827  -12.355 -11.193 1.00   62.48  ? 529  VAL A CG1 1 
ATOM   745  C CG2 . VAL A 1 165 ? -10.725 -12.579 -9.668  1.00   62.55  ? 529  VAL A CG2 1 
ATOM   746  N N   . SER A 1 166 ? -9.582  -14.660 -8.113  1.00   66.68  ? 530  SER A N   1 
ATOM   747  C CA  . SER A 1 166 ? -9.689  -16.025 -7.670  1.00   68.87  ? 530  SER A CA  1 
ATOM   748  C C   . SER A 1 166 ? -9.936  -17.077 -8.792  1.00   70.42  ? 530  SER A C   1 
ATOM   749  O O   . SER A 1 166 ? -10.740 -17.995 -8.559  1.00   71.87  ? 530  SER A O   1 
ATOM   750  C CB  . SER A 1 166 ? -10.692 -16.098 -6.510  1.00   68.86  ? 530  SER A CB  1 
ATOM   751  O OG  . SER A 1 166 ? -10.176 -15.370 -5.387  1.00   68.16  ? 530  SER A OG  1 
ATOM   752  O OXT . SER A 1 166 ? -9.315  -17.086 -9.904  1.00   70.11  ? 530  SER A OXT 1 
ATOM   753  N N   . PHE B 1 75  ? -3.775  5.660   19.164  1.00   62.11  ? 439  PHE B N   1 
ATOM   754  C CA  . PHE B 1 75  ? -3.761  5.515   17.660  1.00   63.12  ? 439  PHE B CA  1 
ATOM   755  C C   . PHE B 1 75  ? -4.862  6.315   16.934  1.00   65.18  ? 439  PHE B C   1 
ATOM   756  O O   . PHE B 1 75  ? -5.838  6.744   17.556  1.00   65.96  ? 439  PHE B O   1 
ATOM   757  C CB  . PHE B 1 75  ? -3.821  4.030   17.248  1.00   61.92  ? 439  PHE B CB  1 
ATOM   758  C CG  . PHE B 1 75  ? -5.145  3.346   17.550  1.00   62.45  ? 439  PHE B CG  1 
ATOM   759  C CD1 . PHE B 1 75  ? -5.392  2.804   18.824  1.00   64.39  ? 439  PHE B CD1 1 
ATOM   760  C CD2 . PHE B 1 75  ? -6.134  3.220   16.559  1.00   62.33  ? 439  PHE B CD2 1 
ATOM   761  C CE1 . PHE B 1 75  ? -6.624  2.156   19.119  1.00   66.28  ? 439  PHE B CE1 1 
ATOM   762  C CE2 . PHE B 1 75  ? -7.369  2.571   16.829  1.00   64.53  ? 439  PHE B CE2 1 
ATOM   763  C CZ  . PHE B 1 75  ? -7.615  2.034   18.112  1.00   65.67  ? 439  PHE B CZ  1 
ATOM   764  N N   . ALA B 1 76  ? -4.689  6.524   15.629  1.00   68.57  ? 440  ALA B N   1 
ATOM   765  C CA  . ALA B 1 76  ? -5.789  6.953   14.766  1.00   71.57  ? 440  ALA B CA  1 
ATOM   766  C C   . ALA B 1 76  ? -5.843  6.078   13.513  1.00   73.47  ? 440  ALA B C   1 
ATOM   767  O O   . ALA B 1 76  ? -4.946  6.126   12.670  1.00   73.92  ? 440  ALA B O   1 
ATOM   768  C CB  . ALA B 1 76  ? -5.664  8.442   14.411  1.00   71.30  ? 440  ALA B CB  1 
ATOM   769  N N   . LEU B 1 77  ? -6.870  5.233   13.440  1.00   75.73  ? 441  LEU B N   1 
ATOM   770  C CA  . LEU B 1 77  ? -7.193  4.496   12.221  1.00   77.49  ? 441  LEU B CA  1 
ATOM   771  C C   . LEU B 1 77  ? -8.321  5.223   11.484  1.00   77.73  ? 441  LEU B C   1 
ATOM   772  O O   . LEU B 1 77  ? -9.224  5.793   12.107  1.00   78.26  ? 441  LEU B O   1 
ATOM   773  C CB  . LEU B 1 77  ? -7.582  3.039   12.541  1.00   77.68  ? 441  LEU B CB  1 
ATOM   774  C CG  . LEU B 1 77  ? -8.061  2.107   11.420  1.00   78.84  ? 441  LEU B CG  1 
ATOM   775  C CD1 . LEU B 1 77  ? -7.635  0.662   11.700  1.00   79.49  ? 441  LEU B CD1 1 
ATOM   776  C CD2 . LEU B 1 77  ? -9.586  2.206   11.260  1.00   79.34  ? 441  LEU B CD2 1 
ATOM   777  N N   . GLU B 1 78  ? -8.232  5.242   10.160  1.00   77.60  ? 442  GLU B N   1 
ATOM   778  C CA  . GLU B 1 78  ? -9.372  5.565   9.314   1.00   76.94  ? 442  GLU B CA  1 
ATOM   779  C C   . GLU B 1 78  ? -9.262  4.666   8.101   1.00   75.54  ? 442  GLU B C   1 
ATOM   780  O O   . GLU B 1 78  ? -8.218  4.642   7.429   1.00   75.37  ? 442  GLU B O   1 
ATOM   781  C CB  . GLU B 1 78  ? -9.380  7.038   8.900   1.00   77.57  ? 442  GLU B CB  1 
ATOM   782  C CG  . GLU B 1 78  ? -8.385  7.376   7.800   1.00   79.87  ? 442  GLU B CG  1 
ATOM   783  C CD  . GLU B 1 78  ? -8.182  8.863   7.637   1.00   82.50  ? 442  GLU B CD  1 
ATOM   784  O OE1 . GLU B 1 78  ? -7.058  9.341   7.931   1.00   82.34  ? 442  GLU B OE1 1 
ATOM   785  O OE2 . GLU B 1 78  ? -9.154  9.542   7.230   1.00   83.54  ? 442  GLU B OE2 1 
ATOM   786  N N   . ILE B 1 79  ? -10.328 3.902   7.872   1.00   73.58  ? 443  ILE B N   1 
ATOM   787  C CA  . ILE B 1 79  ? -10.417 2.959   6.767   1.00   71.56  ? 443  ILE B CA  1 
ATOM   788  C C   . ILE B 1 79  ? -11.319 3.499   5.672   1.00   70.39  ? 443  ILE B C   1 
ATOM   789  O O   . ILE B 1 79  ? -12.446 3.898   5.940   1.00   70.06  ? 443  ILE B O   1 
ATOM   790  C CB  . ILE B 1 79  ? -10.986 1.620   7.249   1.00   71.66  ? 443  ILE B CB  1 
ATOM   791  C CG1 . ILE B 1 79  ? -9.950  0.899   8.097   1.00   71.74  ? 443  ILE B CG1 1 
ATOM   792  C CG2 . ILE B 1 79  ? -11.423 0.745   6.073   1.00   70.24  ? 443  ILE B CG2 1 
ATOM   793  C CD1 . ILE B 1 79  ? -10.492 -0.284  8.868   1.00   73.30  ? 443  ILE B CD1 1 
ATOM   794  N N   . MET B 1 80  ? -10.812 3.506   4.443   1.00   69.11  ? 444  MET B N   1 
ATOM   795  C CA  . MET B 1 80  ? -11.620 3.816   3.260   1.00   67.95  ? 444  MET B CA  1 
ATOM   796  C C   . MET B 1 80  ? -11.968 2.555   2.508   1.00   66.23  ? 444  MET B C   1 
ATOM   797  O O   . MET B 1 80  ? -11.077 1.789   2.120   1.00   66.33  ? 444  MET B O   1 
ATOM   798  C CB  . MET B 1 80  ? -10.876 4.717   2.279   1.00   68.53  ? 444  MET B CB  1 
ATOM   799  C CG  . MET B 1 80  ? -9.639  5.384   2.813   1.00   71.65  ? 444  MET B CG  1 
ATOM   800  S SD  . MET B 1 80  ? -10.085 6.512   4.125   1.00   79.70  ? 444  MET B SD  1 
ATOM   801  C CE  . MET B 1 80  ? -11.477 7.423   3.408   1.00   79.23  ? 444  MET B CE  1 
ATOM   802  N N   . PHE B 1 81  ? -13.262 2.365   2.271   1.00   64.14  ? 445  PHE B N   1 
ATOM   803  C CA  . PHE B 1 81  ? -13.757 1.241   1.502   1.00   62.16  ? 445  PHE B CA  1 
ATOM   804  C C   . PHE B 1 81  ? -15.152 1.509   0.959   1.00   61.49  ? 445  PHE B C   1 
ATOM   805  O O   . PHE B 1 81  ? -16.146 1.408   1.684   1.00   61.30  ? 445  PHE B O   1 
ATOM   806  C CB  . PHE B 1 81  ? -13.777 -0.034  2.347   1.00   61.81  ? 445  PHE B CB  1 
ATOM   807  C CG  . PHE B 1 81  ? -14.064 -1.284  1.551   1.00   61.32  ? 445  PHE B CG  1 
ATOM   808  C CD1 . PHE B 1 81  ? -13.379 -1.540  0.362   1.00   61.29  ? 445  PHE B CD1 1 
ATOM   809  C CD2 . PHE B 1 81  ? -15.006 -2.203  1.988   1.00   59.45  ? 445  PHE B CD2 1 
ATOM   810  C CE1 . PHE B 1 81  ? -13.637 -2.696  -0.392  1.00   60.89  ? 445  PHE B CE1 1 
ATOM   811  C CE2 . PHE B 1 81  ? -15.269 -3.362  1.251   1.00   61.03  ? 445  PHE B CE2 1 
ATOM   812  C CZ  . PHE B 1 81  ? -14.579 -3.611  0.054   1.00   60.73  ? 445  PHE B CZ  1 
ATOM   813  N N   . ASP B 1 82  ? -15.223 1.863   -0.319  1.00   60.51  ? 446  ASP B N   1 
ATOM   814  C CA  . ASP B 1 82  ? -16.491 1.858   -1.017  1.00   59.81  ? 446  ASP B CA  1 
ATOM   815  C C   . ASP B 1 82  ? -16.583 0.543   -1.768  1.00   58.86  ? 446  ASP B C   1 
ATOM   816  O O   . ASP B 1 82  ? -16.081 0.412   -2.881  1.00   59.18  ? 446  ASP B O   1 
ATOM   817  C CB  . ASP B 1 82  ? -16.598 3.047   -1.971  1.00   60.08  ? 446  ASP B CB  1 
ATOM   818  C CG  . ASP B 1 82  ? -17.989 3.188   -2.564  1.00   62.69  ? 446  ASP B CG  1 
ATOM   819  O OD1 . ASP B 1 82  ? -18.730 2.171   -2.616  1.00   64.14  ? 446  ASP B OD1 1 
ATOM   820  O OD2 . ASP B 1 82  ? -18.343 4.320   -2.978  1.00   65.17  ? 446  ASP B OD2 1 
ATOM   821  N N   . LYS B 1 83  ? -17.215 -0.440  -1.148  1.00   57.82  ? 447  LYS B N   1 
ATOM   822  C CA  . LYS B 1 83  ? -17.196 -1.812  -1.663  1.00   57.27  ? 447  LYS B CA  1 
ATOM   823  C C   . LYS B 1 83  ? -17.796 -1.986  -3.051  1.00   56.32  ? 447  LYS B C   1 
ATOM   824  O O   . LYS B 1 83  ? -17.539 -2.998  -3.709  1.00   57.01  ? 447  LYS B O   1 
ATOM   825  C CB  . LYS B 1 83  ? -17.888 -2.782  -0.700  1.00   57.40  ? 447  LYS B CB  1 
ATOM   826  C CG  . LYS B 1 83  ? -19.107 -2.178  0.004   1.00   61.24  ? 447  LYS B CG  1 
ATOM   827  C CD  . LYS B 1 83  ? -19.966 -3.249  0.661   1.00   64.89  ? 447  LYS B CD  1 
ATOM   828  C CE  . LYS B 1 83  ? -20.320 -4.374  -0.319  1.00   64.32  ? 447  LYS B CE  1 
ATOM   829  N NZ  . LYS B 1 83  ? -21.456 -5.192  0.195   1.00   63.34  ? 447  LYS B NZ  1 
ATOM   830  N N   . HIS B 1 84  ? -18.621 -1.042  -3.490  1.00   54.58  ? 448  HIS B N   1 
ATOM   831  C CA  . HIS B 1 84  ? -19.210 -1.164  -4.804  1.00   52.72  ? 448  HIS B CA  1 
ATOM   832  C C   . HIS B 1 84  ? -18.338 -0.574  -5.887  1.00   52.11  ? 448  HIS B C   1 
ATOM   833  O O   . HIS B 1 84  ? -18.647 -0.733  -7.066  1.00   52.04  ? 448  HIS B O   1 
ATOM   834  C CB  . HIS B 1 84  ? -20.603 -0.560  -4.841  1.00   52.90  ? 448  HIS B CB  1 
ATOM   835  C CG  . HIS B 1 84  ? -21.583 -1.282  -3.981  1.00   52.65  ? 448  HIS B CG  1 
ATOM   836  N ND1 . HIS B 1 84  ? -22.127 -0.720  -2.850  1.00   53.90  ? 448  HIS B ND1 1 
ATOM   837  C CD2 . HIS B 1 84  ? -22.081 -2.539  -4.056  1.00   52.63  ? 448  HIS B CD2 1 
ATOM   838  C CE1 . HIS B 1 84  ? -22.937 -1.590  -2.275  1.00   54.36  ? 448  HIS B CE1 1 
ATOM   839  N NE2 . HIS B 1 84  ? -22.919 -2.705  -2.983  1.00   52.86  ? 448  HIS B NE2 1 
ATOM   840  N N   . LYS B 1 85  ? -17.243 0.078   -5.503  1.00   51.37  ? 449  LYS B N   1 
ATOM   841  C CA  . LYS B 1 85  ? -16.304 0.636   -6.491  1.00   51.29  ? 449  LYS B CA  1 
ATOM   842  C C   . LYS B 1 85  ? -14.898 0.026   -6.479  1.00   50.66  ? 449  LYS B C   1 
ATOM   843  O O   . LYS B 1 85  ? -14.191 0.126   -7.468  1.00   51.11  ? 449  LYS B O   1 
ATOM   844  C CB  . LYS B 1 85  ? -16.193 2.152   -6.344  1.00   51.24  ? 449  LYS B CB  1 
ATOM   845  C CG  . LYS B 1 85  ? -17.527 2.865   -6.156  1.00   54.39  ? 449  LYS B CG  1 
ATOM   846  C CD  . LYS B 1 85  ? -18.304 3.087   -7.480  1.00   57.27  ? 449  LYS B CD  1 
ATOM   847  C CE  . LYS B 1 85  ? -19.612 3.861   -7.233  1.00   60.42  ? 449  LYS B CE  1 
ATOM   848  N NZ  . LYS B 1 85  ? -19.500 5.000   -6.226  1.00   61.60  ? 449  LYS B NZ  1 
ATOM   849  N N   . GLU B 1 86  ? -14.500 -0.594  -5.368  1.00   49.62  ? 450  GLU B N   1 
ATOM   850  C CA  . GLU B 1 86  ? -13.131 -1.037  -5.166  1.00   48.54  ? 450  GLU B CA  1 
ATOM   851  C C   . GLU B 1 86  ? -13.104 -2.464  -4.693  1.00   47.92  ? 450  GLU B C   1 
ATOM   852  O O   . GLU B 1 86  ? -14.045 -2.936  -4.058  1.00   48.32  ? 450  GLU B O   1 
ATOM   853  C CB  . GLU B 1 86  ? -12.487 -0.232  -4.057  1.00   49.22  ? 450  GLU B CB  1 
ATOM   854  C CG  . GLU B 1 86  ? -12.248 1.220   -4.373  1.00   51.75  ? 450  GLU B CG  1 
ATOM   855  C CD  . GLU B 1 86  ? -12.188 2.056   -3.115  1.00   53.85  ? 450  GLU B CD  1 
ATOM   856  O OE1 . GLU B 1 86  ? -12.770 1.638   -2.072  1.00   53.56  ? 450  GLU B OE1 1 
ATOM   857  O OE2 . GLU B 1 86  ? -11.552 3.131   -3.184  1.00   54.54  ? 450  GLU B OE2 1 
ATOM   858  N N   . TYR B 1 87  ? -11.986 -3.132  -4.936  1.00   46.48  ? 451  TYR B N   1 
ATOM   859  C CA  . TYR B 1 87  ? -11.807 -4.457  -4.417  1.00   45.41  ? 451  TYR B CA  1 
ATOM   860  C C   . TYR B 1 87  ? -11.305 -4.426  -2.982  1.00   44.89  ? 451  TYR B C   1 
ATOM   861  O O   . TYR B 1 87  ? -11.787 -5.208  -2.145  1.00   45.88  ? 451  TYR B O   1 
ATOM   862  C CB  . TYR B 1 87  ? -10.835 -5.232  -5.289  1.00   45.79  ? 451  TYR B CB  1 
ATOM   863  C CG  . TYR B 1 87  ? -10.666 -6.647  -4.814  1.00   47.82  ? 451  TYR B CG  1 
ATOM   864  C CD1 . TYR B 1 87  ? -11.640 -7.612  -5.081  1.00   49.52  ? 451  TYR B CD1 1 
ATOM   865  C CD2 . TYR B 1 87  ? -9.565  -7.014  -4.053  1.00   47.96  ? 451  TYR B CD2 1 
ATOM   866  C CE1 . TYR B 1 87  ? -11.501 -8.892  -4.624  1.00   50.26  ? 451  TYR B CE1 1 
ATOM   867  C CE2 . TYR B 1 87  ? -9.417  -8.295  -3.602  1.00   49.84  ? 451  TYR B CE2 1 
ATOM   868  C CZ  . TYR B 1 87  ? -10.384 -9.230  -3.885  1.00   52.17  ? 451  TYR B CZ  1 
ATOM   869  O OH  . TYR B 1 87  ? -10.209 -10.516 -3.427  1.00   57.44  ? 451  TYR B OH  1 
ATOM   870  N N   . PHE B 1 88  ? -10.333 -3.551  -2.705  1.00   43.31  ? 452  PHE B N   1 
ATOM   871  C CA  . PHE B 1 88  ? -9.653  -3.511  -1.419  1.00   42.65  ? 452  PHE B CA  1 
ATOM   872  C C   . PHE B 1 88  ? -10.149 -2.395  -0.529  1.00   43.20  ? 452  PHE B C   1 
ATOM   873  O O   . PHE B 1 88  ? -10.609 -1.357  -1.003  1.00   43.31  ? 452  PHE B O   1 
ATOM   874  C CB  . PHE B 1 88  ? -8.179  -3.208  -1.593  1.00   42.69  ? 452  PHE B CB  1 
ATOM   875  C CG  . PHE B 1 88  ? -7.409  -4.223  -2.358  1.00   42.62  ? 452  PHE B CG  1 
ATOM   876  C CD1 . PHE B 1 88  ? -7.098  -4.013  -3.689  1.00   42.31  ? 452  PHE B CD1 1 
ATOM   877  C CD2 . PHE B 1 88  ? -6.894  -5.344  -1.722  1.00   42.23  ? 452  PHE B CD2 1 
ATOM   878  C CE1 . PHE B 1 88  ? -6.319  -4.927  -4.375  1.00   41.00  ? 452  PHE B CE1 1 
ATOM   879  C CE2 . PHE B 1 88  ? -6.124  -6.259  -2.412  1.00   39.55  ? 452  PHE B CE2 1 
ATOM   880  C CZ  . PHE B 1 88  ? -5.841  -6.049  -3.731  1.00   40.31  ? 452  PHE B CZ  1 
ATOM   881  N N   . ALA B 1 89  ? -9.978  -2.585  0.771   1.00   44.04  ? 453  ALA B N   1 
ATOM   882  C CA  . ALA B 1 89  ? -10.092 -1.502  1.732   1.00   44.78  ? 453  ALA B CA  1 
ATOM   883  C C   . ALA B 1 89  ? -8.684  -1.053  1.996   1.00   45.88  ? 453  ALA B C   1 
ATOM   884  O O   . ALA B 1 89  ? -7.748  -1.881  1.941   1.00   46.68  ? 453  ALA B O   1 
ATOM   885  C CB  . ALA B 1 89  ? -10.727 -1.997  3.017   1.00   43.95  ? 453  ALA B CB  1 
ATOM   886  N N   . SER B 1 90  ? -8.518  0.238   2.283   1.00   46.62  ? 454  SER B N   1 
ATOM   887  C CA  . SER B 1 90  ? -7.197  0.766   2.646   1.00   47.75  ? 454  SER B CA  1 
ATOM   888  C C   . SER B 1 90  ? -7.302  1.865   3.715   1.00   48.34  ? 454  SER B C   1 
ATOM   889  O O   . SER B 1 90  ? -8.396  2.314   4.045   1.00   48.68  ? 454  SER B O   1 
ATOM   890  C CB  . SER B 1 90  ? -6.520  1.318   1.398   1.00   47.34  ? 454  SER B CB  1 
ATOM   891  O OG  . SER B 1 90  ? -7.297  2.392   0.897   1.00   49.10  ? 454  SER B OG  1 
ATOM   892  N N   . GLY B 1 91  ? -6.174  2.309   4.253   1.00   49.12  ? 455  GLY B N   1 
ATOM   893  C CA  . GLY B 1 91  ? -6.215  3.420   5.191   1.00   50.01  ? 455  GLY B CA  1 
ATOM   894  C C   . GLY B 1 91  ? -4.881  3.887   5.728   1.00   51.13  ? 455  GLY B C   1 
ATOM   895  O O   . GLY B 1 91  ? -3.813  3.466   5.269   1.00   51.52  ? 455  GLY B O   1 
ATOM   896  N N   . ILE B 1 92  ? -4.945  4.805   6.688   1.00   51.98  ? 456  ILE B N   1 
ATOM   897  C CA  . ILE B 1 92  ? -3.739  5.296   7.337   1.00   51.93  ? 456  ILE B CA  1 
ATOM   898  C C   . ILE B 1 92  ? -3.846  5.007   8.813   1.00   52.75  ? 456  ILE B C   1 
ATOM   899  O O   . ILE B 1 92  ? -4.875  5.270   9.439   1.00   52.53  ? 456  ILE B O   1 
ATOM   900  C CB  . ILE B 1 92  ? -3.519  6.815   7.135   1.00   51.62  ? 456  ILE B CB  1 
ATOM   901  C CG1 . ILE B 1 92  ? -3.514  7.176   5.652   1.00   50.14  ? 456  ILE B CG1 1 
ATOM   902  C CG2 . ILE B 1 92  ? -2.204  7.250   7.789   1.00   51.01  ? 456  ILE B CG2 1 
ATOM   903  C CD1 . ILE B 1 92  ? -2.385  6.559   4.885   1.00   49.55  ? 456  ILE B CD1 1 
ATOM   904  N N   . LEU B 1 93  ? -2.792  4.422   9.362   1.00   53.61  ? 457  LEU B N   1 
ATOM   905  C CA  . LEU B 1 93  ? -2.701  4.251   10.788  1.00   54.56  ? 457  LEU B CA  1 
ATOM   906  C C   . LEU B 1 93  ? -1.631  5.206   11.303  1.00   55.68  ? 457  LEU B C   1 
ATOM   907  O O   . LEU B 1 93  ? -0.462  5.120   10.912  1.00   55.72  ? 457  LEU B O   1 
ATOM   908  C CB  . LEU B 1 93  ? -2.379  2.797   11.129  1.00   54.41  ? 457  LEU B CB  1 
ATOM   909  C CG  . LEU B 1 93  ? -1.966  2.413   12.561  1.00   54.66  ? 457  LEU B CG  1 
ATOM   910  C CD1 . LEU B 1 93  ? -3.100  2.478   13.564  1.00   54.16  ? 457  LEU B CD1 1 
ATOM   911  C CD2 . LEU B 1 93  ? -1.387  1.018   12.570  1.00   55.68  ? 457  LEU B CD2 1 
ATOM   912  N N   . LYS B 1 94  ? -2.050  6.139   12.150  1.00   57.05  ? 458  LYS B N   1 
ATOM   913  C CA  . LYS B 1 94  ? -1.152  7.129   12.725  1.00   58.41  ? 458  LYS B CA  1 
ATOM   914  C C   . LYS B 1 94  ? -0.865  6.764   14.174  1.00   59.23  ? 458  LYS B C   1 
ATOM   915  O O   . LYS B 1 94  ? -1.783  6.500   14.950  1.00   59.11  ? 458  LYS B O   1 
ATOM   916  C CB  . LYS B 1 94  ? -1.773  8.528   12.654  1.00   58.61  ? 458  LYS B CB  1 
ATOM   917  C CG  . LYS B 1 94  ? -1.845  9.150   11.252  1.00   60.35  ? 458  LYS B CG  1 
ATOM   918  C CD  . LYS B 1 94  ? -2.938  10.232  11.184  1.00   63.27  ? 458  LYS B CD  1 
ATOM   919  C CE  . LYS B 1 94  ? -2.838  11.085  9.918   1.00   64.41  ? 458  LYS B CE  1 
ATOM   920  N NZ  . LYS B 1 94  ? -3.829  12.208  9.886   1.00   64.10  ? 458  LYS B NZ  1 
ATOM   921  N N   . LEU B 1 95  ? 0.408   6.749   14.543  1.00   60.53  ? 459  LEU B N   1 
ATOM   922  C CA  . LEU B 1 95  ? 0.770   6.511   15.935  1.00   62.49  ? 459  LEU B CA  1 
ATOM   923  C C   . LEU B 1 95  ? 1.457   7.717   16.593  1.00   64.42  ? 459  LEU B C   1 
ATOM   924  O O   . LEU B 1 95  ? 2.685   7.816   16.560  1.00   64.48  ? 459  LEU B O   1 
ATOM   925  C CB  . LEU B 1 95  ? 1.649   5.268   16.062  1.00   61.92  ? 459  LEU B CB  1 
ATOM   926  C CG  . LEU B 1 95  ? 1.000   3.929   15.729  1.00   61.26  ? 459  LEU B CG  1 
ATOM   927  C CD1 . LEU B 1 95  ? 2.022   2.830   15.878  1.00   60.18  ? 459  LEU B CD1 1 
ATOM   928  C CD2 . LEU B 1 95  ? -0.217  3.653   16.594  1.00   59.48  ? 459  LEU B CD2 1 
ATOM   929  N N   . PRO B 1 96  ? 0.665   8.620   17.220  1.00   66.20  ? 460  PRO B N   1 
ATOM   930  C CA  . PRO B 1 96  ? 1.213   9.859   17.808  1.00   67.46  ? 460  PRO B CA  1 
ATOM   931  C C   . PRO B 1 96  ? 2.193   9.472   18.895  1.00   68.17  ? 460  PRO B C   1 
ATOM   932  O O   . PRO B 1 96  ? 1.801   8.916   19.911  1.00   68.37  ? 460  PRO B O   1 
ATOM   933  C CB  . PRO B 1 96  ? -0.020  10.573  18.381  1.00   67.54  ? 460  PRO B CB  1 
ATOM   934  C CG  . PRO B 1 96  ? -1.040  9.489   18.594  1.00   67.22  ? 460  PRO B CG  1 
ATOM   935  C CD  . PRO B 1 96  ? -0.746  8.395   17.595  1.00   66.54  ? 460  PRO B CD  1 
ATOM   936  N N   . ALA B 1 97  ? 3.470   9.721   18.653  1.00   69.26  ? 461  ALA B N   1 
ATOM   937  C CA  . ALA B 1 97  ? 4.460   8.812   19.179  1.00   70.41  ? 461  ALA B CA  1 
ATOM   938  C C   . ALA B 1 97  ? 5.486   9.324   20.169  1.00   71.09  ? 461  ALA B C   1 
ATOM   939  O O   . ALA B 1 97  ? 6.434   10.029  19.820  1.00   70.76  ? 461  ALA B O   1 
ATOM   940  C CB  . ALA B 1 97  ? 5.127   8.089   18.078  1.00   70.47  ? 461  ALA B CB  1 
ATOM   941  N N   . ILE B 1 98  ? 5.225   8.977   21.421  1.00   72.06  ? 462  ILE B N   1 
ATOM   942  C CA  . ILE B 1 98  ? 6.175   8.199   22.200  1.00   73.08  ? 462  ILE B CA  1 
ATOM   943  C C   . ILE B 1 98  ? 5.660   6.760   22.351  1.00   73.41  ? 462  ILE B C   1 
ATOM   944  O O   . ILE B 1 98  ? 4.896   6.255   21.517  1.00   74.16  ? 462  ILE B O   1 
ATOM   945  C CB  . ILE B 1 98  ? 6.386   8.766   23.596  1.00   73.55  ? 462  ILE B CB  1 
ATOM   946  C CG1 . ILE B 1 98  ? 7.760   8.338   24.125  1.00   74.06  ? 462  ILE B CG1 1 
ATOM   947  C CG2 . ILE B 1 98  ? 5.254   8.298   24.529  1.00   73.58  ? 462  ILE B CG2 1 
ATOM   948  C CD1 . ILE B 1 98  ? 8.492   9.434   24.874  1.00   74.41  ? 462  ILE B CD1 1 
ATOM   949  N N   . SER B 1 99  ? 5.362   6.413   23.494  0.0000 60.00  ? 463  SER B N   1 
ATOM   950  C CA  . SER B 1 99  ? 5.654   5.006   23.739  0.0000 60.00  ? 463  SER B CA  1 
ATOM   951  C C   . SER B 1 99  ? 4.375   4.207   23.963  0.0000 60.00  ? 463  SER B C   1 
ATOM   952  O O   . SER B 1 99  ? 4.208   3.118   23.414  0.0000 60.00  ? 463  SER B O   1 
ATOM   953  C CB  . SER B 1 99  ? 6.585   4.855   24.944  0.0000 60.00  ? 463  SER B CB  1 
ATOM   954  O OG  . SER B 1 99  ? 5.917   4.241   26.032  0.0000 60.00  ? 463  SER B OG  1 
ATOM   955  N N   . GLY B 1 100 ? 3.474   4.756   24.771  0.0000 60.00  ? 464  GLY B N   1 
ATOM   956  C CA  . GLY B 1 100 ? 2.520   5.740   24.294  0.0000 60.00  ? 464  GLY B CA  1 
ATOM   957  C C   . GLY B 1 100 ? 1.494   5.144   23.350  0.0000 60.00  ? 464  GLY B C   1 
ATOM   958  O O   . GLY B 1 100 ? 1.100   3.987   23.497  0.0000 60.00  ? 464  GLY B O   1 
ATOM   959  N N   . GLN B 1 101 ? 1.062   5.938   22.377  0.0000 60.00  ? 465  GLN B N   1 
ATOM   960  C CA  . GLN B 1 101 ? 1.776   6.058   21.111  0.0000 60.00  ? 465  GLN B CA  1 
ATOM   961  C C   . GLN B 1 101 ? 1.782   4.737   20.352  0.0000 60.00  ? 465  GLN B C   1 
ATOM   962  O O   . GLN B 1 101 ? 2.455   4.599   19.331  0.0000 60.00  ? 465  GLN B O   1 
ATOM   963  C CB  . GLN B 1 101 ? 1.156   7.158   20.248  0.0000 60.00  ? 465  GLN B CB  1 
ATOM   964  C CG  . GLN B 1 101 ? 0.107   7.993   20.965  0.0000 60.00  ? 465  GLN B CG  1 
ATOM   965  C CD  . GLN B 1 101 ? -1.209  7.260   21.126  0.0000 60.00  ? 465  GLN B CD  1 
ATOM   966  O OE1 . GLN B 1 101 ? -1.351  6.114   20.701  0.0000 60.00  ? 465  GLN B OE1 1 
ATOM   967  N NE2 . GLN B 1 101 ? -2.182  7.919   21.745  0.0000 60.00  ? 465  GLN B NE2 1 
ATOM   968  N N   . LYS B 1 102 ? 1.311   3.772   20.450  1.00   78.43  ? 466  LYS B N   1 
ATOM   969  C CA  . LYS B 1 102 ? 1.256   2.304   20.492  1.00   78.73  ? 466  LYS B CA  1 
ATOM   970  C C   . LYS B 1 102 ? -0.151  1.708   20.232  1.00   78.49  ? 466  LYS B C   1 
ATOM   971  O O   . LYS B 1 102 ? -1.169  2.387   20.399  1.00   78.53  ? 466  LYS B O   1 
ATOM   972  C CB  . LYS B 1 102 ? 1.864   1.759   21.807  1.00   78.83  ? 466  LYS B CB  1 
ATOM   973  C CG  . LYS B 1 102 ? 1.575   0.272   22.066  1.00   79.18  ? 466  LYS B CG  1 
ATOM   974  C CD  . LYS B 1 102 ? 2.428   -0.334  23.170  1.00   79.90  ? 466  LYS B CD  1 
ATOM   975  C CE  . LYS B 1 102 ? 2.196   -1.852  23.266  1.00   79.68  ? 466  LYS B CE  1 
ATOM   976  N NZ  . LYS B 1 102 ? 2.532   -2.584  22.005  1.00   78.95  ? 466  LYS B NZ  1 
ATOM   977  N N   . LYS B 1 103 ? -0.177  0.439   19.809  1.00   78.04  ? 467  LYS B N   1 
ATOM   978  C CA  . LYS B 1 103 ? -1.409  -0.295  19.496  1.00   77.19  ? 467  LYS B CA  1 
ATOM   979  C C   . LYS B 1 103 ? -1.267  -1.797  19.772  1.00   76.69  ? 467  LYS B C   1 
ATOM   980  O O   . LYS B 1 103 ? -0.304  -2.414  19.317  1.00   76.66  ? 467  LYS B O   1 
ATOM   981  C CB  . LYS B 1 103 ? -1.765  -0.112  18.011  1.00   77.28  ? 467  LYS B CB  1 
ATOM   982  C CG  . LYS B 1 103 ? -3.068  -0.795  17.614  1.00   76.91  ? 467  LYS B CG  1 
ATOM   983  C CD  . LYS B 1 103 ? -3.203  -1.084  16.136  1.00   74.91  ? 467  LYS B CD  1 
ATOM   984  C CE  . LYS B 1 103 ? -4.685  -1.101  15.787  1.00   74.23  ? 467  LYS B CE  1 
ATOM   985  N NZ  . LYS B 1 103 ? -5.056  -2.221  14.900  1.00   72.52  ? 467  LYS B NZ  1 
ATOM   986  N N   . LEU B 1 104 ? -2.236  -2.389  20.475  1.00   75.87  ? 468  LEU B N   1 
ATOM   987  C CA  . LEU B 1 104 ? -2.431  -3.846  20.410  1.00   75.23  ? 468  LEU B CA  1 
ATOM   988  C C   . LEU B 1 104 ? -3.661  -4.181  19.544  1.00   74.84  ? 468  LEU B C   1 
ATOM   989  O O   . LEU B 1 104 ? -4.553  -3.337  19.380  1.00   74.82  ? 468  LEU B O   1 
ATOM   990  C CB  . LEU B 1 104 ? -2.537  -4.466  21.809  1.00   75.05  ? 468  LEU B CB  1 
ATOM   991  C CG  . LEU B 1 104 ? -2.592  -6.002  21.990  1.00   76.00  ? 468  LEU B CG  1 
ATOM   992  C CD1 . LEU B 1 104 ? -3.988  -6.596  21.699  1.00   75.23  ? 468  LEU B CD1 1 
ATOM   993  C CD2 . LEU B 1 104 ? -1.502  -6.779  21.224  1.00   75.83  ? 468  LEU B CD2 1 
ATOM   994  N N   . SER B 1 105 ? -3.692  -5.401  18.983  1.00   74.06  ? 469  SER B N   1 
ATOM   995  C CA  . SER B 1 105 ? -4.769  -5.846  18.072  1.00   72.61  ? 469  SER B CA  1 
ATOM   996  C C   . SER B 1 105 ? -4.938  -7.362  17.955  1.00   71.12  ? 469  SER B C   1 
ATOM   997  O O   . SER B 1 105 ? -4.255  -8.156  18.609  1.00   71.08  ? 469  SER B O   1 
ATOM   998  C CB  . SER B 1 105 ? -4.536  -5.300  16.653  1.00   72.76  ? 469  SER B CB  1 
ATOM   999  O OG  . SER B 1 105 ? -4.921  -3.945  16.508  1.00   74.06  ? 469  SER B OG  1 
ATOM   1000 N N   . ASN B 1 106 ? -5.904  -7.725  17.115  1.00   69.43  ? 470  ASN B N   1 
ATOM   1001 C CA  . ASN B 1 106 ? -5.976  -9.006  16.409  1.00   67.40  ? 470  ASN B CA  1 
ATOM   1002 C C   . ASN B 1 106 ? -6.548  -8.697  15.022  1.00   65.15  ? 470  ASN B C   1 
ATOM   1003 O O   . ASN B 1 106 ? -7.580  -8.032  14.931  1.00   65.15  ? 470  ASN B O   1 
ATOM   1004 C CB  . ASN B 1 106 ? -6.917  -9.963  17.146  1.00   67.72  ? 470  ASN B CB  1 
ATOM   1005 C CG  . ASN B 1 106 ? -7.043  -11.312 16.460  1.00   69.34  ? 470  ASN B CG  1 
ATOM   1006 O OD1 . ASN B 1 106 ? -6.174  -11.717 15.702  1.00   73.21  ? 470  ASN B OD1 1 
ATOM   1007 N ND2 . ASN B 1 106 ? -8.126  -12.019 16.732  1.00   71.79  ? 470  ASN B ND2 1 
ATOM   1008 N N   . SER B 1 107 ? -5.872  -9.105  13.947  1.00   62.14  ? 471  SER B N   1 
ATOM   1009 C CA  . SER B 1 107 ? -6.539  -9.143  12.646  1.00   59.65  ? 471  SER B CA  1 
ATOM   1010 C C   . SER B 1 107 ? -7.597  -10.189 12.861  1.00   58.04  ? 471  SER B C   1 
ATOM   1011 O O   . SER B 1 107 ? -7.511  -10.976 13.815  1.00   59.10  ? 471  SER B O   1 
ATOM   1012 C CB  . SER B 1 107 ? -5.587  -9.580  11.531  1.00   59.65  ? 471  SER B CB  1 
ATOM   1013 O OG  . SER B 1 107 ? -5.205  -10.940 11.667  1.00   60.00  ? 471  SER B OG  1 
ATOM   1014 N N   . PHE B 1 108 ? -8.618  -10.250 12.041  1.00   54.76  ? 472  PHE B N   1 
ATOM   1015 C CA  . PHE B 1 108 ? -9.517  -11.356 12.309  1.00   52.29  ? 472  PHE B CA  1 
ATOM   1016 C C   . PHE B 1 108 ? -9.599  -12.191 11.069  1.00   50.60  ? 472  PHE B C   1 
ATOM   1017 O O   . PHE B 1 108 ? -8.681  -12.934 10.772  1.00   50.12  ? 472  PHE B O   1 
ATOM   1018 C CB  . PHE B 1 108 ? -10.884 -10.881 12.823  1.00   52.08  ? 472  PHE B CB  1 
ATOM   1019 C CG  . PHE B 1 108 ? -10.824 -10.160 14.152  1.00   52.04  ? 472  PHE B CG  1 
ATOM   1020 C CD1 . PHE B 1 108 ? -10.656 -8.781  14.210  1.00   52.49  ? 472  PHE B CD1 1 
ATOM   1021 C CD2 . PHE B 1 108 ? -10.947 -10.860 15.359  1.00   54.58  ? 472  PHE B CD2 1 
ATOM   1022 C CE1 . PHE B 1 108 ? -10.610 -8.105  15.465  1.00   53.04  ? 472  PHE B CE1 1 
ATOM   1023 C CE2 . PHE B 1 108 ? -10.903 -10.193 16.617  1.00   52.23  ? 472  PHE B CE2 1 
ATOM   1024 C CZ  . PHE B 1 108 ? -10.724 -8.822  16.662  1.00   51.85  ? 472  PHE B CZ  1 
ATOM   1025 N N   . ARG B 1 109 ? -10.694 -12.042 10.335  1.00   48.92  ? 473  ARG B N   1 
ATOM   1026 C CA  . ARG B 1 109 ? -10.847 -12.659 9.044   1.00   47.44  ? 473  ARG B CA  1 
ATOM   1027 C C   . ARG B 1 109 ? -10.221 -11.724 8.032   1.00   47.29  ? 473  ARG B C   1 
ATOM   1028 O O   . ARG B 1 109 ? -10.762 -11.522 6.952   1.00   47.38  ? 473  ARG B O   1 
ATOM   1029 C CB  . ARG B 1 109 ? -12.324 -12.857 8.715   1.00   47.22  ? 473  ARG B CB  1 
ATOM   1030 C CG  . ARG B 1 109 ? -12.839 -14.277 8.892   1.00   47.14  ? 473  ARG B CG  1 
ATOM   1031 C CD  . ARG B 1 109 ? -14.090 -14.527 8.058   1.00   45.04  ? 473  ARG B CD  1 
ATOM   1032 N NE  . ARG B 1 109 ? -14.069 -15.816 7.365   1.00   45.09  ? 473  ARG B NE  1 
ATOM   1033 C CZ  . ARG B 1 109 ? -13.883 -16.993 7.957   1.00   45.94  ? 473  ARG B CZ  1 
ATOM   1034 N NH1 . ARG B 1 109 ? -13.638 -17.048 9.258   1.00   45.80  ? 473  ARG B NH1 1 
ATOM   1035 N NH2 . ARG B 1 109 ? -13.897 -18.119 7.246   1.00   46.22  ? 473  ARG B NH2 1 
ATOM   1036 N N   . THR B 1 110 ? -9.071  -11.155 8.376   1.00   46.77  ? 474  THR B N   1 
ATOM   1037 C CA  . THR B 1 110 ? -8.494  -10.091 7.586   1.00   46.22  ? 474  THR B CA  1 
ATOM   1038 C C   . THR B 1 110 ? -7.015  -10.305 7.380   1.00   45.77  ? 474  THR B C   1 
ATOM   1039 O O   . THR B 1 110 ? -6.296  -10.596 8.332   1.00   46.75  ? 474  THR B O   1 
ATOM   1040 C CB  . THR B 1 110 ? -8.741  -8.754  8.272   1.00   46.22  ? 474  THR B CB  1 
ATOM   1041 O OG1 . THR B 1 110 ? -10.108 -8.393  8.070   1.00   47.19  ? 474  THR B OG1 1 
ATOM   1042 C CG2 . THR B 1 110 ? -7.878  -7.664  7.682   1.00   47.84  ? 474  THR B CG2 1 
ATOM   1043 N N   . TYR B 1 111 ? -6.586  -10.209 6.124   1.00   44.95  ? 475  TYR B N   1 
ATOM   1044 C CA  . TYR B 1 111 ? -5.189  -10.107 5.763   1.00   44.08  ? 475  TYR B CA  1 
ATOM   1045 C C   . TYR B 1 111 ? -4.854  -8.638  5.582   1.00   44.38  ? 475  TYR B C   1 
ATOM   1046 O O   . TYR B 1 111 ? -5.596  -7.906  4.934   1.00   43.87  ? 475  TYR B O   1 
ATOM   1047 C CB  . TYR B 1 111 ? -4.927  -10.870 4.470   1.00   44.02  ? 475  TYR B CB  1 
ATOM   1048 C CG  . TYR B 1 111 ? -5.082  -12.348 4.647   1.00   44.68  ? 475  TYR B CG  1 
ATOM   1049 C CD1 . TYR B 1 111 ? -6.212  -13.012 4.201   1.00   46.01  ? 475  TYR B CD1 1 
ATOM   1050 C CD2 . TYR B 1 111 ? -4.114  -13.077 5.308   1.00   48.09  ? 475  TYR B CD2 1 
ATOM   1051 C CE1 . TYR B 1 111 ? -6.366  -14.380 4.397   1.00   48.04  ? 475  TYR B CE1 1 
ATOM   1052 C CE2 . TYR B 1 111 ? -4.247  -14.439 5.513   1.00   49.20  ? 475  TYR B CE2 1 
ATOM   1053 C CZ  . TYR B 1 111 ? -5.370  -15.088 5.072   1.00   49.60  ? 475  TYR B CZ  1 
ATOM   1054 O OH  . TYR B 1 111 ? -5.454  -16.446 5.330   1.00   50.10  ? 475  TYR B OH  1 
ATOM   1055 N N   . ILE B 1 112 ? -3.744  -8.203  6.171   1.00   44.54  ? 476  ILE B N   1 
ATOM   1056 C CA  . ILE B 1 112 ? -3.350  -6.807  6.103   1.00   44.23  ? 476  ILE B CA  1 
ATOM   1057 C C   . ILE B 1 112 ? -1.918  -6.661  5.630   1.00   44.84  ? 476  ILE B C   1 
ATOM   1058 O O   . ILE B 1 112 ? -1.043  -7.460  6.006   1.00   45.12  ? 476  ILE B O   1 
ATOM   1059 C CB  . ILE B 1 112 ? -3.461  -6.122  7.471   1.00   44.09  ? 476  ILE B CB  1 
ATOM   1060 C CG1 . ILE B 1 112 ? -4.778  -6.505  8.147   1.00   43.36  ? 476  ILE B CG1 1 
ATOM   1061 C CG2 . ILE B 1 112 ? -3.288  -4.587  7.329   1.00   42.72  ? 476  ILE B CG2 1 
ATOM   1062 C CD1 . ILE B 1 112 ? -4.845  -6.171  9.629   1.00   40.12  ? 476  ILE B CD1 1 
ATOM   1063 N N   . THR B 1 113 ? -1.690  -5.641  4.802   1.00   44.54  ? 477  THR B N   1 
ATOM   1064 C CA  . THR B 1 113 ? -0.349  -5.206  4.492   1.00   44.80  ? 477  THR B CA  1 
ATOM   1065 C C   . THR B 1 113 ? -0.194  -3.777  4.956   1.00   44.90  ? 477  THR B C   1 
ATOM   1066 O O   . THR B 1 113 ? -1.055  -2.939  4.682   1.00   45.00  ? 477  THR B O   1 
ATOM   1067 C CB  . THR B 1 113 ? -0.044  -5.283  2.986   1.00   44.85  ? 477  THR B CB  1 
ATOM   1068 O OG1 . THR B 1 113 ? -0.258  -6.617  2.527   1.00   45.25  ? 477  THR B OG1 1 
ATOM   1069 C CG2 . THR B 1 113 ? 1.400   -4.924  2.729   1.00   45.54  ? 477  THR B CG2 1 
ATOM   1070 N N   . PHE B 1 114 ? 0.912   -3.524  5.658   1.00   44.77  ? 478  PHE B N   1 
ATOM   1071 C CA  . PHE B 1 114 ? 1.304   -2.194  6.116   1.00   45.05  ? 478  PHE B CA  1 
ATOM   1072 C C   . PHE B 1 114 ? 2.568   -1.752  5.396   1.00   46.26  ? 478  PHE B C   1 
ATOM   1073 O O   . PHE B 1 114 ? 3.500   -2.549  5.175   1.00   45.99  ? 478  PHE B O   1 
ATOM   1074 C CB  . PHE B 1 114 ? 1.627   -2.195  7.612   1.00   44.61  ? 478  PHE B CB  1 
ATOM   1075 C CG  . PHE B 1 114 ? 0.436   -2.388  8.493   1.00   42.30  ? 478  PHE B CG  1 
ATOM   1076 C CD1 . PHE B 1 114 ? 0.057   -3.660  8.904   1.00   40.83  ? 478  PHE B CD1 1 
ATOM   1077 C CD2 . PHE B 1 114 ? -0.286  -1.297  8.942   1.00   40.78  ? 478  PHE B CD2 1 
ATOM   1078 C CE1 . PHE B 1 114 ? -1.033  -3.840  9.735   1.00   40.38  ? 478  PHE B CE1 1 
ATOM   1079 C CE2 . PHE B 1 114 ? -1.394  -1.461  9.777   1.00   39.26  ? 478  PHE B CE2 1 
ATOM   1080 C CZ  . PHE B 1 114 ? -1.774  -2.733  10.168  1.00   39.06  ? 478  PHE B CZ  1 
ATOM   1081 N N   . HIS B 1 115 ? 2.587   -0.471  5.045   1.00   47.38  ? 479  HIS B N   1 
ATOM   1082 C CA  . HIS B 1 115 ? 3.753   0.162   4.473   1.00   49.20  ? 479  HIS B CA  1 
ATOM   1083 C C   . HIS B 1 115 ? 4.028   1.407   5.286   1.00   50.33  ? 479  HIS B C   1 
ATOM   1084 O O   . HIS B 1 115 ? 3.112   2.209   5.526   1.00   51.22  ? 479  HIS B O   1 
ATOM   1085 C CB  . HIS B 1 115 ? 3.486   0.553   3.037   1.00   49.41  ? 479  HIS B CB  1 
ATOM   1086 C CG  . HIS B 1 115 ? 4.664   1.168   2.356   1.00   51.24  ? 479  HIS B CG  1 
ATOM   1087 N ND1 . HIS B 1 115 ? 5.839   0.478   2.136   1.00   52.16  ? 479  HIS B ND1 1 
ATOM   1088 C CD2 . HIS B 1 115 ? 4.846   2.398   1.819   1.00   52.61  ? 479  HIS B CD2 1 
ATOM   1089 C CE1 . HIS B 1 115 ? 6.694   1.258   1.501   1.00   52.73  ? 479  HIS B CE1 1 
ATOM   1090 N NE2 . HIS B 1 115 ? 6.118   2.431   1.300   1.00   54.37  ? 479  HIS B NE2 1 
ATOM   1091 N N   . VAL B 1 116 ? 5.277   1.550   5.730   1.00   51.21  ? 480  VAL B N   1 
ATOM   1092 C CA  . VAL B 1 116 ? 5.666   2.644   6.622   1.00   52.12  ? 480  VAL B CA  1 
ATOM   1093 C C   . VAL B 1 116 ? 6.092   3.847   5.789   1.00   52.65  ? 480  VAL B C   1 
ATOM   1094 O O   . VAL B 1 116 ? 7.041   3.766   5.000   1.00   52.79  ? 480  VAL B O   1 
ATOM   1095 C CB  . VAL B 1 116 ? 6.814   2.222   7.581   1.00   52.30  ? 480  VAL B CB  1 
ATOM   1096 C CG1 . VAL B 1 116 ? 7.319   3.413   8.365   1.00   52.04  ? 480  VAL B CG1 1 
ATOM   1097 C CG2 . VAL B 1 116 ? 6.350   1.128   8.537   1.00   51.96  ? 480  VAL B CG2 1 
ATOM   1098 N N   . ILE B 1 117 ? 5.365   4.948   5.951   1.00   53.34  ? 481  ILE B N   1 
ATOM   1099 C CA  . ILE B 1 117 ? 5.594   6.152   5.143   1.00   54.29  ? 481  ILE B CA  1 
ATOM   1100 C C   . ILE B 1 117 ? 6.309   7.259   5.910   1.00   54.92  ? 481  ILE B C   1 
ATOM   1101 O O   . ILE B 1 117 ? 6.881   8.166   5.321   1.00   55.64  ? 481  ILE B O   1 
ATOM   1102 C CB  . ILE B 1 117 ? 4.289   6.701   4.536   1.00   54.04  ? 481  ILE B CB  1 
ATOM   1103 C CG1 . ILE B 1 117 ? 3.262   6.974   5.620   1.00   54.12  ? 481  ILE B CG1 1 
ATOM   1104 C CG2 . ILE B 1 117 ? 3.704   5.716   3.550   1.00   53.26  ? 481  ILE B CG2 1 
ATOM   1105 C CD1 . ILE B 1 117 ? 1.839   6.867   5.115   1.00   54.44  ? 481  ILE B CD1 1 
ATOM   1106 N N   . GLN B 1 118 ? 6.260   7.168   7.230   1.00   55.60  ? 482  GLN B N   1 
ATOM   1107 C CA  . GLN B 1 118 ? 6.975   8.066   8.107   1.00   56.07  ? 482  GLN B CA  1 
ATOM   1108 C C   . GLN B 1 118 ? 7.104   7.355   9.449   1.00   56.41  ? 482  GLN B C   1 
ATOM   1109 O O   . GLN B 1 118 ? 6.141   6.755   9.946   1.00   56.08  ? 482  GLN B O   1 
ATOM   1110 C CB  . GLN B 1 118 ? 6.213   9.384   8.266   1.00   56.01  ? 482  GLN B CB  1 
ATOM   1111 C CG  . GLN B 1 118 ? 6.851   10.361  9.240   1.00   57.50  ? 482  GLN B CG  1 
ATOM   1112 C CD  . GLN B 1 118 ? 5.841   11.319  9.835   1.00   58.41  ? 482  GLN B CD  1 
ATOM   1113 O OE1 . GLN B 1 118 ? 5.200   12.077  9.116   1.00   59.87  ? 482  GLN B OE1 1 
ATOM   1114 N NE2 . GLN B 1 118 ? 5.693   11.287  11.154  1.00   58.79  ? 482  GLN B NE2 1 
ATOM   1115 N N   . GLY B 1 119 ? 8.310   7.402   10.008  1.00   56.83  ? 483  GLY B N   1 
ATOM   1116 C CA  . GLY B 1 119 ? 8.570   6.877   11.333  1.00   57.18  ? 483  GLY B CA  1 
ATOM   1117 C C   . GLY B 1 119 ? 9.421   5.624   11.351  1.00   57.73  ? 483  GLY B C   1 
ATOM   1118 O O   . GLY B 1 119 ? 9.931   5.172   10.315  1.00   57.93  ? 483  GLY B O   1 
ATOM   1119 N N   . ILE B 1 120 ? 9.612   5.096   12.557  1.00   58.03  ? 484  ILE B N   1 
ATOM   1120 C CA  . ILE B 1 120 ? 10.177  3.766   12.767  1.00   58.11  ? 484  ILE B CA  1 
ATOM   1121 C C   . ILE B 1 120 ? 9.271   3.107   13.779  1.00   58.36  ? 484  ILE B C   1 
ATOM   1122 O O   . ILE B 1 120 ? 8.931   3.704   14.805  1.00   58.87  ? 484  ILE B O   1 
ATOM   1123 C CB  . ILE B 1 120 ? 11.604  3.802   13.369  1.00   58.28  ? 484  ILE B CB  1 
ATOM   1124 C CG1 . ILE B 1 120 ? 12.573  4.609   12.477  1.00   58.87  ? 484  ILE B CG1 1 
ATOM   1125 C CG2 . ILE B 1 120 ? 12.093  2.373   13.661  1.00   56.63  ? 484  ILE B CG2 1 
ATOM   1126 C CD1 . ILE B 1 120 ? 14.001  4.779   13.055  1.00   57.82  ? 484  ILE B CD1 1 
ATOM   1127 N N   . VAL B 1 121 ? 8.885   1.870   13.505  1.00   58.34  ? 485  VAL B N   1 
ATOM   1128 C CA  . VAL B 1 121 ? 7.891   1.224   14.333  1.00   58.03  ? 485  VAL B CA  1 
ATOM   1129 C C   . VAL B 1 121 ? 8.360   -0.166  14.747  1.00   57.69  ? 485  VAL B C   1 
ATOM   1130 O O   . VAL B 1 121 ? 9.238   -0.751  14.103  1.00   57.06  ? 485  VAL B O   1 
ATOM   1131 C CB  . VAL B 1 121 ? 6.537   1.223   13.594  1.00   58.27  ? 485  VAL B CB  1 
ATOM   1132 C CG1 . VAL B 1 121 ? 6.300   -0.086  12.839  1.00   57.90  ? 485  VAL B CG1 1 
ATOM   1133 C CG2 . VAL B 1 121 ? 5.420   1.565   14.548  1.00   58.87  ? 485  VAL B CG2 1 
ATOM   1134 N N   . GLU B 1 122 ? 7.825   -0.668  15.853  1.00   57.79  ? 486  GLU B N   1 
ATOM   1135 C CA  . GLU B 1 122 ? 8.128   -2.035  16.257  1.00   58.06  ? 486  GLU B CA  1 
ATOM   1136 C C   . GLU B 1 122 ? 6.910   -2.928  16.154  1.00   57.92  ? 486  GLU B C   1 
ATOM   1137 O O   . GLU B 1 122 ? 5.850   -2.628  16.707  1.00   58.19  ? 486  GLU B O   1 
ATOM   1138 C CB  . GLU B 1 122 ? 8.703   -2.103  17.664  1.00   58.17  ? 486  GLU B CB  1 
ATOM   1139 C CG  . GLU B 1 122 ? 9.529   -3.360  17.882  1.00   60.24  ? 486  GLU B CG  1 
ATOM   1140 C CD  . GLU B 1 122 ? 9.672   -3.739  19.347  1.00   62.81  ? 486  GLU B CD  1 
ATOM   1141 O OE1 . GLU B 1 122 ? 10.753  -4.244  19.733  1.00   63.66  ? 486  GLU B OE1 1 
ATOM   1142 O OE2 . GLU B 1 122 ? 8.704   -3.536  20.112  1.00   63.53  ? 486  GLU B OE2 1 
ATOM   1143 N N   . VAL B 1 123 ? 7.082   -4.038  15.456  1.00   57.64  ? 487  VAL B N   1 
ATOM   1144 C CA  . VAL B 1 123 ? 5.988   -4.929  15.147  1.00   57.41  ? 487  VAL B CA  1 
ATOM   1145 C C   . VAL B 1 123 ? 6.117   -6.250  15.902  1.00   57.60  ? 487  VAL B C   1 
ATOM   1146 O O   . VAL B 1 123 ? 7.200   -6.834  16.003  1.00   56.88  ? 487  VAL B O   1 
ATOM   1147 C CB  . VAL B 1 123 ? 5.908   -5.169  13.622  1.00   57.47  ? 487  VAL B CB  1 
ATOM   1148 C CG1 . VAL B 1 123 ? 4.733   -6.082  13.241  1.00   56.87  ? 487  VAL B CG1 1 
ATOM   1149 C CG2 . VAL B 1 123 ? 5.775   -3.841  12.916  1.00   57.94  ? 487  VAL B CG2 1 
ATOM   1150 N N   . THR B 1 124 ? 4.993   -6.701  16.444  1.00   58.24  ? 488  THR B N   1 
ATOM   1151 C CA  . THR B 1 124 ? 4.885   -8.029  16.999  1.00   59.46  ? 488  THR B CA  1 
ATOM   1152 C C   . THR B 1 124 ? 3.724   -8.757  16.355  1.00   60.37  ? 488  THR B C   1 
ATOM   1153 O O   . THR B 1 124 ? 2.553   -8.409  16.554  1.00   60.11  ? 488  THR B O   1 
ATOM   1154 C CB  . THR B 1 124 ? 4.692   -7.993  18.527  1.00   59.48  ? 488  THR B CB  1 
ATOM   1155 O OG1 . THR B 1 124 ? 5.858   -7.424  19.135  1.00   59.27  ? 488  THR B OG1 1 
ATOM   1156 C CG2 . THR B 1 124 ? 4.456   -9.407  19.084  1.00   59.81  ? 488  THR B CG2 1 
ATOM   1157 N N   . VAL B 1 125 ? 4.072   -9.754  15.552  1.00   61.74  ? 489  VAL B N   1 
ATOM   1158 C CA  . VAL B 1 125 ? 3.114   -10.751 15.103  1.00   62.83  ? 489  VAL B CA  1 
ATOM   1159 C C   . VAL B 1 125 ? 3.591   -12.098 15.612  1.00   63.96  ? 489  VAL B C   1 
ATOM   1160 O O   . VAL B 1 125 ? 4.786   -12.415 15.544  1.00   63.55  ? 489  VAL B O   1 
ATOM   1161 C CB  . VAL B 1 125 ? 2.949   -10.754 13.561  1.00   62.39  ? 489  VAL B CB  1 
ATOM   1162 C CG1 . VAL B 1 125 ? 4.265   -11.070 12.857  1.00   61.93  ? 489  VAL B CG1 1 
ATOM   1163 C CG2 . VAL B 1 125 ? 1.862   -11.725 13.148  1.00   62.66  ? 489  VAL B CG2 1 
ATOM   1164 N N   . CYS B 1 126 ? 2.666   -12.881 16.155  1.00   65.82  ? 490  CYS B N   1 
ATOM   1165 C CA  . CYS B 1 126 ? 3.018   -14.221 16.579  1.00   67.39  ? 490  CYS B CA  1 
ATOM   1166 C C   . CYS B 1 126 ? 4.223   -14.177 17.526  1.00   67.71  ? 490  CYS B C   1 
ATOM   1167 O O   . CYS B 1 126 ? 4.226   -13.433 18.520  1.00   67.43  ? 490  CYS B O   1 
ATOM   1168 C CB  . CYS B 1 126 ? 3.343   -15.072 15.344  1.00   67.54  ? 490  CYS B CB  1 
ATOM   1169 S SG  . CYS B 1 126 ? 2.188   -16.382 15.022  1.00   70.72  ? 490  CYS B SG  1 
ATOM   1170 N N   . LYS B 1 127 ? 5.247   -14.960 17.186  1.00   68.54  ? 491  LYS B N   1 
ATOM   1171 C CA  . LYS B 1 127 ? 6.505   -15.010 17.939  1.00   69.02  ? 491  LYS B CA  1 
ATOM   1172 C C   . LYS B 1 127 ? 7.348   -13.748 17.696  1.00   68.50  ? 491  LYS B C   1 
ATOM   1173 O O   . LYS B 1 127 ? 7.910   -13.180 18.622  1.00   68.18  ? 491  LYS B O   1 
ATOM   1174 C CB  . LYS B 1 127 ? 7.309   -16.273 17.561  1.00   69.38  ? 491  LYS B CB  1 
ATOM   1175 C CG  . LYS B 1 127 ? 6.742   -17.600 18.098  1.00   70.53  ? 491  LYS B CG  1 
ATOM   1176 C CD  . LYS B 1 127 ? 7.650   -18.801 17.751  1.00   71.98  ? 491  LYS B CD  1 
ATOM   1177 C CE  . LYS B 1 127 ? 7.060   -20.149 18.234  1.00   72.62  ? 491  LYS B CE  1 
ATOM   1178 N NZ  . LYS B 1 127 ? 5.872   -20.633 17.444  1.00   71.41  ? 491  LYS B NZ  1 
ATOM   1179 N N   . ASN B 1 128 ? 7.387   -13.309 16.441  1.00   68.28  ? 492  ASN B N   1 
ATOM   1180 C CA  . ASN B 1 128 ? 8.301   -12.271 15.968  1.00   67.96  ? 492  ASN B CA  1 
ATOM   1181 C C   . ASN B 1 128 ? 8.215   -10.895 16.593  1.00   67.11  ? 492  ASN B C   1 
ATOM   1182 O O   . ASN B 1 128 ? 7.145   -10.453 17.015  1.00   67.22  ? 492  ASN B O   1 
ATOM   1183 C CB  . ASN B 1 128 ? 8.115   -12.079 14.470  1.00   68.78  ? 492  ASN B CB  1 
ATOM   1184 C CG  . ASN B 1 128 ? 9.032   -12.933 13.675  1.00   70.69  ? 492  ASN B CG  1 
ATOM   1185 O OD1 . ASN B 1 128 ? 9.117   -14.148 13.898  1.00   74.54  ? 492  ASN B OD1 1 
ATOM   1186 N ND2 . ASN B 1 128 ? 9.759   -12.313 12.748  1.00   71.70  ? 492  ASN B ND2 1 
ATOM   1187 N N   . LYS B 1 129 ? 9.356   -10.215 16.583  1.00   65.74  ? 493  LYS B N   1 
ATOM   1188 C CA  . LYS B 1 129 ? 9.433   -8.793  16.857  1.00   64.92  ? 493  LYS B CA  1 
ATOM   1189 C C   . LYS B 1 129 ? 10.506  -8.251  15.964  1.00   63.83  ? 493  LYS B C   1 
ATOM   1190 O O   . LYS B 1 129 ? 11.634  -8.740  15.972  1.00   63.51  ? 493  LYS B O   1 
ATOM   1191 C CB  . LYS B 1 129 ? 9.822   -8.522  18.311  1.00   65.31  ? 493  LYS B CB  1 
ATOM   1192 C CG  . LYS B 1 129 ? 8.658   -8.473  19.281  1.00   66.99  ? 493  LYS B CG  1 
ATOM   1193 C CD  . LYS B 1 129 ? 9.151   -8.541  20.731  1.00   70.58  ? 493  LYS B CD  1 
ATOM   1194 C CE  . LYS B 1 129 ? 8.258   -7.733  21.676  1.00   71.38  ? 493  LYS B CE  1 
ATOM   1195 N NZ  . LYS B 1 129 ? 8.441   -6.260  21.472  1.00   71.07  ? 493  LYS B NZ  1 
ATOM   1196 N N   . PHE B 1 130 ? 10.158  -7.244  15.182  1.00   62.76  ? 494  PHE B N   1 
ATOM   1197 C CA  . PHE B 1 130 ? 11.150  -6.562  14.374  1.00   61.94  ? 494  PHE B CA  1 
ATOM   1198 C C   . PHE B 1 130 ? 10.911  -5.069  14.359  1.00   61.44  ? 494  PHE B C   1 
ATOM   1199 O O   . PHE B 1 130 ? 9.790   -4.609  14.583  1.00   61.29  ? 494  PHE B O   1 
ATOM   1200 C CB  . PHE B 1 130 ? 11.175  -7.116  12.954  1.00   61.69  ? 494  PHE B CB  1 
ATOM   1201 C CG  . PHE B 1 130 ? 9.816   -7.286  12.340  1.00   62.23  ? 494  PHE B CG  1 
ATOM   1202 C CD1 . PHE B 1 130 ? 9.217   -6.242  11.639  1.00   62.31  ? 494  PHE B CD1 1 
ATOM   1203 C CD2 . PHE B 1 130 ? 9.138   -8.500  12.441  1.00   61.90  ? 494  PHE B CD2 1 
ATOM   1204 C CE1 . PHE B 1 130 ? 7.967   -6.406  11.061  1.00   61.67  ? 494  PHE B CE1 1 
ATOM   1205 C CE2 . PHE B 1 130 ? 7.886   -8.667  11.868  1.00   60.47  ? 494  PHE B CE2 1 
ATOM   1206 C CZ  . PHE B 1 130 ? 7.302   -7.621  11.182  1.00   60.93  ? 494  PHE B CZ  1 
ATOM   1207 N N   . LEU B 1 131 ? 11.983  -4.312  14.147  1.00   60.87  ? 495  LEU B N   1 
ATOM   1208 C CA  . LEU B 1 131 ? 11.843  -2.912  13.813  1.00   60.43  ? 495  LEU B CA  1 
ATOM   1209 C C   . LEU B 1 131 ? 11.490  -2.876  12.338  1.00   59.93  ? 495  LEU B C   1 
ATOM   1210 O O   . LEU B 1 131 ? 11.976  -3.699  11.554  1.00   60.00  ? 495  LEU B O   1 
ATOM   1211 C CB  . LEU B 1 131 ? 13.147  -2.134  14.052  1.00   60.67  ? 495  LEU B CB  1 
ATOM   1212 C CG  . LEU B 1 131 ? 13.681  -1.787  15.449  1.00   60.99  ? 495  LEU B CG  1 
ATOM   1213 C CD1 . LEU B 1 131 ? 12.591  -1.307  16.408  1.00   59.54  ? 495  LEU B CD1 1 
ATOM   1214 C CD2 . LEU B 1 131 ? 14.452  -2.968  16.029  1.00   63.34  ? 495  LEU B CD2 1 
ATOM   1215 N N   . SER B 1 132 ? 10.629  -1.937  11.971  1.00   59.07  ? 496  SER B N   1 
ATOM   1216 C CA  . SER B 1 132 ? 10.253  -1.736  10.585  1.00   58.38  ? 496  SER B CA  1 
ATOM   1217 C C   . SER B 1 132 ? 10.334  -0.250  10.292  1.00   58.15  ? 496  SER B C   1 
ATOM   1218 O O   . SER B 1 132 ? 9.727   0.568   10.992  1.00   58.19  ? 496  SER B O   1 
ATOM   1219 C CB  . SER B 1 132 ? 8.836   -2.263  10.333  1.00   58.21  ? 496  SER B CB  1 
ATOM   1220 O OG  . SER B 1 132 ? 8.558   -2.297  8.948   1.00   57.08  ? 496  SER B OG  1 
ATOM   1221 N N   . VAL B 1 133 ? 11.073  0.095   9.244   1.00   57.74  ? 497  VAL B N   1 
ATOM   1222 C CA  . VAL B 1 133 ? 11.503  1.479   9.027   1.00   57.19  ? 497  VAL B CA  1 
ATOM   1223 C C   . VAL B 1 133 ? 10.866  2.125   7.785   1.00   56.63  ? 497  VAL B C   1 
ATOM   1224 O O   . VAL B 1 133 ? 10.345  1.433   6.921   1.00   56.79  ? 497  VAL B O   1 
ATOM   1225 C CB  . VAL B 1 133 ? 13.055  1.548   8.991   1.00   56.88  ? 497  VAL B CB  1 
ATOM   1226 C CG1 . VAL B 1 133 ? 13.592  1.286   7.596   1.00   56.53  ? 497  VAL B CG1 1 
ATOM   1227 C CG2 . VAL B 1 133 ? 13.536  2.868   9.517   1.00   58.24  ? 497  VAL B CG2 1 
ATOM   1228 N N   . LYS B 1 134 ? 10.890  3.451   7.717   1.00   56.40  ? 498  LYS B N   1 
ATOM   1229 C CA  . LYS B 1 134 ? 10.313  4.196   6.589   1.00   55.86  ? 498  LYS B CA  1 
ATOM   1230 C C   . LYS B 1 134 ? 10.584  3.490   5.258   1.00   55.04  ? 498  LYS B C   1 
ATOM   1231 O O   . LYS B 1 134 ? 11.731  3.113   4.953   1.00   55.03  ? 498  LYS B O   1 
ATOM   1232 C CB  . LYS B 1 134 ? 10.876  5.627   6.553   1.00   56.35  ? 498  LYS B CB  1 
ATOM   1233 C CG  . LYS B 1 134 ? 9.880   6.722   6.148   1.00   57.20  ? 498  LYS B CG  1 
ATOM   1234 C CD  . LYS B 1 134 ? 10.063  7.157   4.695   1.00   59.58  ? 498  LYS B CD  1 
ATOM   1235 C CE  . LYS B 1 134 ? 11.278  8.084   4.502   1.00   60.37  ? 498  LYS B CE  1 
ATOM   1236 N NZ  . LYS B 1 134 ? 10.929  9.526   4.622   1.00   60.02  ? 498  LYS B NZ  1 
ATOM   1237 N N   . GLY B 1 135 ? 9.521   3.286   4.486   1.00   53.49  ? 499  GLY B N   1 
ATOM   1238 C CA  . GLY B 1 135 ? 9.650   2.709   3.163   1.00   51.54  ? 499  GLY B CA  1 
ATOM   1239 C C   . GLY B 1 135 ? 9.731   1.201   3.157   1.00   50.39  ? 499  GLY B C   1 
ATOM   1240 O O   . GLY B 1 135 ? 9.885   0.596   2.104   1.00   50.95  ? 499  GLY B O   1 
ATOM   1241 N N   . SER B 1 136 ? 9.642   0.588   4.332   1.00   49.33  ? 500  SER B N   1 
ATOM   1242 C CA  . SER B 1 136 ? 9.552   -0.873  4.429   1.00   48.26  ? 500  SER B CA  1 
ATOM   1243 C C   . SER B 1 136 ? 8.090   -1.327  4.572   1.00   47.53  ? 500  SER B C   1 
ATOM   1244 O O   . SER B 1 136 ? 7.169   -0.504  4.602   1.00   47.81  ? 500  SER B O   1 
ATOM   1245 C CB  . SER B 1 136 ? 10.410  -1.406  5.581   1.00   48.06  ? 500  SER B CB  1 
ATOM   1246 O OG  . SER B 1 136 ? 9.825   -1.092  6.841   1.00   48.20  ? 500  SER B OG  1 
ATOM   1247 N N   . THR B 1 137 ? 7.886   -2.637  4.668   1.00   46.16  ? 501  THR B N   1 
ATOM   1248 C CA  . THR B 1 137 ? 6.573   -3.229  4.428   1.00   45.64  ? 501  THR B CA  1 
ATOM   1249 C C   . THR B 1 137 ? 6.422   -4.536  5.195   1.00   45.14  ? 501  THR B C   1 
ATOM   1250 O O   . THR B 1 137 ? 7.353   -5.341  5.217   1.00   45.68  ? 501  THR B O   1 
ATOM   1251 C CB  . THR B 1 137 ? 6.407   -3.528  2.929   1.00   44.91  ? 501  THR B CB  1 
ATOM   1252 O OG1 . THR B 1 137 ? 6.412   -2.299  2.207   1.00   48.62  ? 501  THR B OG1 1 
ATOM   1253 C CG2 . THR B 1 137 ? 5.122   -4.216  2.648   1.00   44.48  ? 501  THR B CG2 1 
ATOM   1254 N N   . PHE B 1 138 ? 5.256   -4.772  5.800   1.00   43.81  ? 502  PHE B N   1 
ATOM   1255 C CA  . PHE B 1 138 ? 5.028   -6.040  6.503   1.00   42.12  ? 502  PHE B CA  1 
ATOM   1256 C C   . PHE B 1 138 ? 3.578   -6.483  6.447   1.00   41.32  ? 502  PHE B C   1 
ATOM   1257 O O   . PHE B 1 138 ? 2.671   -5.658  6.276   1.00   42.17  ? 502  PHE B O   1 
ATOM   1258 C CB  . PHE B 1 138 ? 5.497   -5.938  7.949   1.00   41.77  ? 502  PHE B CB  1 
ATOM   1259 C CG  . PHE B 1 138 ? 4.905   -4.776  8.707   1.00   42.53  ? 502  PHE B CG  1 
ATOM   1260 C CD1 . PHE B 1 138 ? 3.871   -4.978  9.616   1.00   42.66  ? 502  PHE B CD1 1 
ATOM   1261 C CD2 . PHE B 1 138 ? 5.407   -3.481  8.544   1.00   42.29  ? 502  PHE B CD2 1 
ATOM   1262 C CE1 . PHE B 1 138 ? 3.332   -3.916  10.344  1.00   43.69  ? 502  PHE B CE1 1 
ATOM   1263 C CE2 . PHE B 1 138 ? 4.878   -2.408  9.271   1.00   41.74  ? 502  PHE B CE2 1 
ATOM   1264 C CZ  . PHE B 1 138 ? 3.841   -2.623  10.171  1.00   42.95  ? 502  PHE B CZ  1 
ATOM   1265 N N   . GLN B 1 139 ? 3.350   -7.781  6.595   1.00   39.74  ? 503  GLN B N   1 
ATOM   1266 C CA  . GLN B 1 139 ? 2.015   -8.315  6.441   1.00   39.36  ? 503  GLN B CA  1 
ATOM   1267 C C   . GLN B 1 139 ? 1.546   -9.001  7.698   1.00   40.11  ? 503  GLN B C   1 
ATOM   1268 O O   . GLN B 1 139 ? 2.336   -9.599  8.412   1.00   40.60  ? 503  GLN B O   1 
ATOM   1269 C CB  . GLN B 1 139 ? 1.944   -9.288  5.266   1.00   38.12  ? 503  GLN B CB  1 
ATOM   1270 C CG  . GLN B 1 139 ? 2.129   -8.620  3.943   1.00   38.04  ? 503  GLN B CG  1 
ATOM   1271 C CD  . GLN B 1 139 ? 1.687   -9.471  2.779   1.00   40.92  ? 503  GLN B CD  1 
ATOM   1272 O OE1 . GLN B 1 139 ? 0.633   -10.117 2.805   1.00   43.39  ? 503  GLN B OE1 1 
ATOM   1273 N NE2 . GLN B 1 139 ? 2.472   -9.450  1.722   1.00   39.63  ? 503  GLN B NE2 1 
ATOM   1274 N N   . ILE B 1 140 ? 0.245   -8.948  7.948   1.00   40.68  ? 504  ILE B N   1 
ATOM   1275 C CA  . ILE B 1 140 ? -0.354  -9.695  9.036   1.00   41.00  ? 504  ILE B CA  1 
ATOM   1276 C C   . ILE B 1 140 ? -1.372  -10.692 8.479   1.00   42.14  ? 504  ILE B C   1 
ATOM   1277 O O   . ILE B 1 140 ? -2.319  -10.304 7.775   1.00   43.02  ? 504  ILE B O   1 
ATOM   1278 C CB  . ILE B 1 140 ? -1.108  -8.763  9.974   1.00   41.06  ? 504  ILE B CB  1 
ATOM   1279 C CG1 . ILE B 1 140 ? -0.189  -7.650  10.500  1.00   40.86  ? 504  ILE B CG1 1 
ATOM   1280 C CG2 . ILE B 1 140 ? -1.793  -9.565  11.070  1.00   41.20  ? 504  ILE B CG2 1 
ATOM   1281 C CD1 . ILE B 1 140 ? 0.969   -8.136  11.352  1.00   42.04  ? 504  ILE B CD1 1 
ATOM   1282 N N   . PRO B 1 141 ? -1.187  -11.986 8.789   1.00   42.38  ? 505  PRO B N   1 
ATOM   1283 C CA  . PRO B 1 141 ? -2.151  -12.963 8.314   1.00   42.13  ? 505  PRO B CA  1 
ATOM   1284 C C   . PRO B 1 141 ? -3.400  -12.938 9.180   1.00   42.65  ? 505  PRO B C   1 
ATOM   1285 O O   . PRO B 1 141 ? -3.309  -12.605 10.366  1.00   43.17  ? 505  PRO B O   1 
ATOM   1286 C CB  . PRO B 1 141 ? -1.407  -14.290 8.500   1.00   42.35  ? 505  PRO B CB  1 
ATOM   1287 C CG  . PRO B 1 141 ? -0.376  -14.008 9.546   1.00   41.47  ? 505  PRO B CG  1 
ATOM   1288 C CD  . PRO B 1 141 ? 0.032   -12.617 9.334   1.00   41.89  ? 505  PRO B CD  1 
ATOM   1289 N N   . ALA B 1 142 ? -4.536  -13.292 8.582   1.00   42.31  ? 506  ALA B N   1 
ATOM   1290 C CA  . ALA B 1 142 ? -5.793  -13.541 9.284   1.00   42.94  ? 506  ALA B CA  1 
ATOM   1291 C C   . ALA B 1 142 ? -5.637  -14.391 10.549  1.00   43.74  ? 506  ALA B C   1 
ATOM   1292 O O   . ALA B 1 142 ? -4.777  -15.279 10.615  1.00   43.10  ? 506  ALA B O   1 
ATOM   1293 C CB  . ALA B 1 142 ? -6.802  -14.195 8.334   1.00   42.35  ? 506  ALA B CB  1 
ATOM   1294 N N   . PHE B 1 143 ? -6.485  -14.101 11.540  1.00   44.76  ? 507  PHE B N   1 
ATOM   1295 C CA  . PHE B 1 143 ? -6.484  -14.769 12.840  1.00   46.09  ? 507  PHE B CA  1 
ATOM   1296 C C   . PHE B 1 143 ? -5.137  -14.743 13.589  1.00   48.14  ? 507  PHE B C   1 
ATOM   1297 O O   . PHE B 1 143 ? -4.830  -15.693 14.326  1.00   48.78  ? 507  PHE B O   1 
ATOM   1298 C CB  . PHE B 1 143 ? -6.966  -16.216 12.725  1.00   44.96  ? 507  PHE B CB  1 
ATOM   1299 C CG  . PHE B 1 143 ? -7.974  -16.438 11.643  1.00   43.91  ? 507  PHE B CG  1 
ATOM   1300 C CD1 . PHE B 1 143 ? -7.599  -17.036 10.447  1.00   44.31  ? 507  PHE B CD1 1 
ATOM   1301 C CD2 . PHE B 1 143 ? -9.305  -16.078 11.817  1.00   42.28  ? 507  PHE B CD2 1 
ATOM   1302 C CE1 . PHE B 1 143 ? -8.539  -17.266 9.428   1.00   43.75  ? 507  PHE B CE1 1 
ATOM   1303 C CE2 . PHE B 1 143 ? -10.250 -16.280 10.790  1.00   41.98  ? 507  PHE B CE2 1 
ATOM   1304 C CZ  . PHE B 1 143 ? -9.869  -16.883 9.603   1.00   41.77  ? 507  PHE B CZ  1 
ATOM   1305 N N   . ASN B 1 144 ? -4.326  -13.696 13.382  1.00   49.46  ? 508  ASN B N   1 
ATOM   1306 C CA  . ASN B 1 144 ? -3.142  -13.469 14.223  1.00   50.87  ? 508  ASN B CA  1 
ATOM   1307 C C   . ASN B 1 144 ? -3.311  -12.215 15.033  1.00   51.02  ? 508  ASN B C   1 
ATOM   1308 O O   . ASN B 1 144 ? -3.792  -11.193 14.525  1.00   51.01  ? 508  ASN B O   1 
ATOM   1309 C CB  . ASN B 1 144 ? -1.852  -13.291 13.414  1.00   51.61  ? 508  ASN B CB  1 
ATOM   1310 C CG  . ASN B 1 144 ? -1.375  -14.562 12.775  1.00   54.45  ? 508  ASN B CG  1 
ATOM   1311 O OD1 . ASN B 1 144 ? -2.108  -15.201 12.001  1.00   57.83  ? 508  ASN B OD1 1 
ATOM   1312 N ND2 . ASN B 1 144 ? -0.118  -14.920 13.043  1.00   54.98  ? 508  ASN B ND2 1 
ATOM   1313 N N   . GLU B 1 145 ? -2.878  -12.290 16.282  1.00   51.31  ? 509  GLU B N   1 
ATOM   1314 C CA  . GLU B 1 145 ? -2.768  -11.121 17.117  1.00   51.82  ? 509  GLU B CA  1 
ATOM   1315 C C   . GLU B 1 145 ? -1.454  -10.447 16.802  1.00   50.99  ? 509  GLU B C   1 
ATOM   1316 O O   . GLU B 1 145 ? -0.420  -11.109 16.623  1.00   50.00  ? 509  GLU B O   1 
ATOM   1317 C CB  . GLU B 1 145 ? -2.827  -11.519 18.583  1.00   52.57  ? 509  GLU B CB  1 
ATOM   1318 C CG  . GLU B 1 145 ? -4.225  -11.920 19.019  1.00   57.04  ? 509  GLU B CG  1 
ATOM   1319 C CD  . GLU B 1 145 ? -4.282  -12.360 20.473  1.00   62.24  ? 509  GLU B CD  1 
ATOM   1320 O OE1 . GLU B 1 145 ? -5.066  -11.757 21.241  1.00   64.90  ? 509  GLU B OE1 1 
ATOM   1321 O OE2 . GLU B 1 145 ? -3.540  -13.298 20.852  1.00   63.96  ? 509  GLU B OE2 1 
ATOM   1322 N N   . TYR B 1 146 ? -1.519  -9.126  16.705  1.00   50.80  ? 510  TYR B N   1 
ATOM   1323 C CA  . TYR B 1 146 ? -0.349  -8.317  16.398  1.00   50.66  ? 510  TYR B CA  1 
ATOM   1324 C C   . TYR B 1 146 ? -0.377  -7.024  17.173  1.00   51.23  ? 510  TYR B C   1 
ATOM   1325 O O   . TYR B 1 146 ? -1.437  -6.516  17.550  1.00   50.91  ? 510  TYR B O   1 
ATOM   1326 C CB  . TYR B 1 146 ? -0.259  -8.003  14.905  1.00   49.86  ? 510  TYR B CB  1 
ATOM   1327 C CG  . TYR B 1 146 ? -1.317  -7.050  14.413  1.00   47.96  ? 510  TYR B CG  1 
ATOM   1328 C CD1 . TYR B 1 146 ? -2.639  -7.467  14.269  1.00   45.31  ? 510  TYR B CD1 1 
ATOM   1329 C CD2 . TYR B 1 146 ? -0.997  -5.728  14.074  1.00   47.83  ? 510  TYR B CD2 1 
ATOM   1330 C CE1 . TYR B 1 146 ? -3.621  -6.598  13.808  1.00   46.07  ? 510  TYR B CE1 1 
ATOM   1331 C CE2 . TYR B 1 146 ? -1.977  -4.833  13.593  1.00   46.03  ? 510  TYR B CE2 1 
ATOM   1332 C CZ  . TYR B 1 146 ? -3.288  -5.277  13.468  1.00   46.59  ? 510  TYR B CZ  1 
ATOM   1333 O OH  . TYR B 1 146 ? -4.277  -4.420  13.010  1.00   47.93  ? 510  TYR B OH  1 
ATOM   1334 N N   . ALA B 1 147 ? 0.815   -6.495  17.384  1.00   52.01  ? 511  ALA B N   1 
ATOM   1335 C CA  . ALA B 1 147 ? 0.989   -5.214  18.022  1.00   52.83  ? 511  ALA B CA  1 
ATOM   1336 C C   . ALA B 1 147 ? 1.920   -4.342  17.172  1.00   53.64  ? 511  ALA B C   1 
ATOM   1337 O O   . ALA B 1 147 ? 2.844   -4.845  16.514  1.00   53.34  ? 511  ALA B O   1 
ATOM   1338 C CB  . ALA B 1 147 ? 1.547   -5.407  19.418  1.00   52.54  ? 511  ALA B CB  1 
ATOM   1339 N N   . ILE B 1 148 ? 1.650   -3.038  17.165  1.00   54.72  ? 512  ILE B N   1 
ATOM   1340 C CA  . ILE B 1 148 ? 2.552   -2.065  16.542  1.00   55.67  ? 512  ILE B CA  1 
ATOM   1341 C C   . ILE B 1 148 ? 2.861   -0.947  17.539  1.00   56.07  ? 512  ILE B C   1 
ATOM   1342 O O   . ILE B 1 148 ? 1.951   -0.272  18.016  1.00   55.99  ? 512  ILE B O   1 
ATOM   1343 C CB  . ILE B 1 148 ? 1.961   -1.477  15.219  1.00   55.55  ? 512  ILE B CB  1 
ATOM   1344 C CG1 . ILE B 1 148 ? 1.599   -2.598  14.235  1.00   56.22  ? 512  ILE B CG1 1 
ATOM   1345 C CG2 . ILE B 1 148 ? 2.958   -0.552  14.553  1.00   54.77  ? 512  ILE B CG2 1 
ATOM   1346 C CD1 . ILE B 1 148 ? 0.688   -2.164  13.078  1.00   54.61  ? 512  ILE B CD1 1 
ATOM   1347 N N   . ALA B 1 149 ? 4.136   -0.757  17.865  1.00   57.18  ? 513  ALA B N   1 
ATOM   1348 C CA  . ALA B 1 149 ? 4.529   0.308   18.806  1.00   58.66  ? 513  ALA B CA  1 
ATOM   1349 C C   . ALA B 1 149 ? 5.482   1.326   18.168  1.00   59.65  ? 513  ALA B C   1 
ATOM   1350 O O   . ALA B 1 149 ? 6.433   0.939   17.462  1.00   59.89  ? 513  ALA B O   1 
ATOM   1351 C CB  . ALA B 1 149 ? 5.143   -0.291  20.077  1.00   58.09  ? 513  ALA B CB  1 
ATOM   1352 N N   . ASN B 1 150 ? 5.227   2.620   18.390  1.00   60.63  ? 514  ASN B N   1 
ATOM   1353 C CA  . ASN B 1 150 ? 6.156   3.625   17.866  1.00   61.90  ? 514  ASN B CA  1 
ATOM   1354 C C   . ASN B 1 150 ? 7.425   3.689   18.681  1.00   63.25  ? 514  ASN B C   1 
ATOM   1355 O O   . ASN B 1 150 ? 7.387   3.937   19.892  1.00   63.34  ? 514  ASN B O   1 
ATOM   1356 C CB  . ASN B 1 150 ? 5.556   5.024   17.737  1.00   61.48  ? 514  ASN B CB  1 
ATOM   1357 C CG  . ASN B 1 150 ? 6.458   5.966   16.927  1.00   60.17  ? 514  ASN B CG  1 
ATOM   1358 O OD1 . ASN B 1 150 ? 7.648   5.721   16.767  1.00   58.87  ? 514  ASN B OD1 1 
ATOM   1359 N ND2 . ASN B 1 150 ? 5.883   7.030   16.399  1.00   59.16  ? 514  ASN B ND2 1 
ATOM   1360 N N   . ARG B 1 151 ? 8.548   3.471   18.000  1.00   64.81  ? 515  ARG B N   1 
ATOM   1361 C CA  . ARG B 1 151 ? 9.856   3.509   18.637  1.00   66.64  ? 515  ARG B CA  1 
ATOM   1362 C C   . ARG B 1 151 ? 10.750  4.638   18.077  1.00   67.17  ? 515  ARG B C   1 
ATOM   1363 O O   . ARG B 1 151 ? 11.954  4.456   17.863  1.00   67.80  ? 515  ARG B O   1 
ATOM   1364 C CB  . ARG B 1 151 ? 10.521  2.128   18.561  1.00   66.88  ? 515  ARG B CB  1 
ATOM   1365 C CG  . ARG B 1 151 ? 9.776   1.039   19.352  1.00   69.16  ? 515  ARG B CG  1 
ATOM   1366 C CD  . ARG B 1 151 ? 10.265  0.923   20.788  1.00   73.37  ? 515  ARG B CD  1 
ATOM   1367 N NE  . ARG B 1 151 ? 11.721  0.749   20.834  1.00   77.78  ? 515  ARG B NE  1 
ATOM   1368 C CZ  . ARG B 1 151 ? 12.354  -0.417  20.689  1.00   79.44  ? 515  ARG B CZ  1 
ATOM   1369 N NH1 . ARG B 1 151 ? 11.670  -1.543  20.504  1.00   80.09  ? 515  ARG B NH1 1 
ATOM   1370 N NH2 . ARG B 1 151 ? 13.681  -0.461  20.738  1.00   79.87  ? 515  ARG B NH2 1 
ATOM   1371 N N   . GLY B 1 152 ? 10.153  5.811   17.879  1.00   67.35  ? 516  GLY B N   1 
ATOM   1372 C CA  . GLY B 1 152 ? 10.854  6.961   17.314  1.00   67.21  ? 516  GLY B CA  1 
ATOM   1373 C C   . GLY B 1 152 ? 10.232  8.250   17.803  1.00   67.16  ? 516  GLY B C   1 
ATOM   1374 O O   . GLY B 1 152 ? 9.179   8.235   18.445  1.00   66.90  ? 516  GLY B O   1 
ATOM   1375 N N   . ASN B 1 153 ? 10.873  9.370   17.487  1.00   67.18  ? 517  ASN B N   1 
ATOM   1376 C CA  . ASN B 1 153 ? 10.492  10.658  18.078  1.00   67.15  ? 517  ASN B CA  1 
ATOM   1377 C C   . ASN B 1 153 ? 9.362   11.394  17.363  1.00   66.57  ? 517  ASN B C   1 
ATOM   1378 O O   . ASN B 1 153 ? 8.535   12.057  17.998  1.00   66.40  ? 517  ASN B O   1 
ATOM   1379 C CB  . ASN B 1 153 ? 11.716  11.556  18.250  1.00   67.31  ? 517  ASN B CB  1 
ATOM   1380 C CG  . ASN B 1 153 ? 12.694  10.998  19.262  1.00   68.64  ? 517  ASN B CG  1 
ATOM   1381 O OD1 . ASN B 1 153 ? 12.345  10.139  20.076  1.00   70.22  ? 517  ASN B OD1 1 
ATOM   1382 N ND2 . ASN B 1 153 ? 13.932  11.474  19.212  1.00   70.36  ? 517  ASN B ND2 1 
ATOM   1383 N N   . ASP B 1 154 ? 9.347   11.281  16.040  1.00   65.84  ? 518  ASP B N   1 
ATOM   1384 C CA  . ASP B 1 154 ? 8.222   11.750  15.241  1.00   64.87  ? 518  ASP B CA  1 
ATOM   1385 C C   . ASP B 1 154 ? 7.121   10.689  15.242  1.00   63.96  ? 518  ASP B C   1 
ATOM   1386 O O   . ASP B 1 154 ? 7.401   9.486   15.349  1.00   63.59  ? 518  ASP B O   1 
ATOM   1387 C CB  . ASP B 1 154 ? 8.676   12.065  13.808  1.00   64.99  ? 518  ASP B CB  1 
ATOM   1388 C CG  . ASP B 1 154 ? 9.468   10.918  13.166  1.00   65.16  ? 518  ASP B CG  1 
ATOM   1389 O OD1 . ASP B 1 154 ? 9.498   10.840  11.920  1.00   65.74  ? 518  ASP B OD1 1 
ATOM   1390 O OD2 . ASP B 1 154 ? 10.065  10.097  13.895  1.00   64.97  ? 518  ASP B OD2 1 
ATOM   1391 N N   . GLU B 1 155 ? 5.872   11.140  15.137  1.00   62.90  ? 519  GLU B N   1 
ATOM   1392 C CA  . GLU B 1 155 ? 4.749   10.228  14.946  1.00   61.79  ? 519  GLU B CA  1 
ATOM   1393 C C   . GLU B 1 155 ? 5.005   9.305   13.755  1.00   61.13  ? 519  GLU B C   1 
ATOM   1394 O O   . GLU B 1 155 ? 5.720   9.665   12.811  1.00   60.62  ? 519  GLU B O   1 
ATOM   1395 C CB  . GLU B 1 155 ? 3.418   10.979  14.801  1.00   61.68  ? 519  GLU B CB  1 
ATOM   1396 C CG  . GLU B 1 155 ? 3.017   11.392  13.390  1.00   61.65  ? 519  GLU B CG  1 
ATOM   1397 C CD  . GLU B 1 155 ? 1.520   11.726  13.269  1.00   62.21  ? 519  GLU B CD  1 
ATOM   1398 O OE1 . GLU B 1 155 ? 1.152   12.517  12.377  1.00   62.43  ? 519  GLU B OE1 1 
ATOM   1399 O OE2 . GLU B 1 155 ? 0.707   11.197  14.058  1.00   62.00  ? 519  GLU B OE2 1 
ATOM   1400 N N   . ALA B 1 156 ? 4.468   8.089   13.841  1.00   60.31  ? 520  ALA B N   1 
ATOM   1401 C CA  . ALA B 1 156 ? 4.575   7.111   12.765  1.00   58.94  ? 520  ALA B CA  1 
ATOM   1402 C C   . ALA B 1 156 ? 3.261   7.034   12.021  1.00   58.21  ? 520  ALA B C   1 
ATOM   1403 O O   . ALA B 1 156 ? 2.185   7.165   12.618  1.00   58.35  ? 520  ALA B O   1 
ATOM   1404 C CB  . ALA B 1 156 ? 4.944   5.758   13.306  1.00   59.07  ? 520  ALA B CB  1 
ATOM   1405 N N   . LYS B 1 157 ? 3.366   6.861   10.709  1.00   57.06  ? 521  LYS B N   1 
ATOM   1406 C CA  . LYS B 1 157 ? 2.210   6.752   9.842   1.00   56.14  ? 521  LYS B CA  1 
ATOM   1407 C C   . LYS B 1 157 ? 2.419   5.531   8.951   1.00   55.33  ? 521  LYS B C   1 
ATOM   1408 O O   . LYS B 1 157 ? 3.511   5.343   8.391   1.00   55.37  ? 521  LYS B O   1 
ATOM   1409 C CB  . LYS B 1 157 ? 2.090   7.991   8.955   1.00   56.45  ? 521  LYS B CB  1 
ATOM   1410 C CG  . LYS B 1 157 ? 1.885   9.320   9.669   1.00   57.76  ? 521  LYS B CG  1 
ATOM   1411 C CD  . LYS B 1 157 ? 2.470   10.464  8.834   1.00   60.19  ? 521  LYS B CD  1 
ATOM   1412 C CE  . LYS B 1 157 ? 1.408   11.256  8.063   1.00   61.55  ? 521  LYS B CE  1 
ATOM   1413 N NZ  . LYS B 1 157 ? 1.098   12.571  8.712   1.00   62.23  ? 521  LYS B NZ  1 
ATOM   1414 N N   . MET B 1 158 ? 1.382   4.702   8.827   1.00   53.58  ? 522  MET B N   1 
ATOM   1415 C CA  . MET B 1 158 ? 1.408   3.584   7.887   1.00   51.76  ? 522  MET B CA  1 
ATOM   1416 C C   . MET B 1 158 ? 0.212   3.556   6.973   1.00   50.83  ? 522  MET B C   1 
ATOM   1417 O O   . MET B 1 158 ? -0.931  3.786   7.389   1.00   50.87  ? 522  MET B O   1 
ATOM   1418 C CB  . MET B 1 158 ? 1.484   2.255   8.609   1.00   51.77  ? 522  MET B CB  1 
ATOM   1419 C CG  . MET B 1 158 ? 2.806   2.014   9.286   1.00   51.64  ? 522  MET B CG  1 
ATOM   1420 S SD  . MET B 1 158 ? 2.495   1.252   10.879  1.00   51.99  ? 522  MET B SD  1 
ATOM   1421 C CE  . MET B 1 158 ? 1.655   2.603   11.725  1.00   50.48  ? 522  MET B CE  1 
ATOM   1422 N N   . PHE B 1 159 ? 0.484   3.271   5.710   1.00   49.31  ? 523  PHE B N   1 
ATOM   1423 C CA  . PHE B 1 159 ? -0.574  3.021   4.789   1.00   48.37  ? 523  PHE B CA  1 
ATOM   1424 C C   . PHE B 1 159 ? -0.791  1.536   4.867   1.00   48.89  ? 523  PHE B C   1 
ATOM   1425 O O   . PHE B 1 159 ? 0.170   0.782   5.019   1.00   49.98  ? 523  PHE B O   1 
ATOM   1426 C CB  . PHE B 1 159 ? -0.144  3.397   3.393   1.00   47.88  ? 523  PHE B CB  1 
ATOM   1427 C CG  . PHE B 1 159 ? -1.075  2.918   2.343   1.00   45.42  ? 523  PHE B CG  1 
ATOM   1428 C CD1 . PHE B 1 159 ? -2.307  3.513   2.176   1.00   44.33  ? 523  PHE B CD1 1 
ATOM   1429 C CD2 . PHE B 1 159 ? -0.730  1.857   1.540   1.00   42.86  ? 523  PHE B CD2 1 
ATOM   1430 C CE1 . PHE B 1 159 ? -3.173  3.078   1.185   1.00   46.50  ? 523  PHE B CE1 1 
ATOM   1431 C CE2 . PHE B 1 159 ? -1.587  1.406   0.560   1.00   44.24  ? 523  PHE B CE2 1 
ATOM   1432 C CZ  . PHE B 1 159 ? -2.817  2.017   0.377   1.00   45.23  ? 523  PHE B CZ  1 
ATOM   1433 N N   . PHE B 1 160 ? -2.039  1.105   4.786   1.00   48.63  ? 524  PHE B N   1 
ATOM   1434 C CA  . PHE B 1 160 ? -2.325  -0.313  4.834   1.00   48.85  ? 524  PHE B CA  1 
ATOM   1435 C C   . PHE B 1 160 ? -3.401  -0.709  3.835   1.00   48.83  ? 524  PHE B C   1 
ATOM   1436 O O   . PHE B 1 160 ? -4.274  0.090   3.474   1.00   49.18  ? 524  PHE B O   1 
ATOM   1437 C CB  . PHE B 1 160 ? -2.706  -0.745  6.252   1.00   49.36  ? 524  PHE B CB  1 
ATOM   1438 C CG  . PHE B 1 160 ? -3.996  -0.177  6.727   1.00   50.14  ? 524  PHE B CG  1 
ATOM   1439 C CD1 . PHE B 1 160 ? -5.197  -0.779  6.393   1.00   52.82  ? 524  PHE B CD1 1 
ATOM   1440 C CD2 . PHE B 1 160 ? -4.017  0.964   7.511   1.00   53.60  ? 524  PHE B CD2 1 
ATOM   1441 C CE1 . PHE B 1 160 ? -6.410  -0.260  6.832   1.00   55.19  ? 524  PHE B CE1 1 
ATOM   1442 C CE2 . PHE B 1 160 ? -5.220  1.507   7.964   1.00   56.25  ? 524  PHE B CE2 1 
ATOM   1443 C CZ  . PHE B 1 160 ? -6.426  0.884   7.622   1.00   57.24  ? 524  PHE B CZ  1 
ATOM   1444 N N   . VAL B 1 161 ? -3.319  -1.949  3.373   1.00   48.61  ? 525  VAL B N   1 
ATOM   1445 C CA  . VAL B 1 161 ? -4.347  -2.519  2.507   1.00   48.59  ? 525  VAL B CA  1 
ATOM   1446 C C   . VAL B 1 161 ? -4.836  -3.799  3.166   1.00   49.66  ? 525  VAL B C   1 
ATOM   1447 O O   . VAL B 1 161 ? -4.061  -4.515  3.827   1.00   49.84  ? 525  VAL B O   1 
ATOM   1448 C CB  . VAL B 1 161 ? -3.792  -2.833  1.110   1.00   47.61  ? 525  VAL B CB  1 
ATOM   1449 C CG1 . VAL B 1 161 ? -4.829  -3.481  0.275   1.00   47.53  ? 525  VAL B CG1 1 
ATOM   1450 C CG2 . VAL B 1 161 ? -3.363  -1.579  0.440   1.00   46.76  ? 525  VAL B CG2 1 
ATOM   1451 N N   . GLN B 1 162 ? -6.124  -4.084  3.032   1.00   50.60  ? 526  GLN B N   1 
ATOM   1452 C CA  . GLN B 1 162 ? -6.643  -5.284  3.667   1.00   52.11  ? 526  GLN B CA  1 
ATOM   1453 C C   . GLN B 1 162 ? -7.745  -5.948  2.878   1.00   52.17  ? 526  GLN B C   1 
ATOM   1454 O O   . GLN B 1 162 ? -8.429  -5.310  2.079   1.00   52.43  ? 526  GLN B O   1 
ATOM   1455 C CB  . GLN B 1 162 ? -7.088  -5.013  5.110   1.00   52.45  ? 526  GLN B CB  1 
ATOM   1456 C CG  . GLN B 1 162 ? -8.164  -3.980  5.225   1.00   55.65  ? 526  GLN B CG  1 
ATOM   1457 C CD  . GLN B 1 162 ? -8.811  -3.956  6.588   1.00   59.87  ? 526  GLN B CD  1 
ATOM   1458 O OE1 . GLN B 1 162 ? -8.278  -3.375  7.531   1.00   61.73  ? 526  GLN B OE1 1 
ATOM   1459 N NE2 . GLN B 1 162 ? -9.992  -4.560  6.688   1.00   63.16  ? 526  GLN B NE2 1 
ATOM   1460 N N   . VAL B 1 163 ? -7.881  -7.248  3.107   1.00   52.69  ? 527  VAL B N   1 
ATOM   1461 C CA  . VAL B 1 163 ? -8.919  -8.059  2.506   1.00   53.41  ? 527  VAL B CA  1 
ATOM   1462 C C   . VAL B 1 163 ? -9.549  -8.824  3.653   1.00   54.90  ? 527  VAL B C   1 
ATOM   1463 O O   . VAL B 1 163 ? -8.843  -9.448  4.456   1.00   54.27  ? 527  VAL B O   1 
ATOM   1464 C CB  . VAL B 1 163 ? -8.328  -9.053  1.482   1.00   53.12  ? 527  VAL B CB  1 
ATOM   1465 C CG1 . VAL B 1 163 ? -9.194  -10.290 1.384   1.00   54.74  ? 527  VAL B CG1 1 
ATOM   1466 C CG2 . VAL B 1 163 ? -8.171  -8.403  0.129   1.00   51.18  ? 527  VAL B CG2 1 
ATOM   1467 N N   . THR B 1 164 ? -10.871 -8.728  3.775   1.00   57.34  ? 528  THR B N   1 
ATOM   1468 C CA  . THR B 1 164 ? -11.557 -9.511  4.799   1.00   59.91  ? 528  THR B CA  1 
ATOM   1469 C C   . THR B 1 164 ? -12.023 -10.800 4.158   1.00   60.78  ? 528  THR B C   1 
ATOM   1470 O O   . THR B 1 164 ? -12.968 -10.828 3.378   1.00   60.51  ? 528  THR B O   1 
ATOM   1471 C CB  . THR B 1 164 ? -12.729 -8.789  5.508   1.00   60.25  ? 528  THR B CB  1 
ATOM   1472 O OG1 . THR B 1 164 ? -13.822 -8.643  4.589   1.00   61.90  ? 528  THR B OG1 1 
ATOM   1473 C CG2 . THR B 1 164 ? -12.295 -7.417  6.101   1.00   60.54  ? 528  THR B CG2 1 
ATOM   1474 N N   . VAL B 1 165 ? -11.340 -11.871 4.531   1.00   62.75  ? 529  VAL B N   1 
ATOM   1475 C CA  . VAL B 1 165 ? -11.325 -13.077 3.748   1.00   64.50  ? 529  VAL B CA  1 
ATOM   1476 C C   . VAL B 1 165 ? -12.610 -13.890 3.766   1.00   66.18  ? 529  VAL B C   1 
ATOM   1477 O O   . VAL B 1 165 ? -13.488 -13.762 4.646   1.00   65.73  ? 529  VAL B O   1 
ATOM   1478 C CB  . VAL B 1 165 ? -10.132 -13.983 4.104   1.00   63.99  ? 529  VAL B CB  1 
ATOM   1479 C CG1 . VAL B 1 165 ? -10.463 -14.879 5.278   1.00   62.52  ? 529  VAL B CG1 1 
ATOM   1480 C CG2 . VAL B 1 165 ? -9.746  -14.813 2.886   1.00   66.37  ? 529  VAL B CG2 1 
ATOM   1481 N N   . SER B 1 166 ? -12.667 -14.719 2.733   1.00   68.33  ? 530  SER B N   1 
ATOM   1482 C CA  . SER B 1 166 ? -13.689 -15.727 2.478   1.00   70.46  ? 530  SER B CA  1 
ATOM   1483 C C   . SER B 1 166 ? -13.505 -16.112 0.986   1.00   70.96  ? 530  SER B C   1 
ATOM   1484 O O   . SER B 1 166 ? -14.308 -16.847 0.382   1.00   71.37  ? 530  SER B O   1 
ATOM   1485 C CB  . SER B 1 166 ? -15.119 -15.225 2.817   1.00   70.52  ? 530  SER B CB  1 
ATOM   1486 O OG  . SER B 1 166 ? -15.475 -15.577 4.151   1.00   70.90  ? 530  SER B OG  1 
ATOM   1487 O OXT . SER B 1 166 ? -12.498 -15.689 0.364   1.00   71.21  ? 530  SER B OXT 1 
HETATM 1488 S S   . SO4 C 2 .   ? -3.767  19.534  -16.768 0.33   55.48  ? 1531 SO4 A S   1 
HETATM 1489 O O1  . SO4 C 2 .   ? -4.371  18.330  -16.210 0.33   55.74  ? 1531 SO4 A O1  1 
HETATM 1490 O O2  . SO4 C 2 .   ? -4.340  20.691  -16.052 0.33   54.87  ? 1531 SO4 A O2  1 
HETATM 1491 O O3  . SO4 C 2 .   ? -2.349  19.557  -16.458 0.33   55.17  ? 1531 SO4 A O3  1 
HETATM 1492 O O4  . SO4 C 2 .   ? -3.957  19.526  -18.060 0.33   55.45  ? 1531 SO4 A O4  1 
HETATM 1493 O O   . HOH D 3 .   ? 2.771   -3.892  -11.298 1.00   47.43  ? 2001 HOH A O   1 
HETATM 1494 O O   . HOH D 3 .   ? 9.113   -12.354 -4.447  1.00   57.38  ? 2002 HOH A O   1 
HETATM 1495 O O   . HOH D 3 .   ? 7.781   -13.361 -6.991  1.00   63.49  ? 2003 HOH A O   1 
HETATM 1496 O O   . HOH D 3 .   ? 1.680   -23.232 0.460   1.00   39.41  ? 2004 HOH A O   1 
HETATM 1497 O O   . HOH D 3 .   ? 0.117   -12.972 5.118   1.00   52.45  ? 2005 HOH A O   1 
HETATM 1498 O O   . HOH D 3 .   ? 9.938   0.264   -11.453 1.00   62.37  ? 2006 HOH A O   1 
HETATM 1499 O O   . HOH D 3 .   ? -6.920  -7.173  -19.289 1.00   67.80  ? 2007 HOH A O   1 
HETATM 1500 O O   . HOH D 3 .   ? -2.158  9.095   -17.600 1.00   50.91  ? 2008 HOH A O   1 
HETATM 1501 O O   . HOH D 3 .   ? -14.327 4.012   -16.544 1.00   78.21  ? 2009 HOH A O   1 
HETATM 1502 O O   . HOH D 3 .   ? -6.709  8.950   -2.390  1.00   65.92  ? 2010 HOH A O   1 
HETATM 1503 O O   . HOH D 3 .   ? -8.344  -2.844  -6.840  1.00   35.40  ? 2011 HOH A O   1 
HETATM 1504 O O   . HOH D 3 .   ? -12.603 -6.554  -12.577 1.00   41.48  ? 2012 HOH A O   1 
HETATM 1505 O O   . HOH D 3 .   ? 6.094   13.516  -9.688  1.00   53.64  ? 2013 HOH A O   1 
HETATM 1506 O O   . HOH D 3 .   ? 2.441   19.344  -16.259 1.00   62.54  ? 2014 HOH A O   1 
HETATM 1507 O O   . HOH D 3 .   ? 7.213   18.439  -9.138  1.00   48.38  ? 2015 HOH A O   1 
HETATM 1508 O O   . HOH D 3 .   ? 6.263   16.677  -6.894  1.00   52.21  ? 2016 HOH A O   1 
HETATM 1509 O O   . HOH D 3 .   ? -0.368  -11.638 -7.403  1.00   47.93  ? 2017 HOH A O   1 
HETATM 1510 O O   . HOH D 3 .   ? -1.205  -12.965 -5.561  1.00   46.34  ? 2018 HOH A O   1 
HETATM 1511 O O   . HOH E 3 .   ? -9.023  4.093   -3.049  1.00   54.79  ? 2001 HOH B O   1 
HETATM 1512 O O   . HOH E 3 .   ? -12.790 -11.619 -3.855  1.00   61.35  ? 2002 HOH B O   1 
HETATM 1513 O O   . HOH E 3 .   ? -10.791 -2.731  -7.460  1.00   50.89  ? 2003 HOH B O   1 
HETATM 1514 O O   . HOH E 3 .   ? 5.667   -16.431 14.594  1.00   85.84  ? 2004 HOH B O   1 
HETATM 1515 O O   . HOH E 3 .   ? -1.427  -10.436 4.810   1.00   49.14  ? 2005 HOH B O   1 
HETATM 1516 O O   . HOH E 3 .   ? -6.623  -5.764  13.022  1.00   66.43  ? 2006 HOH B O   1 
HETATM 1517 O O   . HOH E 3 .   ? -6.314  -1.828  10.674  1.00   47.83  ? 2007 HOH B O   1 
HETATM 1518 O O   . HOH E 3 .   ? 8.111   6.655   14.351  1.00   86.03  ? 2008 HOH B O   1 
HETATM 1519 O O   . HOH E 3 .   ? -12.321 -6.055  2.524   1.00   45.90  ? 2009 HOH B O   1 
# 
